data_1PBR
# 
_entry.id   1PBR 
# 
_audit_conform.dict_name       mmcif_pdbx.dic 
_audit_conform.dict_version    5.391 
_audit_conform.dict_location   http://mmcif.pdb.org/dictionaries/ascii/mmcif_pdbx.dic 
# 
loop_
_database_2.database_id 
_database_2.database_code 
_database_2.pdbx_database_accession 
_database_2.pdbx_DOI 
PDB   1PBR         pdb_00001pbr 10.2210/pdb1pbr/pdb 
WWPDB D_1000175593 ?            ?                   
# 
loop_
_pdbx_audit_revision_history.ordinal 
_pdbx_audit_revision_history.data_content_type 
_pdbx_audit_revision_history.major_revision 
_pdbx_audit_revision_history.minor_revision 
_pdbx_audit_revision_history.revision_date 
1 'Structure model' 1 0 1997-09-17 
2 'Structure model' 1 1 2008-03-24 
3 'Structure model' 1 2 2011-07-13 
4 'Structure model' 1 3 2013-01-16 
5 'Structure model' 2 0 2020-07-29 
6 'Structure model' 2 1 2024-05-01 
# 
loop_
_pdbx_audit_revision_details.ordinal 
_pdbx_audit_revision_details.revision_ordinal 
_pdbx_audit_revision_details.data_content_type 
_pdbx_audit_revision_details.provider 
_pdbx_audit_revision_details.type 
_pdbx_audit_revision_details.description 
_pdbx_audit_revision_details.details 
1 1 'Structure model' repository 'Initial release' ?                          ? 
2 5 'Structure model' repository Remediation       'Carbohydrate remediation' ? 
# 
loop_
_pdbx_audit_revision_group.ordinal 
_pdbx_audit_revision_group.revision_ordinal 
_pdbx_audit_revision_group.data_content_type 
_pdbx_audit_revision_group.group 
1  2 'Structure model' 'Version format compliance' 
2  3 'Structure model' 'Version format compliance' 
3  4 'Structure model' 'Non-polymer description'   
4  5 'Structure model' 'Atomic model'              
5  5 'Structure model' 'Data collection'           
6  5 'Structure model' 'Derived calculations'      
7  5 'Structure model' Other                       
8  5 'Structure model' 'Structure summary'         
9  6 'Structure model' 'Data collection'           
10 6 'Structure model' 'Database references'       
11 6 'Structure model' 'Structure summary'         
# 
loop_
_pdbx_audit_revision_category.ordinal 
_pdbx_audit_revision_category.revision_ordinal 
_pdbx_audit_revision_category.data_content_type 
_pdbx_audit_revision_category.category 
1  5 'Structure model' atom_site                     
2  5 'Structure model' chem_comp                     
3  5 'Structure model' entity                        
4  5 'Structure model' pdbx_branch_scheme            
5  5 'Structure model' pdbx_chem_comp_identifier     
6  5 'Structure model' pdbx_database_status          
7  5 'Structure model' pdbx_entity_branch            
8  5 'Structure model' pdbx_entity_branch_descriptor 
9  5 'Structure model' pdbx_entity_branch_link       
10 5 'Structure model' pdbx_entity_branch_list       
11 5 'Structure model' pdbx_entity_nonpoly           
12 5 'Structure model' pdbx_nmr_software             
13 5 'Structure model' pdbx_nonpoly_scheme           
14 5 'Structure model' pdbx_struct_assembly_gen      
15 5 'Structure model' struct_asym                   
16 5 'Structure model' struct_conn                   
17 5 'Structure model' struct_site                   
18 5 'Structure model' struct_site_gen               
19 6 'Structure model' chem_comp                     
20 6 'Structure model' chem_comp_atom                
21 6 'Structure model' chem_comp_bond                
22 6 'Structure model' database_2                    
# 
loop_
_pdbx_audit_revision_item.ordinal 
_pdbx_audit_revision_item.revision_ordinal 
_pdbx_audit_revision_item.data_content_type 
_pdbx_audit_revision_item.item 
1  5 'Structure model' '_atom_site.Cartn_x'                     
2  5 'Structure model' '_atom_site.Cartn_y'                     
3  5 'Structure model' '_atom_site.Cartn_z'                     
4  5 'Structure model' '_atom_site.auth_asym_id'                
5  5 'Structure model' '_atom_site.auth_atom_id'                
6  5 'Structure model' '_atom_site.auth_comp_id'                
7  5 'Structure model' '_atom_site.auth_seq_id'                 
8  5 'Structure model' '_atom_site.label_asym_id'               
9  5 'Structure model' '_atom_site.label_atom_id'               
10 5 'Structure model' '_atom_site.label_comp_id'               
11 5 'Structure model' '_atom_site.label_entity_id'             
12 5 'Structure model' '_atom_site.type_symbol'                 
13 5 'Structure model' '_chem_comp.name'                        
14 5 'Structure model' '_chem_comp.type'                        
15 5 'Structure model' '_pdbx_database_status.process_site'     
16 5 'Structure model' '_pdbx_nmr_software.name'                
17 5 'Structure model' '_pdbx_struct_assembly_gen.asym_id_list' 
18 5 'Structure model' '_struct_conn.pdbx_dist_value'           
19 5 'Structure model' '_struct_conn.pdbx_leaving_atom_flag'    
20 5 'Structure model' '_struct_conn.ptnr1_auth_asym_id'        
21 5 'Structure model' '_struct_conn.ptnr1_auth_comp_id'        
22 5 'Structure model' '_struct_conn.ptnr1_auth_seq_id'         
23 5 'Structure model' '_struct_conn.ptnr1_label_asym_id'       
24 5 'Structure model' '_struct_conn.ptnr1_label_atom_id'       
25 5 'Structure model' '_struct_conn.ptnr1_label_comp_id'       
26 5 'Structure model' '_struct_conn.ptnr2_auth_asym_id'        
27 5 'Structure model' '_struct_conn.ptnr2_auth_comp_id'        
28 5 'Structure model' '_struct_conn.ptnr2_auth_seq_id'         
29 5 'Structure model' '_struct_conn.ptnr2_label_asym_id'       
30 5 'Structure model' '_struct_conn.ptnr2_label_atom_id'       
31 5 'Structure model' '_struct_conn.ptnr2_label_comp_id'       
32 6 'Structure model' '_chem_comp.pdbx_synonyms'               
33 6 'Structure model' '_database_2.pdbx_DOI'                   
34 6 'Structure model' '_database_2.pdbx_database_accession'    
# 
_pdbx_database_status.status_code                     REL 
_pdbx_database_status.entry_id                        1PBR 
_pdbx_database_status.recvd_initial_deposition_date   1996-09-12 
_pdbx_database_status.deposit_site                    ? 
_pdbx_database_status.process_site                    BNL 
_pdbx_database_status.SG_entry                        . 
_pdbx_database_status.status_code_sf                  ? 
_pdbx_database_status.status_code_mr                  ? 
_pdbx_database_status.status_code_cs                  ? 
_pdbx_database_status.methods_development_category    ? 
_pdbx_database_status.pdb_format_compatible           Y 
_pdbx_database_status.status_code_nmr_data            ? 
# 
loop_
_audit_author.name 
_audit_author.pdbx_ordinal 
'Fourmy, D.'    1 
'Recht, M.I.'   2 
'Blanchard, S.' 3 
'Puglisi, J.D.' 4 
# 
_citation.id                        primary 
_citation.title                     
'Structure of the A site of Escherichia coli 16S ribosomal RNA complexed with an aminoglycoside antibiotic.' 
_citation.journal_abbrev            Science 
_citation.journal_volume            274 
_citation.page_first                1367 
_citation.page_last                 1371 
_citation.year                      1996 
_citation.journal_id_ASTM           SCIEAS 
_citation.country                   US 
_citation.journal_id_ISSN           0036-8075 
_citation.journal_id_CSD            0038 
_citation.book_publisher            ? 
_citation.pdbx_database_id_PubMed   8910275 
_citation.pdbx_database_id_DOI      10.1126/science.274.5291.1367 
# 
loop_
_citation_author.citation_id 
_citation_author.name 
_citation_author.ordinal 
_citation_author.identifier_ORCID 
primary 'Fourmy, D.'      1 ? 
primary 'Recht, M.I.'     2 ? 
primary 'Blanchard, S.C.' 3 ? 
primary 'Puglisi, J.D.'   4 ? 
# 
loop_
_entity.id 
_entity.type 
_entity.src_method 
_entity.pdbx_description 
_entity.formula_weight 
_entity.pdbx_number_of_molecules 
_entity.pdbx_ec 
_entity.pdbx_mutation 
_entity.pdbx_fragment 
_entity.details 
1 polymer     syn '16S RIBOSOMAL RNA'                                                    8656.185 1 ? ? ? 
'NTS 1404/1412-1488/1497' 
2 branched    man '2,6-diamino-2,6-dideoxy-beta-L-idopyranose-(1-3)-beta-D-ribofuranose' 310.301  1 ? ? ? ? 
3 non-polymer man 2-amino-2-deoxy-alpha-D-glucopyranose                                  179.171  1 ? ? ? ? 
4 non-polymer syn 2-DEOXYSTREPTAMINE                                                     162.187  1 ? ? ? ? 
# 
_entity_poly.entity_id                      1 
_entity_poly.type                           polyribonucleotide 
_entity_poly.nstd_linkage                   no 
_entity_poly.nstd_monomer                   no 
_entity_poly.pdbx_seq_one_letter_code       GGCGUCACACCUUCGGGUGAAGUCGCC 
_entity_poly.pdbx_seq_one_letter_code_can   GGCGUCACACCUUCGGGUGAAGUCGCC 
_entity_poly.pdbx_strand_id                 A 
_entity_poly.pdbx_target_identifier         ? 
# 
loop_
_pdbx_entity_nonpoly.entity_id 
_pdbx_entity_nonpoly.name 
_pdbx_entity_nonpoly.comp_id 
3 2-amino-2-deoxy-alpha-D-glucopyranose PA1 
4 2-DEOXYSTREPTAMINE                    CYY 
# 
loop_
_entity_poly_seq.entity_id 
_entity_poly_seq.num 
_entity_poly_seq.mon_id 
_entity_poly_seq.hetero 
1 1  G n 
1 2  G n 
1 3  C n 
1 4  G n 
1 5  U n 
1 6  C n 
1 7  A n 
1 8  C n 
1 9  A n 
1 10 C n 
1 11 C n 
1 12 U n 
1 13 U n 
1 14 C n 
1 15 G n 
1 16 G n 
1 17 G n 
1 18 U n 
1 19 G n 
1 20 A n 
1 21 A n 
1 22 G n 
1 23 U n 
1 24 C n 
1 25 G n 
1 26 C n 
1 27 C n 
# 
_pdbx_entity_branch.entity_id   2 
_pdbx_entity_branch.type        oligosaccharide 
# 
loop_
_pdbx_entity_branch_descriptor.ordinal 
_pdbx_entity_branch_descriptor.entity_id 
_pdbx_entity_branch_descriptor.descriptor 
_pdbx_entity_branch_descriptor.type 
_pdbx_entity_branch_descriptor.program 
_pdbx_entity_branch_descriptor.program_version 
1 2 'WURCS=2.0/2,2,1/[a222h-1b_1-4][a2121h-1b_1-5_2*N_6*N]/1-2/a3-b1' WURCS  PDB2Glycan 1.1.0 
2 2 '[][D-1-deoxy-Ribf]{[(3+1)][b-L-IdopN6N]{}}'                      LINUCS PDB-CARE   ?     
# 
_pdbx_entity_branch_link.link_id                    1 
_pdbx_entity_branch_link.entity_id                  2 
_pdbx_entity_branch_link.entity_branch_list_num_1   2 
_pdbx_entity_branch_link.comp_id_1                  IDG 
_pdbx_entity_branch_link.atom_id_1                  C1 
_pdbx_entity_branch_link.leaving_atom_id_1          O1 
_pdbx_entity_branch_link.entity_branch_list_num_2   1 
_pdbx_entity_branch_link.comp_id_2                  BDR 
_pdbx_entity_branch_link.atom_id_2                  O3 
_pdbx_entity_branch_link.leaving_atom_id_2          HO3 
_pdbx_entity_branch_link.value_order                sing 
_pdbx_entity_branch_link.details                    ? 
# 
loop_
_chem_comp.id 
_chem_comp.type 
_chem_comp.mon_nstd_flag 
_chem_comp.name 
_chem_comp.pdbx_synonyms 
_chem_comp.formula 
_chem_comp.formula_weight 
A   'RNA linking'                 y "ADENOSINE-5'-MONOPHOSPHATE"               ? 'C10 H14 N5 O7 P' 347.221 
BDR 'D-saccharide, beta linking'  . beta-D-ribofuranose                        
'beta-D-ribose; D-ribose; ribose; BETA-D-RIBOFURANOSYL' 'C5 H10 O5'       150.130 
C   'RNA linking'                 y "CYTIDINE-5'-MONOPHOSPHATE"                ? 'C9 H14 N3 O8 P'  323.197 
CYY non-polymer                   . 2-DEOXYSTREPTAMINE                         ? 'C6 H14 N2 O3'    162.187 
G   'RNA linking'                 y "GUANOSINE-5'-MONOPHOSPHATE"               ? 'C10 H14 N5 O8 P' 363.221 
IDG 'L-saccharide, beta linking'  . 2,6-diamino-2,6-dideoxy-beta-L-idopyranose 
;O-2,6-DIAMINO-2,6-DIDEOXY-BETA-L-IDOPYRANOSE; 2,6-diamino-2,6-dideoxy-beta-L-idose; 2,6-diamino-2,6-dideoxy-L-idose; 2,6-diamino-2,6-dideoxy-idose
;
'C6 H14 N2 O4'    178.186 
PA1 'D-saccharide, alpha linking' . 2-amino-2-deoxy-alpha-D-glucopyranose      
'alpah-D-glucosamine; 2-amino-2-deoxy-alpha-D-glucose; 2-amino-2-deoxy-D-glucose; 2-amino-2-deoxy-glucose' 'C6 H13 N O5'     
179.171 
U   'RNA linking'                 y "URIDINE-5'-MONOPHOSPHATE"                 ? 'C9 H13 N2 O9 P'  324.181 
# 
loop_
_pdbx_chem_comp_identifier.comp_id 
_pdbx_chem_comp_identifier.type 
_pdbx_chem_comp_identifier.program 
_pdbx_chem_comp_identifier.program_version 
_pdbx_chem_comp_identifier.identifier 
BDR 'CONDENSED IUPAC CARBOHYDRATE SYMBOL' GMML     1.0 DRibfb                
BDR 'COMMON NAME'                         GMML     1.0 b-D-ribofuranose      
BDR 'IUPAC CARBOHYDRATE SYMBOL'           PDB-CARE 1.0 b-D-Ribf              
BDR 'SNFG CARBOHYDRATE SYMBOL'            GMML     1.0 Rib                   
IDG 'IUPAC CARBOHYDRATE SYMBOL'           PDB-CARE 1.0 b-L-IdopN6N           
PA1 'CONDENSED IUPAC CARBOHYDRATE SYMBOL' GMML     1.0 DGlcpNa               
PA1 'COMMON NAME'                         GMML     1.0 a-D-glucopyranosamine 
PA1 'IUPAC CARBOHYDRATE SYMBOL'           PDB-CARE 1.0 a-D-GlcpN             
PA1 'SNFG CARBOHYDRATE SYMBOL'            GMML     1.0 GlcN                  
# 
loop_
_pdbx_poly_seq_scheme.asym_id 
_pdbx_poly_seq_scheme.entity_id 
_pdbx_poly_seq_scheme.seq_id 
_pdbx_poly_seq_scheme.mon_id 
_pdbx_poly_seq_scheme.ndb_seq_num 
_pdbx_poly_seq_scheme.pdb_seq_num 
_pdbx_poly_seq_scheme.auth_seq_num 
_pdbx_poly_seq_scheme.pdb_mon_id 
_pdbx_poly_seq_scheme.auth_mon_id 
_pdbx_poly_seq_scheme.pdb_strand_id 
_pdbx_poly_seq_scheme.pdb_ins_code 
_pdbx_poly_seq_scheme.hetero 
A 1 1  G 1  1  1  G G A . n 
A 1 2  G 2  2  2  G G A . n 
A 1 3  C 3  3  3  C C A . n 
A 1 4  G 4  4  4  G G A . n 
A 1 5  U 5  5  5  U U A . n 
A 1 6  C 6  6  6  C C A . n 
A 1 7  A 7  7  7  A A A . n 
A 1 8  C 8  8  8  C C A . n 
A 1 9  A 9  9  9  A A A . n 
A 1 10 C 10 10 10 C C A . n 
A 1 11 C 11 11 11 C C A . n 
A 1 12 U 12 12 12 U U A . n 
A 1 13 U 13 13 13 U U A . n 
A 1 14 C 14 14 14 C C A . n 
A 1 15 G 15 15 15 G G A . n 
A 1 16 G 16 16 16 G G A . n 
A 1 17 G 17 17 17 G G A . n 
A 1 18 U 18 18 18 U U A . n 
A 1 19 G 19 19 19 G G A . n 
A 1 20 A 20 20 20 A A A . n 
A 1 21 A 21 21 21 A A A . n 
A 1 22 G 22 22 22 G G A . n 
A 1 23 U 23 23 23 U U A . n 
A 1 24 C 24 24 24 C C A . n 
A 1 25 G 25 25 25 G G A . n 
A 1 26 C 26 26 26 C C A . n 
A 1 27 C 27 27 27 C C A . n 
# 
loop_
_pdbx_branch_scheme.asym_id 
_pdbx_branch_scheme.entity_id 
_pdbx_branch_scheme.mon_id 
_pdbx_branch_scheme.num 
_pdbx_branch_scheme.pdb_asym_id 
_pdbx_branch_scheme.pdb_mon_id 
_pdbx_branch_scheme.pdb_seq_num 
_pdbx_branch_scheme.auth_asym_id 
_pdbx_branch_scheme.auth_mon_id 
_pdbx_branch_scheme.auth_seq_num 
_pdbx_branch_scheme.hetero 
B 2 BDR 1 B BDR 1 ? PA3 30 n 
B 2 IDG 2 B IDG 2 ? PA4 31 n 
# 
loop_
_pdbx_nonpoly_scheme.asym_id 
_pdbx_nonpoly_scheme.entity_id 
_pdbx_nonpoly_scheme.mon_id 
_pdbx_nonpoly_scheme.ndb_seq_num 
_pdbx_nonpoly_scheme.pdb_seq_num 
_pdbx_nonpoly_scheme.auth_seq_num 
_pdbx_nonpoly_scheme.pdb_mon_id 
_pdbx_nonpoly_scheme.auth_mon_id 
_pdbx_nonpoly_scheme.pdb_strand_id 
_pdbx_nonpoly_scheme.pdb_ins_code 
C 3 PA1 1 101 28 PA1 PA1 A . 
D 4 CYY 1 102 29 CYY PA2 A . 
# 
_cell.entry_id           1PBR 
_cell.length_a           1.000 
_cell.length_b           1.000 
_cell.length_c           1.000 
_cell.angle_alpha        90.00 
_cell.angle_beta         90.00 
_cell.angle_gamma        90.00 
_cell.Z_PDB              1 
_cell.pdbx_unique_axis   ? 
# 
_symmetry.entry_id                         1PBR 
_symmetry.space_group_name_H-M             'P 1' 
_symmetry.pdbx_full_space_group_name_H-M   ? 
_symmetry.cell_setting                     ? 
_symmetry.Int_Tables_number                1 
# 
_exptl.entry_id          1PBR 
_exptl.method            'SOLUTION NMR' 
_exptl.crystals_number   ? 
# 
_struct.entry_id                  1PBR 
_struct.title                     'STRUCTURE OF 16S RIBOSOMAL RNA, NMR, MINIMIZED AVERAGE STRUCTURE' 
_struct.pdbx_model_details        ? 
_struct.pdbx_CASP_flag            ? 
_struct.pdbx_model_type_details   ? 
# 
_struct_keywords.entry_id        1PBR 
_struct_keywords.pdbx_keywords   RNA 
_struct_keywords.text            'AMINOGLYCOSIDE, RIBOSOMAL RNA, RNA TRANSCRIPT, ANTIBIOTIC, RIBONUCLEIC ACID, RNA' 
# 
loop_
_struct_asym.id 
_struct_asym.pdbx_blank_PDB_chainid_flag 
_struct_asym.pdbx_modified 
_struct_asym.entity_id 
_struct_asym.details 
A N N 1 ? 
B N N 2 ? 
C N N 3 ? 
D N N 4 ? 
# 
_struct_ref.id                         1 
_struct_ref.entity_id                  1 
_struct_ref.db_name                    PDB 
_struct_ref.db_code                    1PBR 
_struct_ref.pdbx_db_accession          1PBR 
_struct_ref.pdbx_align_begin           ? 
_struct_ref.pdbx_seq_one_letter_code   ? 
_struct_ref.pdbx_db_isoform            ? 
# 
_struct_ref_seq.align_id                      1 
_struct_ref_seq.ref_id                        1 
_struct_ref_seq.pdbx_PDB_id_code              1PBR 
_struct_ref_seq.pdbx_strand_id                A 
_struct_ref_seq.seq_align_beg                 1 
_struct_ref_seq.pdbx_seq_align_beg_ins_code   ? 
_struct_ref_seq.seq_align_end                 27 
_struct_ref_seq.pdbx_seq_align_end_ins_code   ? 
_struct_ref_seq.pdbx_db_accession             1PBR 
_struct_ref_seq.db_align_beg                  1 
_struct_ref_seq.pdbx_db_align_beg_ins_code    ? 
_struct_ref_seq.db_align_end                  27 
_struct_ref_seq.pdbx_db_align_end_ins_code    ? 
_struct_ref_seq.pdbx_auth_seq_align_beg       1 
_struct_ref_seq.pdbx_auth_seq_align_end       27 
# 
_pdbx_struct_assembly.id                   1 
_pdbx_struct_assembly.details              author_defined_assembly 
_pdbx_struct_assembly.method_details       ? 
_pdbx_struct_assembly.oligomeric_details   monomeric 
_pdbx_struct_assembly.oligomeric_count     1 
# 
_pdbx_struct_assembly_gen.assembly_id       1 
_pdbx_struct_assembly_gen.oper_expression   1 
_pdbx_struct_assembly_gen.asym_id_list      A,B,C,D 
# 
_pdbx_struct_oper_list.id                   1 
_pdbx_struct_oper_list.type                 'identity operation' 
_pdbx_struct_oper_list.name                 1_555 
_pdbx_struct_oper_list.symmetry_operation   x,y,z 
_pdbx_struct_oper_list.matrix[1][1]         1.0000000000 
_pdbx_struct_oper_list.matrix[1][2]         0.0000000000 
_pdbx_struct_oper_list.matrix[1][3]         0.0000000000 
_pdbx_struct_oper_list.vector[1]            0.0000000000 
_pdbx_struct_oper_list.matrix[2][1]         0.0000000000 
_pdbx_struct_oper_list.matrix[2][2]         1.0000000000 
_pdbx_struct_oper_list.matrix[2][3]         0.0000000000 
_pdbx_struct_oper_list.vector[2]            0.0000000000 
_pdbx_struct_oper_list.matrix[3][1]         0.0000000000 
_pdbx_struct_oper_list.matrix[3][2]         0.0000000000 
_pdbx_struct_oper_list.matrix[3][3]         1.0000000000 
_pdbx_struct_oper_list.vector[3]            0.0000000000 
# 
_struct_biol.id        1 
_struct_biol.details   ? 
# 
loop_
_struct_conn.id 
_struct_conn.conn_type_id 
_struct_conn.pdbx_leaving_atom_flag 
_struct_conn.pdbx_PDB_id 
_struct_conn.ptnr1_label_asym_id 
_struct_conn.ptnr1_label_comp_id 
_struct_conn.ptnr1_label_seq_id 
_struct_conn.ptnr1_label_atom_id 
_struct_conn.pdbx_ptnr1_label_alt_id 
_struct_conn.pdbx_ptnr1_PDB_ins_code 
_struct_conn.pdbx_ptnr1_standard_comp_id 
_struct_conn.ptnr1_symmetry 
_struct_conn.ptnr2_label_asym_id 
_struct_conn.ptnr2_label_comp_id 
_struct_conn.ptnr2_label_seq_id 
_struct_conn.ptnr2_label_atom_id 
_struct_conn.pdbx_ptnr2_label_alt_id 
_struct_conn.pdbx_ptnr2_PDB_ins_code 
_struct_conn.ptnr1_auth_asym_id 
_struct_conn.ptnr1_auth_comp_id 
_struct_conn.ptnr1_auth_seq_id 
_struct_conn.ptnr2_auth_asym_id 
_struct_conn.ptnr2_auth_comp_id 
_struct_conn.ptnr2_auth_seq_id 
_struct_conn.ptnr2_symmetry 
_struct_conn.pdbx_ptnr3_label_atom_id 
_struct_conn.pdbx_ptnr3_label_seq_id 
_struct_conn.pdbx_ptnr3_label_comp_id 
_struct_conn.pdbx_ptnr3_label_asym_id 
_struct_conn.pdbx_ptnr3_label_alt_id 
_struct_conn.pdbx_ptnr3_PDB_ins_code 
_struct_conn.details 
_struct_conn.pdbx_dist_value 
_struct_conn.pdbx_value_order 
_struct_conn.pdbx_role 
covale1  covale one  ? C PA1 .  C1 ? ? ? 1_555 D CYY .  O4 ? ? A PA1 101 A CYY 102 1_555 ? ? ? ? ? ? ?             1.450 ? ? 
covale2  covale one  ? D CYY .  O5 ? ? ? 1_555 B BDR .  C1 ? ? A CYY 102 B BDR 1   1_555 ? ? ? ? ? ? ?             1.464 ? ? 
covale3  covale both ? B BDR .  O3 ? ? ? 1_555 B IDG .  C1 ? ? B BDR 1   B IDG 2   1_555 ? ? ? ? ? ? ?             1.449 ? ? 
hydrog1  hydrog ?    ? A G   1  N1 ? ? ? 1_555 A C   27 N3 ? ? A G   1   A C   27  1_555 ? ? ? ? ? ? WATSON-CRICK  ?     ? ? 
hydrog2  hydrog ?    ? A G   1  N2 ? ? ? 1_555 A C   27 O2 ? ? A G   1   A C   27  1_555 ? ? ? ? ? ? WATSON-CRICK  ?     ? ? 
hydrog3  hydrog ?    ? A G   1  O6 ? ? ? 1_555 A C   27 N4 ? ? A G   1   A C   27  1_555 ? ? ? ? ? ? WATSON-CRICK  ?     ? ? 
hydrog4  hydrog ?    ? A G   2  N1 ? ? ? 1_555 A C   26 N3 ? ? A G   2   A C   26  1_555 ? ? ? ? ? ? WATSON-CRICK  ?     ? ? 
hydrog5  hydrog ?    ? A G   2  N2 ? ? ? 1_555 A C   26 O2 ? ? A G   2   A C   26  1_555 ? ? ? ? ? ? WATSON-CRICK  ?     ? ? 
hydrog6  hydrog ?    ? A G   2  O6 ? ? ? 1_555 A C   26 N4 ? ? A G   2   A C   26  1_555 ? ? ? ? ? ? WATSON-CRICK  ?     ? ? 
hydrog7  hydrog ?    ? A C   3  N3 ? ? ? 1_555 A G   25 N1 ? ? A C   3   A G   25  1_555 ? ? ? ? ? ? WATSON-CRICK  ?     ? ? 
hydrog8  hydrog ?    ? A C   3  N4 ? ? ? 1_555 A G   25 O6 ? ? A C   3   A G   25  1_555 ? ? ? ? ? ? WATSON-CRICK  ?     ? ? 
hydrog9  hydrog ?    ? A C   3  O2 ? ? ? 1_555 A G   25 N2 ? ? A C   3   A G   25  1_555 ? ? ? ? ? ? WATSON-CRICK  ?     ? ? 
hydrog10 hydrog ?    ? A G   4  N1 ? ? ? 1_555 A C   24 N3 ? ? A G   4   A C   24  1_555 ? ? ? ? ? ? WATSON-CRICK  ?     ? ? 
hydrog11 hydrog ?    ? A G   4  N2 ? ? ? 1_555 A C   24 O2 ? ? A G   4   A C   24  1_555 ? ? ? ? ? ? WATSON-CRICK  ?     ? ? 
hydrog12 hydrog ?    ? A G   4  O6 ? ? ? 1_555 A C   24 N4 ? ? A G   4   A C   24  1_555 ? ? ? ? ? ? WATSON-CRICK  ?     ? ? 
hydrog13 hydrog ?    ? A U   5  N3 ? ? ? 1_555 A C   24 O2 ? ? A U   5   A C   24  1_555 ? ? ? ? ? ? 'U-C MISPAIR' ?     ? ? 
hydrog14 hydrog ?    ? A C   6  N3 ? ? ? 1_555 A G   22 N1 ? ? A C   6   A G   22  1_555 ? ? ? ? ? ? WATSON-CRICK  ?     ? ? 
hydrog15 hydrog ?    ? A C   6  N4 ? ? ? 1_555 A G   22 O6 ? ? A C   6   A G   22  1_555 ? ? ? ? ? ? WATSON-CRICK  ?     ? ? 
hydrog16 hydrog ?    ? A C   6  O2 ? ? ? 1_555 A G   22 N2 ? ? A C   6   A G   22  1_555 ? ? ? ? ? ? WATSON-CRICK  ?     ? ? 
hydrog17 hydrog ?    ? A C   6  N4 ? ? ? 1_555 A U   23 O4 ? ? A C   6   A U   23  1_555 ? ? ? ? ? ? 'C-U MISPAIR' ?     ? ? 
hydrog18 hydrog ?    ? A C   8  N3 ? ? ? 1_555 A G   19 N1 ? ? A C   8   A G   19  1_555 ? ? ? ? ? ? WATSON-CRICK  ?     ? ? 
hydrog19 hydrog ?    ? A C   8  N4 ? ? ? 1_555 A G   19 O6 ? ? A C   8   A G   19  1_555 ? ? ? ? ? ? WATSON-CRICK  ?     ? ? 
hydrog20 hydrog ?    ? A C   8  O2 ? ? ? 1_555 A G   19 N2 ? ? A C   8   A G   19  1_555 ? ? ? ? ? ? WATSON-CRICK  ?     ? ? 
hydrog21 hydrog ?    ? A C   8  O2 ? ? ? 1_555 A A   21 N6 ? ? A C   8   A A   21  1_555 ? ? ? ? ? ? 'C-A MISPAIR' ?     ? ? 
hydrog22 hydrog ?    ? A A   9  N1 ? ? ? 1_555 A U   18 N3 ? ? A A   9   A U   18  1_555 ? ? ? ? ? ? WATSON-CRICK  ?     ? ? 
hydrog23 hydrog ?    ? A A   9  N6 ? ? ? 1_555 A U   18 O4 ? ? A A   9   A U   18  1_555 ? ? ? ? ? ? WATSON-CRICK  ?     ? ? 
hydrog24 hydrog ?    ? A C   10 N3 ? ? ? 1_555 A G   17 N1 ? ? A C   10  A G   17  1_555 ? ? ? ? ? ? WATSON-CRICK  ?     ? ? 
hydrog25 hydrog ?    ? A C   10 N4 ? ? ? 1_555 A G   17 O6 ? ? A C   10  A G   17  1_555 ? ? ? ? ? ? WATSON-CRICK  ?     ? ? 
hydrog26 hydrog ?    ? A C   10 O2 ? ? ? 1_555 A G   17 N2 ? ? A C   10  A G   17  1_555 ? ? ? ? ? ? WATSON-CRICK  ?     ? ? 
hydrog27 hydrog ?    ? A C   11 N3 ? ? ? 1_555 A G   16 N1 ? ? A C   11  A G   16  1_555 ? ? ? ? ? ? WATSON-CRICK  ?     ? ? 
hydrog28 hydrog ?    ? A C   11 N4 ? ? ? 1_555 A G   16 O6 ? ? A C   11  A G   16  1_555 ? ? ? ? ? ? WATSON-CRICK  ?     ? ? 
hydrog29 hydrog ?    ? A C   11 O2 ? ? ? 1_555 A G   16 N2 ? ? A C   11  A G   16  1_555 ? ? ? ? ? ? WATSON-CRICK  ?     ? ? 
hydrog30 hydrog ?    ? A U   12 O2 ? ? ? 1_555 A G   15 N1 ? ? A U   12  A G   15  1_555 ? ? ? ? ? ? 'U-G MISPAIR' ?     ? ? 
# 
loop_
_struct_conn_type.id 
_struct_conn_type.criteria 
_struct_conn_type.reference 
covale ? ? 
hydrog ? ? 
# 
loop_
_pdbx_validate_rmsd_bond.id 
_pdbx_validate_rmsd_bond.PDB_model_num 
_pdbx_validate_rmsd_bond.auth_atom_id_1 
_pdbx_validate_rmsd_bond.auth_asym_id_1 
_pdbx_validate_rmsd_bond.auth_comp_id_1 
_pdbx_validate_rmsd_bond.auth_seq_id_1 
_pdbx_validate_rmsd_bond.PDB_ins_code_1 
_pdbx_validate_rmsd_bond.label_alt_id_1 
_pdbx_validate_rmsd_bond.auth_atom_id_2 
_pdbx_validate_rmsd_bond.auth_asym_id_2 
_pdbx_validate_rmsd_bond.auth_comp_id_2 
_pdbx_validate_rmsd_bond.auth_seq_id_2 
_pdbx_validate_rmsd_bond.PDB_ins_code_2 
_pdbx_validate_rmsd_bond.label_alt_id_2 
_pdbx_validate_rmsd_bond.bond_value 
_pdbx_validate_rmsd_bond.bond_target_value 
_pdbx_validate_rmsd_bond.bond_deviation 
_pdbx_validate_rmsd_bond.bond_standard_deviation 
_pdbx_validate_rmsd_bond.linker_flag 
1   1 N1 A G 1  ? ? C2 A G 1  ? ? 1.472 1.373 0.099  0.008 N 
2   1 N3 A G 1  ? ? C4 A G 1  ? ? 1.451 1.350 0.101  0.007 N 
3   1 C4 A G 1  ? ? C5 A G 1  ? ? 1.440 1.379 0.061  0.007 N 
4   1 C5 A G 1  ? ? C6 A G 1  ? ? 1.548 1.419 0.129  0.010 N 
5   1 N7 A G 1  ? ? C8 A G 1  ? ? 1.375 1.305 0.070  0.006 N 
6   1 C2 A G 1  ? ? N2 A G 1  ? ? 1.406 1.341 0.065  0.010 N 
7   1 N1 A G 2  ? ? C2 A G 2  ? ? 1.460 1.373 0.087  0.008 N 
8   1 N3 A G 2  ? ? C4 A G 2  ? ? 1.449 1.350 0.099  0.007 N 
9   1 C4 A G 2  ? ? C5 A G 2  ? ? 1.438 1.379 0.059  0.007 N 
10  1 C5 A G 2  ? ? C6 A G 2  ? ? 1.548 1.419 0.129  0.010 N 
11  1 N7 A G 2  ? ? C8 A G 2  ? ? 1.376 1.305 0.071  0.006 N 
12  1 C4 A C 3  ? ? N4 A C 3  ? ? 1.405 1.335 0.070  0.009 N 
13  1 N1 A C 3  ? ? C6 A C 3  ? ? 1.500 1.367 0.133  0.006 N 
14  1 C2 A C 3  ? ? N3 A C 3  ? ? 1.463 1.353 0.110  0.008 N 
15  1 C4 A C 3  ? ? C5 A C 3  ? ? 1.371 1.425 -0.054 0.008 N 
16  1 N1 A G 4  ? ? C2 A G 4  ? ? 1.472 1.373 0.099  0.008 N 
17  1 N3 A G 4  ? ? C4 A G 4  ? ? 1.445 1.350 0.095  0.007 N 
18  1 C4 A G 4  ? ? C5 A G 4  ? ? 1.437 1.379 0.058  0.007 N 
19  1 C5 A G 4  ? ? C6 A G 4  ? ? 1.549 1.419 0.130  0.010 N 
20  1 N7 A G 4  ? ? C8 A G 4  ? ? 1.378 1.305 0.073  0.006 N 
21  1 N1 A U 5  ? ? C6 A U 5  ? ? 1.492 1.375 0.117  0.009 N 
22  1 C4 A U 5  ? ? C5 A U 5  ? ? 1.543 1.431 0.112  0.009 N 
23  1 C4 A C 6  ? ? N4 A C 6  ? ? 1.405 1.335 0.070  0.009 N 
24  1 N1 A C 6  ? ? C6 A C 6  ? ? 1.496 1.367 0.129  0.006 N 
25  1 C2 A C 6  ? ? N3 A C 6  ? ? 1.464 1.353 0.111  0.008 N 
26  1 C4 A C 6  ? ? C5 A C 6  ? ? 1.371 1.425 -0.054 0.008 N 
27  1 N3 A A 7  ? ? C4 A A 7  ? ? 1.466 1.344 0.122  0.006 N 
28  1 C4 A A 7  ? ? C5 A A 7  ? ? 1.462 1.383 0.079  0.007 N 
29  1 N7 A A 7  ? ? C8 A A 7  ? ? 1.383 1.311 0.072  0.007 N 
30  1 C4 A C 8  ? ? N4 A C 8  ? ? 1.410 1.335 0.075  0.009 N 
31  1 N1 A C 8  ? ? C6 A C 8  ? ? 1.503 1.367 0.136  0.006 N 
32  1 C2 A C 8  ? ? N3 A C 8  ? ? 1.462 1.353 0.109  0.008 N 
33  1 C4 A C 8  ? ? C5 A C 8  ? ? 1.369 1.425 -0.056 0.008 N 
34  1 N3 A A 9  ? ? C4 A A 9  ? ? 1.466 1.344 0.122  0.006 N 
35  1 C4 A A 9  ? ? C5 A A 9  ? ? 1.458 1.383 0.075  0.007 N 
36  1 N7 A A 9  ? ? C8 A A 9  ? ? 1.379 1.311 0.068  0.007 N 
37  1 C4 A C 10 ? ? N4 A C 10 ? ? 1.411 1.335 0.076  0.009 N 
38  1 N1 A C 10 ? ? C6 A C 10 ? ? 1.500 1.367 0.133  0.006 N 
39  1 C2 A C 10 ? ? N3 A C 10 ? ? 1.466 1.353 0.113  0.008 N 
40  1 C4 A C 10 ? ? C5 A C 10 ? ? 1.371 1.425 -0.054 0.008 N 
41  1 C4 A C 11 ? ? N4 A C 11 ? ? 1.406 1.335 0.071  0.009 N 
42  1 N1 A C 11 ? ? C6 A C 11 ? ? 1.498 1.367 0.131  0.006 N 
43  1 C2 A C 11 ? ? N3 A C 11 ? ? 1.461 1.353 0.108  0.008 N 
44  1 C4 A C 11 ? ? C5 A C 11 ? ? 1.372 1.425 -0.053 0.008 N 
45  1 N1 A U 12 ? ? C6 A U 12 ? ? 1.470 1.375 0.095  0.009 N 
46  1 C4 A U 12 ? ? C5 A U 12 ? ? 1.550 1.431 0.119  0.009 N 
47  1 N1 A U 13 ? ? C6 A U 13 ? ? 1.472 1.375 0.097  0.009 N 
48  1 C4 A U 13 ? ? C5 A U 13 ? ? 1.552 1.431 0.121  0.009 N 
49  1 C4 A C 14 ? ? N4 A C 14 ? ? 1.413 1.335 0.078  0.009 N 
50  1 N1 A C 14 ? ? C6 A C 14 ? ? 1.473 1.367 0.106  0.006 N 
51  1 C2 A C 14 ? ? N3 A C 14 ? ? 1.481 1.353 0.128  0.008 N 
52  1 C4 A C 14 ? ? C5 A C 14 ? ? 1.370 1.425 -0.055 0.008 N 
53  1 N1 A G 15 ? ? C2 A G 15 ? ? 1.484 1.373 0.111  0.008 N 
54  1 N3 A G 15 ? ? C4 A G 15 ? ? 1.441 1.350 0.091  0.007 N 
55  1 C4 A G 15 ? ? C5 A G 15 ? ? 1.434 1.379 0.055  0.007 N 
56  1 C5 A G 15 ? ? C6 A G 15 ? ? 1.547 1.419 0.128  0.010 N 
57  1 N7 A G 15 ? ? C8 A G 15 ? ? 1.375 1.305 0.070  0.006 N 
58  1 C2 A G 15 ? ? N2 A G 15 ? ? 1.411 1.341 0.070  0.010 N 
59  1 N1 A G 16 ? ? C2 A G 16 ? ? 1.469 1.373 0.096  0.008 N 
60  1 N3 A G 16 ? ? C4 A G 16 ? ? 1.451 1.350 0.101  0.007 N 
61  1 C4 A G 16 ? ? C5 A G 16 ? ? 1.443 1.379 0.064  0.007 N 
62  1 C5 A G 16 ? ? C6 A G 16 ? ? 1.547 1.419 0.128  0.010 N 
63  1 N7 A G 16 ? ? C8 A G 16 ? ? 1.370 1.305 0.065  0.006 N 
64  1 C2 A G 16 ? ? N2 A G 16 ? ? 1.403 1.341 0.062  0.010 N 
65  1 N1 A G 17 ? ? C2 A G 17 ? ? 1.472 1.373 0.099  0.008 N 
66  1 N3 A G 17 ? ? C4 A G 17 ? ? 1.446 1.350 0.096  0.007 N 
67  1 C4 A G 17 ? ? C5 A G 17 ? ? 1.440 1.379 0.061  0.007 N 
68  1 C5 A G 17 ? ? C6 A G 17 ? ? 1.551 1.419 0.132  0.010 N 
69  1 N7 A G 17 ? ? C8 A G 17 ? ? 1.376 1.305 0.071  0.006 N 
70  1 C2 A G 17 ? ? N2 A G 17 ? ? 1.406 1.341 0.065  0.010 N 
71  1 N1 A U 18 ? ? C6 A U 18 ? ? 1.497 1.375 0.122  0.009 N 
72  1 C4 A U 18 ? ? C5 A U 18 ? ? 1.549 1.431 0.118  0.009 N 
73  1 N1 A G 19 ? ? C2 A G 19 ? ? 1.472 1.373 0.099  0.008 N 
74  1 N3 A G 19 ? ? C4 A G 19 ? ? 1.448 1.350 0.098  0.007 N 
75  1 C4 A G 19 ? ? C5 A G 19 ? ? 1.441 1.379 0.062  0.007 N 
76  1 C5 A G 19 ? ? C6 A G 19 ? ? 1.548 1.419 0.129  0.010 N 
77  1 N7 A G 19 ? ? C8 A G 19 ? ? 1.373 1.305 0.068  0.006 N 
78  1 N3 A A 20 ? ? C4 A A 20 ? ? 1.465 1.344 0.121  0.006 N 
79  1 C4 A A 20 ? ? C5 A A 20 ? ? 1.460 1.383 0.077  0.007 N 
80  1 N7 A A 20 ? ? C8 A A 20 ? ? 1.380 1.311 0.069  0.007 N 
81  1 N3 A A 21 ? ? C4 A A 21 ? ? 1.470 1.344 0.126  0.006 N 
82  1 C4 A A 21 ? ? C5 A A 21 ? ? 1.456 1.383 0.073  0.007 N 
83  1 N7 A A 21 ? ? C8 A A 21 ? ? 1.373 1.311 0.062  0.007 N 
84  1 N1 A G 22 ? ? C2 A G 22 ? ? 1.465 1.373 0.092  0.008 N 
85  1 N3 A G 22 ? ? C4 A G 22 ? ? 1.451 1.350 0.101  0.007 N 
86  1 C4 A G 22 ? ? C5 A G 22 ? ? 1.438 1.379 0.059  0.007 N 
87  1 C5 A G 22 ? ? C6 A G 22 ? ? 1.548 1.419 0.129  0.010 N 
88  1 N7 A G 22 ? ? C8 A G 22 ? ? 1.373 1.305 0.068  0.006 N 
89  1 N1 A U 23 ? ? C6 A U 23 ? ? 1.493 1.375 0.118  0.009 N 
90  1 C4 A U 23 ? ? C5 A U 23 ? ? 1.548 1.431 0.117  0.009 N 
91  1 C4 A C 24 ? ? N4 A C 24 ? ? 1.409 1.335 0.074  0.009 N 
92  1 N1 A C 24 ? ? C6 A C 24 ? ? 1.500 1.367 0.133  0.006 N 
93  1 C2 A C 24 ? ? N3 A C 24 ? ? 1.469 1.353 0.116  0.008 N 
94  1 C4 A C 24 ? ? C5 A C 24 ? ? 1.369 1.425 -0.056 0.008 N 
95  1 N1 A G 25 ? ? C2 A G 25 ? ? 1.470 1.373 0.097  0.008 N 
96  1 N3 A G 25 ? ? C4 A G 25 ? ? 1.446 1.350 0.096  0.007 N 
97  1 C4 A G 25 ? ? C5 A G 25 ? ? 1.437 1.379 0.058  0.007 N 
98  1 C5 A G 25 ? ? C6 A G 25 ? ? 1.550 1.419 0.131  0.010 N 
99  1 N7 A G 25 ? ? C8 A G 25 ? ? 1.378 1.305 0.073  0.006 N 
100 1 C4 A C 26 ? ? N4 A C 26 ? ? 1.401 1.335 0.066  0.009 N 
101 1 N1 A C 26 ? ? C6 A C 26 ? ? 1.480 1.367 0.113  0.006 N 
102 1 C2 A C 26 ? ? N3 A C 26 ? ? 1.463 1.353 0.110  0.008 N 
103 1 C4 A C 26 ? ? C5 A C 26 ? ? 1.373 1.425 -0.052 0.008 N 
104 1 C4 A C 27 ? ? N4 A C 27 ? ? 1.408 1.335 0.073  0.009 N 
105 1 N1 A C 27 ? ? C6 A C 27 ? ? 1.499 1.367 0.132  0.006 N 
106 1 C2 A C 27 ? ? N3 A C 27 ? ? 1.467 1.353 0.114  0.008 N 
107 1 C4 A C 27 ? ? C5 A C 27 ? ? 1.368 1.425 -0.057 0.008 N 
# 
loop_
_pdbx_validate_rmsd_angle.id 
_pdbx_validate_rmsd_angle.PDB_model_num 
_pdbx_validate_rmsd_angle.auth_atom_id_1 
_pdbx_validate_rmsd_angle.auth_asym_id_1 
_pdbx_validate_rmsd_angle.auth_comp_id_1 
_pdbx_validate_rmsd_angle.auth_seq_id_1 
_pdbx_validate_rmsd_angle.PDB_ins_code_1 
_pdbx_validate_rmsd_angle.label_alt_id_1 
_pdbx_validate_rmsd_angle.auth_atom_id_2 
_pdbx_validate_rmsd_angle.auth_asym_id_2 
_pdbx_validate_rmsd_angle.auth_comp_id_2 
_pdbx_validate_rmsd_angle.auth_seq_id_2 
_pdbx_validate_rmsd_angle.PDB_ins_code_2 
_pdbx_validate_rmsd_angle.label_alt_id_2 
_pdbx_validate_rmsd_angle.auth_atom_id_3 
_pdbx_validate_rmsd_angle.auth_asym_id_3 
_pdbx_validate_rmsd_angle.auth_comp_id_3 
_pdbx_validate_rmsd_angle.auth_seq_id_3 
_pdbx_validate_rmsd_angle.PDB_ins_code_3 
_pdbx_validate_rmsd_angle.label_alt_id_3 
_pdbx_validate_rmsd_angle.angle_value 
_pdbx_validate_rmsd_angle.angle_target_value 
_pdbx_validate_rmsd_angle.angle_deviation 
_pdbx_validate_rmsd_angle.angle_standard_deviation 
_pdbx_validate_rmsd_angle.linker_flag 
1   1 OP1   A G 1  ? ? P     A G 1  ? ? OP2 A G 1  ? ? 109.39 119.60 -10.21 1.50 N 
2   1 C2    A G 1  ? ? N3    A G 1  ? ? C4  A G 1  ? ? 123.10 111.90 11.20  0.50 N 
3   1 N3    A G 1  ? ? C4    A G 1  ? ? C5  A G 1  ? ? 117.37 128.60 -11.23 0.50 N 
4   1 C5    A G 1  ? ? C6    A G 1  ? ? N1  A G 1  ? ? 114.87 111.50 3.37   0.50 N 
5   1 C4    A G 1  ? ? C5    A G 1  ? ? N7  A G 1  ? ? 113.42 110.80 2.62   0.40 N 
6   1 C5    A G 1  ? ? N7    A G 1  ? ? C8  A G 1  ? ? 97.20  104.30 -7.10  0.50 N 
7   1 N7    A G 1  ? ? C8    A G 1  ? ? N9  A G 1  ? ? 122.02 113.10 8.92   0.50 N 
8   1 C8    A G 1  ? ? N9    A G 1  ? ? C4  A G 1  ? ? 99.35  106.40 -7.05  0.40 N 
9   1 N9    A G 1  ? ? C4    A G 1  ? ? C5  A G 1  ? ? 108.00 105.40 2.60   0.40 N 
10  1 N3    A G 1  ? ? C4    A G 1  ? ? N9  A G 1  ? ? 134.64 126.00 8.64   0.60 N 
11  1 C6    A G 1  ? ? C5    A G 1  ? ? N7  A G 1  ? ? 126.32 130.40 -4.08  0.60 N 
12  1 C5    A G 1  ? ? C6    A G 1  ? ? O6  A G 1  ? ? 124.06 128.60 -4.54  0.60 N 
13  1 OP1   A G 2  ? ? P     A G 2  ? ? OP2 A G 2  ? ? 109.01 119.60 -10.59 1.50 N 
14  1 C2    A G 2  ? ? N3    A G 2  ? ? C4  A G 2  ? ? 122.86 111.90 10.96  0.50 N 
15  1 N3    A G 2  ? ? C4    A G 2  ? ? C5  A G 2  ? ? 117.53 128.60 -11.07 0.50 N 
16  1 C5    A G 2  ? ? C6    A G 2  ? ? N1  A G 2  ? ? 114.86 111.50 3.36   0.50 N 
17  1 C4    A G 2  ? ? C5    A G 2  ? ? N7  A G 2  ? ? 113.37 110.80 2.57   0.40 N 
18  1 C5    A G 2  ? ? N7    A G 2  ? ? C8  A G 2  ? ? 97.15  104.30 -7.15  0.50 N 
19  1 N7    A G 2  ? ? C8    A G 2  ? ? N9  A G 2  ? ? 121.90 113.10 8.80   0.50 N 
20  1 C8    A G 2  ? ? N9    A G 2  ? ? C4  A G 2  ? ? 99.42  106.40 -6.98  0.40 N 
21  1 N9    A G 2  ? ? C4    A G 2  ? ? C5  A G 2  ? ? 108.08 105.40 2.68   0.40 N 
22  1 N3    A G 2  ? ? C4    A G 2  ? ? N9  A G 2  ? ? 134.39 126.00 8.39   0.60 N 
23  1 C6    A G 2  ? ? C5    A G 2  ? ? N7  A G 2  ? ? 126.61 130.40 -3.79  0.60 N 
24  1 C5    A G 2  ? ? C6    A G 2  ? ? O6  A G 2  ? ? 123.35 128.60 -5.25  0.60 N 
25  1 OP1   A C 3  ? ? P     A C 3  ? ? OP2 A C 3  ? ? 109.09 119.60 -10.51 1.50 N 
26  1 C6    A C 3  ? ? N1    A C 3  ? ? C2  A C 3  ? ? 117.05 120.30 -3.25  0.40 N 
27  1 C4    A C 3  ? ? C5    A C 3  ? ? C6  A C 3  ? ? 120.96 117.40 3.56   0.50 N 
28  1 OP1   A G 4  ? ? P     A G 4  ? ? OP2 A G 4  ? ? 108.90 119.60 -10.70 1.50 N 
29  1 C2    A G 4  ? ? N3    A G 4  ? ? C4  A G 4  ? ? 123.06 111.90 11.16  0.50 N 
30  1 N3    A G 4  ? ? C4    A G 4  ? ? C5  A G 4  ? ? 117.78 128.60 -10.82 0.50 N 
31  1 C5    A G 4  ? ? C6    A G 4  ? ? N1  A G 4  ? ? 114.82 111.50 3.32   0.50 N 
32  1 C4    A G 4  ? ? C5    A G 4  ? ? N7  A G 4  ? ? 113.25 110.80 2.45   0.40 N 
33  1 C5    A G 4  ? ? N7    A G 4  ? ? C8  A G 4  ? ? 97.09  104.30 -7.21  0.50 N 
34  1 N7    A G 4  ? ? C8    A G 4  ? ? N9  A G 4  ? ? 121.85 113.10 8.75   0.50 N 
35  1 C8    A G 4  ? ? N9    A G 4  ? ? C4  A G 4  ? ? 99.39  106.40 -7.01  0.40 N 
36  1 N9    A G 4  ? ? C4    A G 4  ? ? C5  A G 4  ? ? 108.42 105.40 3.02   0.40 N 
37  1 N3    A G 4  ? ? C4    A G 4  ? ? N9  A G 4  ? ? 133.80 126.00 7.80   0.60 N 
38  1 C6    A G 4  ? ? C5    A G 4  ? ? N7  A G 4  ? ? 126.78 130.40 -3.62  0.60 N 
39  1 C5    A G 4  ? ? C6    A G 4  ? ? O6  A G 4  ? ? 124.25 128.60 -4.35  0.60 N 
40  1 OP1   A U 5  ? ? P     A U 5  ? ? OP2 A U 5  ? ? 108.80 119.60 -10.80 1.50 N 
41  1 "O4'" A U 5  ? ? "C1'" A U 5  ? ? N1  A U 5  ? ? 113.88 108.50 5.38   0.70 N 
42  1 N1    A U 5  ? ? C2    A U 5  ? ? N3  A U 5  ? ? 120.67 114.90 5.77   0.60 N 
43  1 C5    A U 5  ? ? C6    A U 5  ? ? N1  A U 5  ? ? 119.47 122.70 -3.23  0.50 N 
44  1 N3    A U 5  ? ? C2    A U 5  ? ? O2  A U 5  ? ? 116.78 122.20 -5.42  0.70 N 
45  1 C5    A U 5  ? ? C4    A U 5  ? ? O4  A U 5  ? ? 121.52 125.90 -4.38  0.60 N 
46  1 OP1   A C 6  ? ? P     A C 6  ? ? OP2 A C 6  ? ? 108.92 119.60 -10.68 1.50 N 
47  1 "O4'" A C 6  ? ? "C1'" A C 6  ? ? N1  A C 6  ? ? 113.82 108.50 5.32   0.70 N 
48  1 C6    A C 6  ? ? N1    A C 6  ? ? C2  A C 6  ? ? 117.18 120.30 -3.12  0.40 N 
49  1 C4    A C 6  ? ? C5    A C 6  ? ? C6  A C 6  ? ? 120.97 117.40 3.57   0.50 N 
50  1 OP1   A A 7  ? ? P     A A 7  ? ? OP2 A A 7  ? ? 108.98 119.60 -10.62 1.50 N 
51  1 C2    A A 7  ? ? N3    A A 7  ? ? C4  A A 7  ? ? 115.82 110.60 5.22   0.50 N 
52  1 N3    A A 7  ? ? C4    A A 7  ? ? C5  A A 7  ? ? 117.40 126.80 -9.40  0.70 N 
53  1 C5    A A 7  ? ? N7    A A 7  ? ? C8  A A 7  ? ? 97.68  103.90 -6.22  0.50 N 
54  1 N7    A A 7  ? ? C8    A A 7  ? ? N9  A A 7  ? ? 122.13 113.80 8.33   0.50 N 
55  1 C8    A A 7  ? ? N9    A A 7  ? ? C4  A A 7  ? ? 99.49  105.80 -6.31  0.40 N 
56  1 N9    A A 7  ? ? C4    A A 7  ? ? C5  A A 7  ? ? 108.40 105.80 2.60   0.40 N 
57  1 N3    A A 7  ? ? C4    A A 7  ? ? N9  A A 7  ? ? 134.20 127.40 6.80   0.80 N 
58  1 OP1   A C 8  ? ? P     A C 8  ? ? OP2 A C 8  ? ? 109.19 119.60 -10.41 1.50 N 
59  1 C6    A C 8  ? ? N1    A C 8  ? ? C2  A C 8  ? ? 116.49 120.30 -3.81  0.40 N 
60  1 C4    A C 8  ? ? C5    A C 8  ? ? C6  A C 8  ? ? 121.07 117.40 3.67   0.50 N 
61  1 OP1   A A 9  ? ? P     A A 9  ? ? OP2 A A 9  ? ? 109.07 119.60 -10.53 1.50 N 
62  1 C2    A A 9  ? ? N3    A A 9  ? ? C4  A A 9  ? ? 115.66 110.60 5.06   0.50 N 
63  1 N3    A A 9  ? ? C4    A A 9  ? ? C5  A A 9  ? ? 117.57 126.80 -9.23  0.70 N 
64  1 C5    A A 9  ? ? N7    A A 9  ? ? C8  A A 9  ? ? 97.59  103.90 -6.31  0.50 N 
65  1 N7    A A 9  ? ? C8    A A 9  ? ? N9  A A 9  ? ? 121.88 113.80 8.08   0.50 N 
66  1 C8    A A 9  ? ? N9    A A 9  ? ? C4  A A 9  ? ? 99.84  105.80 -5.96  0.40 N 
67  1 N3    A A 9  ? ? C4    A A 9  ? ? N9  A A 9  ? ? 134.24 127.40 6.84   0.80 N 
68  1 OP1   A C 10 ? ? P     A C 10 ? ? OP2 A C 10 ? ? 109.03 119.60 -10.57 1.50 N 
69  1 "O4'" A C 10 ? ? "C1'" A C 10 ? ? N1  A C 10 ? ? 112.82 108.50 4.32   0.70 N 
70  1 C6    A C 10 ? ? N1    A C 10 ? ? C2  A C 10 ? ? 117.18 120.30 -3.12  0.40 N 
71  1 C4    A C 10 ? ? C5    A C 10 ? ? C6  A C 10 ? ? 121.05 117.40 3.65   0.50 N 
72  1 OP1   A C 11 ? ? P     A C 11 ? ? OP2 A C 11 ? ? 109.01 119.60 -10.59 1.50 N 
73  1 "O4'" A C 11 ? ? "C1'" A C 11 ? ? N1  A C 11 ? ? 115.51 108.50 7.01   0.70 N 
74  1 C6    A C 11 ? ? N1    A C 11 ? ? C2  A C 11 ? ? 117.26 120.30 -3.04  0.40 N 
75  1 C4    A C 11 ? ? C5    A C 11 ? ? C6  A C 11 ? ? 121.00 117.40 3.60   0.50 N 
76  1 OP1   A U 12 ? ? P     A U 12 ? ? OP2 A U 12 ? ? 108.81 119.60 -10.79 1.50 N 
77  1 "O4'" A U 12 ? ? "C1'" A U 12 ? ? N1  A U 12 ? ? 114.00 108.50 5.50   0.70 N 
78  1 N1    A U 12 ? ? C2    A U 12 ? ? N3  A U 12 ? ? 120.81 114.90 5.91   0.60 N 
79  1 N3    A U 12 ? ? C2    A U 12 ? ? O2  A U 12 ? ? 117.12 122.20 -5.08  0.70 N 
80  1 C5    A U 12 ? ? C4    A U 12 ? ? O4  A U 12 ? ? 121.99 125.90 -3.91  0.60 N 
81  1 OP1   A U 13 ? ? P     A U 13 ? ? OP2 A U 13 ? ? 108.94 119.60 -10.66 1.50 N 
82  1 N1    A U 13 ? ? C2    A U 13 ? ? N3  A U 13 ? ? 120.18 114.90 5.28   0.60 N 
83  1 N3    A U 13 ? ? C2    A U 13 ? ? O2  A U 13 ? ? 117.45 122.20 -4.75  0.70 N 
84  1 C5    A U 13 ? ? C4    A U 13 ? ? O4  A U 13 ? ? 121.87 125.90 -4.03  0.60 N 
85  1 OP1   A C 14 ? ? P     A C 14 ? ? OP2 A C 14 ? ? 109.07 119.60 -10.53 1.50 N 
86  1 "O4'" A C 14 ? ? "C1'" A C 14 ? ? N1  A C 14 ? ? 114.79 108.50 6.29   0.70 N 
87  1 C6    A C 14 ? ? N1    A C 14 ? ? C2  A C 14 ? ? 117.76 120.30 -2.54  0.40 N 
88  1 C4    A C 14 ? ? C5    A C 14 ? ? C6  A C 14 ? ? 121.75 117.40 4.35   0.50 N 
89  1 OP1   A G 15 ? ? P     A G 15 ? ? OP2 A G 15 ? ? 108.90 119.60 -10.70 1.50 N 
90  1 C2    A G 15 ? ? N3    A G 15 ? ? C4  A G 15 ? ? 123.26 111.90 11.36  0.50 N 
91  1 N3    A G 15 ? ? C4    A G 15 ? ? C5  A G 15 ? ? 117.95 128.60 -10.65 0.50 N 
92  1 C5    A G 15 ? ? C6    A G 15 ? ? N1  A G 15 ? ? 115.08 111.50 3.58   0.50 N 
93  1 C5    A G 15 ? ? N7    A G 15 ? ? C8  A G 15 ? ? 96.78  104.30 -7.52  0.50 N 
94  1 N7    A G 15 ? ? C8    A G 15 ? ? N9  A G 15 ? ? 122.10 113.10 9.00   0.50 N 
95  1 C8    A G 15 ? ? N9    A G 15 ? ? C4  A G 15 ? ? 100.40 106.40 -6.00  0.40 N 
96  1 N3    A G 15 ? ? C4    A G 15 ? ? N9  A G 15 ? ? 134.36 126.00 8.36   0.60 N 
97  1 C6    A G 15 ? ? C5    A G 15 ? ? N7  A G 15 ? ? 126.62 130.40 -3.78  0.60 N 
98  1 C5    A G 15 ? ? C6    A G 15 ? ? O6  A G 15 ? ? 122.76 128.60 -5.84  0.60 N 
99  1 OP1   A G 16 ? ? P     A G 16 ? ? OP2 A G 16 ? ? 109.15 119.60 -10.45 1.50 N 
100 1 C2    A G 16 ? ? N3    A G 16 ? ? C4  A G 16 ? ? 122.88 111.90 10.98  0.50 N 
101 1 N3    A G 16 ? ? C4    A G 16 ? ? C5  A G 16 ? ? 117.16 128.60 -11.44 0.50 N 
102 1 C5    A G 16 ? ? C6    A G 16 ? ? N1  A G 16 ? ? 114.93 111.50 3.43   0.50 N 
103 1 C4    A G 16 ? ? C5    A G 16 ? ? N7  A G 16 ? ? 113.58 110.80 2.78   0.40 N 
104 1 C5    A G 16 ? ? N7    A G 16 ? ? C8  A G 16 ? ? 96.78  104.30 -7.52  0.50 N 
105 1 N7    A G 16 ? ? C8    A G 16 ? ? N9  A G 16 ? ? 122.91 113.10 9.81   0.50 N 
106 1 C8    A G 16 ? ? N9    A G 16 ? ? C4  A G 16 ? ? 98.83  106.40 -7.57  0.40 N 
107 1 N3    A G 16 ? ? C4    A G 16 ? ? N9  A G 16 ? ? 135.10 126.00 9.10   0.60 N 
108 1 C6    A G 16 ? ? C5    A G 16 ? ? N7  A G 16 ? ? 125.83 130.40 -4.57  0.60 N 
109 1 C5    A G 16 ? ? C6    A G 16 ? ? O6  A G 16 ? ? 123.95 128.60 -4.65  0.60 N 
110 1 OP1   A G 17 ? ? P     A G 17 ? ? OP2 A G 17 ? ? 109.12 119.60 -10.48 1.50 N 
111 1 C2    A G 17 ? ? N3    A G 17 ? ? C4  A G 17 ? ? 123.08 111.90 11.18  0.50 N 
112 1 N3    A G 17 ? ? C4    A G 17 ? ? C5  A G 17 ? ? 117.51 128.60 -11.09 0.50 N 
113 1 C5    A G 17 ? ? C6    A G 17 ? ? N1  A G 17 ? ? 114.83 111.50 3.33   0.50 N 
114 1 C5    A G 17 ? ? N7    A G 17 ? ? C8  A G 17 ? ? 96.91  104.30 -7.39  0.50 N 
115 1 N7    A G 17 ? ? C8    A G 17 ? ? N9  A G 17 ? ? 122.62 113.10 9.52   0.50 N 
116 1 C8    A G 17 ? ? N9    A G 17 ? ? C4  A G 17 ? ? 98.98  106.40 -7.42  0.40 N 
117 1 N9    A G 17 ? ? C4    A G 17 ? ? C5  A G 17 ? ? 108.26 105.40 2.86   0.40 N 
118 1 N3    A G 17 ? ? C4    A G 17 ? ? N9  A G 17 ? ? 134.20 126.00 8.20   0.60 N 
119 1 C6    A G 17 ? ? C5    A G 17 ? ? N7  A G 17 ? ? 126.60 130.40 -3.80  0.60 N 
120 1 C5    A G 17 ? ? C6    A G 17 ? ? O6  A G 17 ? ? 124.17 128.60 -4.43  0.60 N 
121 1 OP1   A U 18 ? ? P     A U 18 ? ? OP2 A U 18 ? ? 108.95 119.60 -10.65 1.50 N 
122 1 "O4'" A U 18 ? ? "C1'" A U 18 ? ? N1  A U 18 ? ? 114.08 108.50 5.58   0.70 N 
123 1 N1    A U 18 ? ? C2    A U 18 ? ? N3  A U 18 ? ? 120.86 114.90 5.96   0.60 N 
124 1 N3    A U 18 ? ? C2    A U 18 ? ? O2  A U 18 ? ? 116.11 122.20 -6.09  0.70 N 
125 1 OP1   A G 19 ? ? P     A G 19 ? ? OP2 A G 19 ? ? 108.90 119.60 -10.70 1.50 N 
126 1 C2    A G 19 ? ? N3    A G 19 ? ? C4  A G 19 ? ? 123.00 111.90 11.10  0.50 N 
127 1 N3    A G 19 ? ? C4    A G 19 ? ? C5  A G 19 ? ? 117.35 128.60 -11.25 0.50 N 
128 1 C5    A G 19 ? ? C6    A G 19 ? ? N1  A G 19 ? ? 114.59 111.50 3.09   0.50 N 
129 1 C4    A G 19 ? ? C5    A G 19 ? ? N7  A G 19 ? ? 113.39 110.80 2.59   0.40 N 
130 1 C5    A G 19 ? ? N7    A G 19 ? ? C8  A G 19 ? ? 97.24  104.30 -7.06  0.50 N 
131 1 N7    A G 19 ? ? C8    A G 19 ? ? N9  A G 19 ? ? 122.26 113.10 9.16   0.50 N 
132 1 C8    A G 19 ? ? N9    A G 19 ? ? C4  A G 19 ? ? 98.82  106.40 -7.58  0.40 N 
133 1 N9    A G 19 ? ? C4    A G 19 ? ? C5  A G 19 ? ? 108.27 105.40 2.87   0.40 N 
134 1 N3    A G 19 ? ? C4    A G 19 ? ? N9  A G 19 ? ? 134.37 126.00 8.37   0.60 N 
135 1 C6    A G 19 ? ? C5    A G 19 ? ? N7  A G 19 ? ? 126.16 130.40 -4.24  0.60 N 
136 1 C5    A G 19 ? ? C6    A G 19 ? ? O6  A G 19 ? ? 124.26 128.60 -4.34  0.60 N 
137 1 OP1   A A 20 ? ? P     A A 20 ? ? OP2 A A 20 ? ? 108.96 119.60 -10.64 1.50 N 
138 1 C2    A A 20 ? ? N3    A A 20 ? ? C4  A A 20 ? ? 115.73 110.60 5.13   0.50 N 
139 1 N3    A A 20 ? ? C4    A A 20 ? ? C5  A A 20 ? ? 117.50 126.80 -9.30  0.70 N 
140 1 C5    A A 20 ? ? N7    A A 20 ? ? C8  A A 20 ? ? 97.63  103.90 -6.27  0.50 N 
141 1 N7    A A 20 ? ? C8    A A 20 ? ? N9  A A 20 ? ? 122.05 113.80 8.25   0.50 N 
142 1 C8    A A 20 ? ? N9    A A 20 ? ? C4  A A 20 ? ? 99.70  105.80 -6.10  0.40 N 
143 1 N3    A A 20 ? ? C4    A A 20 ? ? N9  A A 20 ? ? 134.23 127.40 6.83   0.80 N 
144 1 OP1   A A 21 ? ? P     A A 21 ? ? OP2 A A 21 ? ? 108.48 119.60 -11.12 1.50 N 
145 1 C2    A A 21 ? ? N3    A A 21 ? ? C4  A A 21 ? ? 115.53 110.60 4.93   0.50 N 
146 1 N3    A A 21 ? ? C4    A A 21 ? ? C5  A A 21 ? ? 117.25 126.80 -9.55  0.70 N 
147 1 C5    A A 21 ? ? N7    A A 21 ? ? C8  A A 21 ? ? 97.84  103.90 -6.06  0.50 N 
148 1 N7    A A 21 ? ? C8    A A 21 ? ? N9  A A 21 ? ? 121.81 113.80 8.01   0.50 N 
149 1 C8    A A 21 ? ? N9    A A 21 ? ? C4  A A 21 ? ? 99.69  105.80 -6.11  0.40 N 
150 1 N3    A A 21 ? ? C4    A A 21 ? ? N9  A A 21 ? ? 135.01 127.40 7.61   0.80 N 
151 1 OP1   A G 22 ? ? P     A G 22 ? ? OP2 A G 22 ? ? 109.07 119.60 -10.53 1.50 N 
152 1 C2    A G 22 ? ? N3    A G 22 ? ? C4  A G 22 ? ? 122.97 111.90 11.07  0.50 N 
153 1 N3    A G 22 ? ? C4    A G 22 ? ? C5  A G 22 ? ? 117.40 128.60 -11.20 0.50 N 
154 1 C5    A G 22 ? ? C6    A G 22 ? ? N1  A G 22 ? ? 114.89 111.50 3.39   0.50 N 
155 1 C4    A G 22 ? ? C5    A G 22 ? ? N7  A G 22 ? ? 113.32 110.80 2.52   0.40 N 
156 1 C5    A G 22 ? ? N7    A G 22 ? ? C8  A G 22 ? ? 97.29  104.30 -7.01  0.50 N 
157 1 N7    A G 22 ? ? C8    A G 22 ? ? N9  A G 22 ? ? 122.04 113.10 8.94   0.50 N 
158 1 C8    A G 22 ? ? N9    A G 22 ? ? C4  A G 22 ? ? 99.22  106.40 -7.18  0.40 N 
159 1 N9    A G 22 ? ? C4    A G 22 ? ? C5  A G 22 ? ? 107.99 105.40 2.59   0.40 N 
160 1 N3    A G 22 ? ? C4    A G 22 ? ? N9  A G 22 ? ? 134.49 126.00 8.49   0.60 N 
161 1 C6    A G 22 ? ? C5    A G 22 ? ? N7  A G 22 ? ? 126.49 130.40 -3.91  0.60 N 
162 1 C5    A G 22 ? ? C6    A G 22 ? ? O6  A G 22 ? ? 124.16 128.60 -4.44  0.60 N 
163 1 OP1   A U 23 ? ? P     A U 23 ? ? OP2 A U 23 ? ? 109.12 119.60 -10.48 1.50 N 
164 1 "O4'" A U 23 ? ? "C1'" A U 23 ? ? N1  A U 23 ? ? 113.09 108.50 4.59   0.70 N 
165 1 N1    A U 23 ? ? C2    A U 23 ? ? N3  A U 23 ? ? 120.81 114.90 5.91   0.60 N 
166 1 N3    A U 23 ? ? C2    A U 23 ? ? O2  A U 23 ? ? 116.74 122.20 -5.46  0.70 N 
167 1 C5    A U 23 ? ? C4    A U 23 ? ? O4  A U 23 ? ? 121.63 125.90 -4.27  0.60 N 
168 1 OP1   A C 24 ? ? P     A C 24 ? ? OP2 A C 24 ? ? 109.13 119.60 -10.47 1.50 N 
169 1 C6    A C 24 ? ? N1    A C 24 ? ? C2  A C 24 ? ? 116.87 120.30 -3.43  0.40 N 
170 1 C4    A C 24 ? ? C5    A C 24 ? ? C6  A C 24 ? ? 120.92 117.40 3.52   0.50 N 
171 1 OP1   A G 25 ? ? P     A G 25 ? ? OP2 A G 25 ? ? 108.88 119.60 -10.72 1.50 N 
172 1 C2    A G 25 ? ? N3    A G 25 ? ? C4  A G 25 ? ? 123.06 111.90 11.16  0.50 N 
173 1 N3    A G 25 ? ? C4    A G 25 ? ? C5  A G 25 ? ? 117.71 128.60 -10.89 0.50 N 
174 1 C5    A G 25 ? ? C6    A G 25 ? ? N1  A G 25 ? ? 114.95 111.50 3.45   0.50 N 
175 1 C5    A G 25 ? ? N7    A G 25 ? ? C8  A G 25 ? ? 97.18  104.30 -7.12  0.50 N 
176 1 N7    A G 25 ? ? C8    A G 25 ? ? N9  A G 25 ? ? 121.84 113.10 8.74   0.50 N 
177 1 C8    A G 25 ? ? N9    A G 25 ? ? C4  A G 25 ? ? 99.33  106.40 -7.07  0.40 N 
178 1 N9    A G 25 ? ? C4    A G 25 ? ? C5  A G 25 ? ? 108.44 105.40 3.04   0.40 N 
179 1 N3    A G 25 ? ? C4    A G 25 ? ? N9  A G 25 ? ? 133.84 126.00 7.84   0.60 N 
180 1 C5    A G 25 ? ? C6    A G 25 ? ? O6  A G 25 ? ? 124.25 128.60 -4.35  0.60 N 
181 1 OP1   A C 26 ? ? P     A C 26 ? ? OP2 A C 26 ? ? 108.97 119.60 -10.63 1.50 N 
182 1 "O4'" A C 26 ? ? "C1'" A C 26 ? ? N1  A C 26 ? ? 115.55 108.50 7.05   0.70 N 
183 1 C6    A C 26 ? ? N1    A C 26 ? ? C2  A C 26 ? ? 117.79 120.30 -2.51  0.40 N 
184 1 C4    A C 26 ? ? C5    A C 26 ? ? C6  A C 26 ? ? 120.59 117.40 3.19   0.50 N 
185 1 "C3'" A C 26 ? ? "O3'" A C 26 ? ? P   A C 27 ? ? 129.96 119.70 10.26  1.20 Y 
186 1 OP1   A C 27 ? ? P     A C 27 ? ? OP2 A C 27 ? ? 108.72 119.60 -10.88 1.50 N 
187 1 "O4'" A C 27 ? ? "C1'" A C 27 ? ? N1  A C 27 ? ? 115.84 108.50 7.34   0.70 N 
188 1 C6    A C 27 ? ? N1    A C 27 ? ? C2  A C 27 ? ? 116.67 120.30 -3.63  0.40 N 
189 1 C4    A C 27 ? ? C5    A C 27 ? ? C6  A C 27 ? ? 121.21 117.40 3.81   0.50 N 
# 
loop_
_pdbx_validate_planes.id 
_pdbx_validate_planes.PDB_model_num 
_pdbx_validate_planes.auth_comp_id 
_pdbx_validate_planes.auth_asym_id 
_pdbx_validate_planes.auth_seq_id 
_pdbx_validate_planes.PDB_ins_code 
_pdbx_validate_planes.label_alt_id 
_pdbx_validate_planes.rmsd 
_pdbx_validate_planes.type 
1 1 G A 15 ? ? 0.073 'SIDE CHAIN' 
2 1 G A 16 ? ? 0.081 'SIDE CHAIN' 
3 1 G A 19 ? ? 0.051 'SIDE CHAIN' 
4 1 A A 20 ? ? 0.080 'SIDE CHAIN' 
5 1 G A 22 ? ? 0.090 'SIDE CHAIN' 
6 1 U A 23 ? ? 0.059 'SIDE CHAIN' 
7 1 C A 27 ? ? 0.125 'SIDE CHAIN' 
# 
_pdbx_nmr_ensemble.entry_id                                      1PBR 
_pdbx_nmr_ensemble.conformers_calculated_total_number            ? 
_pdbx_nmr_ensemble.conformers_submitted_total_number             1 
_pdbx_nmr_ensemble.conformer_selection_criteria                  ? 
_pdbx_nmr_ensemble.average_constraints_per_residue               ? 
_pdbx_nmr_ensemble.average_constraint_violations_per_residue     ? 
_pdbx_nmr_ensemble.maximum_distance_constraint_violation         ? 
_pdbx_nmr_ensemble.average_distance_constraint_violation         ? 
_pdbx_nmr_ensemble.maximum_upper_distance_constraint_violation   ? 
_pdbx_nmr_ensemble.maximum_lower_distance_constraint_violation   ? 
_pdbx_nmr_ensemble.distance_constraint_violation_method          ? 
_pdbx_nmr_ensemble.maximum_torsion_angle_constraint_violation    ? 
_pdbx_nmr_ensemble.average_torsion_angle_constraint_violation    ? 
_pdbx_nmr_ensemble.torsion_angle_constraint_violation_method     ? 
# 
_pdbx_nmr_exptl_sample_conditions.conditions_id       1 
_pdbx_nmr_exptl_sample_conditions.temperature         308 
_pdbx_nmr_exptl_sample_conditions.pressure            ? 
_pdbx_nmr_exptl_sample_conditions.pH                  6.4 
_pdbx_nmr_exptl_sample_conditions.ionic_strength      ? 
_pdbx_nmr_exptl_sample_conditions.pressure_units      . 
_pdbx_nmr_exptl_sample_conditions.temperature_units   K 
# 
_pdbx_nmr_details.entry_id   1PBR 
_pdbx_nmr_details.text       '10MM NA PHOSPHATE' 
# 
_pdbx_nmr_software.classification   refinement 
_pdbx_nmr_software.name             Discover 
_pdbx_nmr_software.version          ? 
_pdbx_nmr_software.authors          BIOSYM 
_pdbx_nmr_software.ordinal          1 
# 
loop_
_chem_comp_atom.comp_id 
_chem_comp_atom.atom_id 
_chem_comp_atom.type_symbol 
_chem_comp_atom.pdbx_aromatic_flag 
_chem_comp_atom.pdbx_stereo_config 
_chem_comp_atom.pdbx_ordinal 
A   OP3    O N N 1   
A   P      P N N 2   
A   OP1    O N N 3   
A   OP2    O N N 4   
A   "O5'"  O N N 5   
A   "C5'"  C N N 6   
A   "C4'"  C N R 7   
A   "O4'"  O N N 8   
A   "C3'"  C N S 9   
A   "O3'"  O N N 10  
A   "C2'"  C N R 11  
A   "O2'"  O N N 12  
A   "C1'"  C N R 13  
A   N9     N Y N 14  
A   C8     C Y N 15  
A   N7     N Y N 16  
A   C5     C Y N 17  
A   C6     C Y N 18  
A   N6     N N N 19  
A   N1     N Y N 20  
A   C2     C Y N 21  
A   N3     N Y N 22  
A   C4     C Y N 23  
A   HOP3   H N N 24  
A   HOP2   H N N 25  
A   "H5'"  H N N 26  
A   "H5''" H N N 27  
A   "H4'"  H N N 28  
A   "H3'"  H N N 29  
A   "HO3'" H N N 30  
A   "H2'"  H N N 31  
A   "HO2'" H N N 32  
A   "H1'"  H N N 33  
A   H8     H N N 34  
A   H61    H N N 35  
A   H62    H N N 36  
A   H2     H N N 37  
BDR C4     C N R 38  
BDR O4     O N N 39  
BDR C1     C N R 40  
BDR O1     O N N 41  
BDR C2     C N R 42  
BDR O2     O N N 43  
BDR C3     C N S 44  
BDR O3     O N N 45  
BDR C5     C N N 46  
BDR O5     O N N 47  
BDR H4     H N N 48  
BDR H1     H N N 49  
BDR HO1    H N N 50  
BDR H2     H N N 51  
BDR HO2    H N N 52  
BDR H3     H N N 53  
BDR HO3    H N N 54  
BDR H51    H N N 55  
BDR H52    H N N 56  
BDR HO5    H N N 57  
C   OP3    O N N 58  
C   P      P N N 59  
C   OP1    O N N 60  
C   OP2    O N N 61  
C   "O5'"  O N N 62  
C   "C5'"  C N N 63  
C   "C4'"  C N R 64  
C   "O4'"  O N N 65  
C   "C3'"  C N S 66  
C   "O3'"  O N N 67  
C   "C2'"  C N R 68  
C   "O2'"  O N N 69  
C   "C1'"  C N R 70  
C   N1     N N N 71  
C   C2     C N N 72  
C   O2     O N N 73  
C   N3     N N N 74  
C   C4     C N N 75  
C   N4     N N N 76  
C   C5     C N N 77  
C   C6     C N N 78  
C   HOP3   H N N 79  
C   HOP2   H N N 80  
C   "H5'"  H N N 81  
C   "H5''" H N N 82  
C   "H4'"  H N N 83  
C   "H3'"  H N N 84  
C   "HO3'" H N N 85  
C   "H2'"  H N N 86  
C   "HO2'" H N N 87  
C   "H1'"  H N N 88  
C   H41    H N N 89  
C   H42    H N N 90  
C   H5     H N N 91  
C   H6     H N N 92  
CYY C1     C N R 93  
CYY C2     C N N 94  
CYY C3     C N S 95  
CYY C4     C N R 96  
CYY C5     C N S 97  
CYY C6     C N S 98  
CYY N1     N N N 99  
CYY N3     N N N 100 
CYY O4     O N N 101 
CYY O5     O N N 102 
CYY O6     O N N 103 
CYY H1     H N N 104 
CYY H21    H N N 105 
CYY H22    H N N 106 
CYY H3     H N N 107 
CYY H4     H N N 108 
CYY H5     H N N 109 
CYY H6     H N N 110 
CYY HN11   H N N 111 
CYY HN12   H N N 112 
CYY HN31   H N N 113 
CYY HN32   H N N 114 
CYY HO4    H N N 115 
CYY HO5    H N N 116 
CYY HO6    H N N 117 
G   OP3    O N N 118 
G   P      P N N 119 
G   OP1    O N N 120 
G   OP2    O N N 121 
G   "O5'"  O N N 122 
G   "C5'"  C N N 123 
G   "C4'"  C N R 124 
G   "O4'"  O N N 125 
G   "C3'"  C N S 126 
G   "O3'"  O N N 127 
G   "C2'"  C N R 128 
G   "O2'"  O N N 129 
G   "C1'"  C N R 130 
G   N9     N Y N 131 
G   C8     C Y N 132 
G   N7     N Y N 133 
G   C5     C Y N 134 
G   C6     C N N 135 
G   O6     O N N 136 
G   N1     N N N 137 
G   C2     C N N 138 
G   N2     N N N 139 
G   N3     N N N 140 
G   C4     C Y N 141 
G   HOP3   H N N 142 
G   HOP2   H N N 143 
G   "H5'"  H N N 144 
G   "H5''" H N N 145 
G   "H4'"  H N N 146 
G   "H3'"  H N N 147 
G   "HO3'" H N N 148 
G   "H2'"  H N N 149 
G   "HO2'" H N N 150 
G   "H1'"  H N N 151 
G   H8     H N N 152 
G   H1     H N N 153 
G   H21    H N N 154 
G   H22    H N N 155 
IDG C5     C N S 156 
IDG O5     O N N 157 
IDG C1     C N S 158 
IDG O1     O N N 159 
IDG C2     C N R 160 
IDG N2     N N N 161 
IDG C3     C N R 162 
IDG O3     O N N 163 
IDG C4     C N S 164 
IDG O4     O N N 165 
IDG C6     C N N 166 
IDG N6     N N N 167 
IDG H5     H N N 168 
IDG H1     H N N 169 
IDG HO1    H N N 170 
IDG H2     H N N 171 
IDG HN21   H N N 172 
IDG HN22   H N N 173 
IDG H3     H N N 174 
IDG HO3    H N N 175 
IDG H4     H N N 176 
IDG HO4    H N N 177 
IDG H61    H N N 178 
IDG H62    H N N 179 
IDG HN61   H N N 180 
IDG HN62   H N N 181 
PA1 C1     C N S 182 
PA1 O1     O N N 183 
PA1 C2     C N R 184 
PA1 N2     N N N 185 
PA1 C3     C N R 186 
PA1 O3     O N N 187 
PA1 C4     C N S 188 
PA1 O4     O N N 189 
PA1 C5     C N R 190 
PA1 O5     O N N 191 
PA1 C6     C N N 192 
PA1 O6     O N N 193 
PA1 H1     H N N 194 
PA1 HO1    H N N 195 
PA1 H2     H N N 196 
PA1 HN21   H N N 197 
PA1 HN22   H N N 198 
PA1 H3     H N N 199 
PA1 HO3    H N N 200 
PA1 H4     H N N 201 
PA1 HO4    H N N 202 
PA1 H5     H N N 203 
PA1 H61    H N N 204 
PA1 H62    H N N 205 
PA1 HO6    H N N 206 
U   OP3    O N N 207 
U   P      P N N 208 
U   OP1    O N N 209 
U   OP2    O N N 210 
U   "O5'"  O N N 211 
U   "C5'"  C N N 212 
U   "C4'"  C N R 213 
U   "O4'"  O N N 214 
U   "C3'"  C N S 215 
U   "O3'"  O N N 216 
U   "C2'"  C N R 217 
U   "O2'"  O N N 218 
U   "C1'"  C N R 219 
U   N1     N N N 220 
U   C2     C N N 221 
U   O2     O N N 222 
U   N3     N N N 223 
U   C4     C N N 224 
U   O4     O N N 225 
U   C5     C N N 226 
U   C6     C N N 227 
U   HOP3   H N N 228 
U   HOP2   H N N 229 
U   "H5'"  H N N 230 
U   "H5''" H N N 231 
U   "H4'"  H N N 232 
U   "H3'"  H N N 233 
U   "HO3'" H N N 234 
U   "H2'"  H N N 235 
U   "HO2'" H N N 236 
U   "H1'"  H N N 237 
U   H3     H N N 238 
U   H5     H N N 239 
U   H6     H N N 240 
# 
loop_
_chem_comp_bond.comp_id 
_chem_comp_bond.atom_id_1 
_chem_comp_bond.atom_id_2 
_chem_comp_bond.value_order 
_chem_comp_bond.pdbx_aromatic_flag 
_chem_comp_bond.pdbx_stereo_config 
_chem_comp_bond.pdbx_ordinal 
A   OP3   P      sing N N 1   
A   OP3   HOP3   sing N N 2   
A   P     OP1    doub N N 3   
A   P     OP2    sing N N 4   
A   P     "O5'"  sing N N 5   
A   OP2   HOP2   sing N N 6   
A   "O5'" "C5'"  sing N N 7   
A   "C5'" "C4'"  sing N N 8   
A   "C5'" "H5'"  sing N N 9   
A   "C5'" "H5''" sing N N 10  
A   "C4'" "O4'"  sing N N 11  
A   "C4'" "C3'"  sing N N 12  
A   "C4'" "H4'"  sing N N 13  
A   "O4'" "C1'"  sing N N 14  
A   "C3'" "O3'"  sing N N 15  
A   "C3'" "C2'"  sing N N 16  
A   "C3'" "H3'"  sing N N 17  
A   "O3'" "HO3'" sing N N 18  
A   "C2'" "O2'"  sing N N 19  
A   "C2'" "C1'"  sing N N 20  
A   "C2'" "H2'"  sing N N 21  
A   "O2'" "HO2'" sing N N 22  
A   "C1'" N9     sing N N 23  
A   "C1'" "H1'"  sing N N 24  
A   N9    C8     sing Y N 25  
A   N9    C4     sing Y N 26  
A   C8    N7     doub Y N 27  
A   C8    H8     sing N N 28  
A   N7    C5     sing Y N 29  
A   C5    C6     sing Y N 30  
A   C5    C4     doub Y N 31  
A   C6    N6     sing N N 32  
A   C6    N1     doub Y N 33  
A   N6    H61    sing N N 34  
A   N6    H62    sing N N 35  
A   N1    C2     sing Y N 36  
A   C2    N3     doub Y N 37  
A   C2    H2     sing N N 38  
A   N3    C4     sing Y N 39  
BDR C4    O4     sing N N 40  
BDR C4    C3     sing N N 41  
BDR C4    C5     sing N N 42  
BDR C4    H4     sing N N 43  
BDR O4    C1     sing N N 44  
BDR C1    O1     sing N N 45  
BDR C1    C2     sing N N 46  
BDR C1    H1     sing N N 47  
BDR O1    HO1    sing N N 48  
BDR C2    O2     sing N N 49  
BDR C2    C3     sing N N 50  
BDR C2    H2     sing N N 51  
BDR O2    HO2    sing N N 52  
BDR C3    O3     sing N N 53  
BDR C3    H3     sing N N 54  
BDR O3    HO3    sing N N 55  
BDR C5    O5     sing N N 56  
BDR C5    H51    sing N N 57  
BDR C5    H52    sing N N 58  
BDR O5    HO5    sing N N 59  
C   OP3   P      sing N N 60  
C   OP3   HOP3   sing N N 61  
C   P     OP1    doub N N 62  
C   P     OP2    sing N N 63  
C   P     "O5'"  sing N N 64  
C   OP2   HOP2   sing N N 65  
C   "O5'" "C5'"  sing N N 66  
C   "C5'" "C4'"  sing N N 67  
C   "C5'" "H5'"  sing N N 68  
C   "C5'" "H5''" sing N N 69  
C   "C4'" "O4'"  sing N N 70  
C   "C4'" "C3'"  sing N N 71  
C   "C4'" "H4'"  sing N N 72  
C   "O4'" "C1'"  sing N N 73  
C   "C3'" "O3'"  sing N N 74  
C   "C3'" "C2'"  sing N N 75  
C   "C3'" "H3'"  sing N N 76  
C   "O3'" "HO3'" sing N N 77  
C   "C2'" "O2'"  sing N N 78  
C   "C2'" "C1'"  sing N N 79  
C   "C2'" "H2'"  sing N N 80  
C   "O2'" "HO2'" sing N N 81  
C   "C1'" N1     sing N N 82  
C   "C1'" "H1'"  sing N N 83  
C   N1    C2     sing N N 84  
C   N1    C6     sing N N 85  
C   C2    O2     doub N N 86  
C   C2    N3     sing N N 87  
C   N3    C4     doub N N 88  
C   C4    N4     sing N N 89  
C   C4    C5     sing N N 90  
C   N4    H41    sing N N 91  
C   N4    H42    sing N N 92  
C   C5    C6     doub N N 93  
C   C5    H5     sing N N 94  
C   C6    H6     sing N N 95  
CYY C1    C2     sing N N 96  
CYY C1    C6     sing N N 97  
CYY C1    N1     sing N N 98  
CYY C1    H1     sing N N 99  
CYY C2    C3     sing N N 100 
CYY C2    H21    sing N N 101 
CYY C2    H22    sing N N 102 
CYY C3    C4     sing N N 103 
CYY C3    N3     sing N N 104 
CYY C3    H3     sing N N 105 
CYY C4    C5     sing N N 106 
CYY C4    O4     sing N N 107 
CYY C4    H4     sing N N 108 
CYY C5    C6     sing N N 109 
CYY C5    O5     sing N N 110 
CYY C5    H5     sing N N 111 
CYY C6    O6     sing N N 112 
CYY C6    H6     sing N N 113 
CYY N1    HN11   sing N N 114 
CYY N1    HN12   sing N N 115 
CYY N3    HN31   sing N N 116 
CYY N3    HN32   sing N N 117 
CYY O4    HO4    sing N N 118 
CYY O5    HO5    sing N N 119 
CYY O6    HO6    sing N N 120 
G   OP3   P      sing N N 121 
G   OP3   HOP3   sing N N 122 
G   P     OP1    doub N N 123 
G   P     OP2    sing N N 124 
G   P     "O5'"  sing N N 125 
G   OP2   HOP2   sing N N 126 
G   "O5'" "C5'"  sing N N 127 
G   "C5'" "C4'"  sing N N 128 
G   "C5'" "H5'"  sing N N 129 
G   "C5'" "H5''" sing N N 130 
G   "C4'" "O4'"  sing N N 131 
G   "C4'" "C3'"  sing N N 132 
G   "C4'" "H4'"  sing N N 133 
G   "O4'" "C1'"  sing N N 134 
G   "C3'" "O3'"  sing N N 135 
G   "C3'" "C2'"  sing N N 136 
G   "C3'" "H3'"  sing N N 137 
G   "O3'" "HO3'" sing N N 138 
G   "C2'" "O2'"  sing N N 139 
G   "C2'" "C1'"  sing N N 140 
G   "C2'" "H2'"  sing N N 141 
G   "O2'" "HO2'" sing N N 142 
G   "C1'" N9     sing N N 143 
G   "C1'" "H1'"  sing N N 144 
G   N9    C8     sing Y N 145 
G   N9    C4     sing Y N 146 
G   C8    N7     doub Y N 147 
G   C8    H8     sing N N 148 
G   N7    C5     sing Y N 149 
G   C5    C6     sing N N 150 
G   C5    C4     doub Y N 151 
G   C6    O6     doub N N 152 
G   C6    N1     sing N N 153 
G   N1    C2     sing N N 154 
G   N1    H1     sing N N 155 
G   C2    N2     sing N N 156 
G   C2    N3     doub N N 157 
G   N2    H21    sing N N 158 
G   N2    H22    sing N N 159 
G   N3    C4     sing N N 160 
IDG C5    O5     sing N N 161 
IDG C5    C4     sing N N 162 
IDG C5    C6     sing N N 163 
IDG C5    H5     sing N N 164 
IDG O5    C1     sing N N 165 
IDG C1    O1     sing N N 166 
IDG C1    C2     sing N N 167 
IDG C1    H1     sing N N 168 
IDG O1    HO1    sing N N 169 
IDG C2    N2     sing N N 170 
IDG C2    C3     sing N N 171 
IDG C2    H2     sing N N 172 
IDG N2    HN21   sing N N 173 
IDG N2    HN22   sing N N 174 
IDG C3    O3     sing N N 175 
IDG C3    C4     sing N N 176 
IDG C3    H3     sing N N 177 
IDG O3    HO3    sing N N 178 
IDG C4    O4     sing N N 179 
IDG C4    H4     sing N N 180 
IDG O4    HO4    sing N N 181 
IDG C6    N6     sing N N 182 
IDG C6    H61    sing N N 183 
IDG C6    H62    sing N N 184 
IDG N6    HN61   sing N N 185 
IDG N6    HN62   sing N N 186 
PA1 C1    O1     sing N N 187 
PA1 C1    C2     sing N N 188 
PA1 C1    O5     sing N N 189 
PA1 C1    H1     sing N N 190 
PA1 O1    HO1    sing N N 191 
PA1 C2    N2     sing N N 192 
PA1 C2    C3     sing N N 193 
PA1 C2    H2     sing N N 194 
PA1 N2    HN21   sing N N 195 
PA1 N2    HN22   sing N N 196 
PA1 C3    O3     sing N N 197 
PA1 C3    C4     sing N N 198 
PA1 C3    H3     sing N N 199 
PA1 O3    HO3    sing N N 200 
PA1 C4    O4     sing N N 201 
PA1 C4    C5     sing N N 202 
PA1 C4    H4     sing N N 203 
PA1 O4    HO4    sing N N 204 
PA1 C5    O5     sing N N 205 
PA1 C5    C6     sing N N 206 
PA1 C5    H5     sing N N 207 
PA1 C6    O6     sing N N 208 
PA1 C6    H61    sing N N 209 
PA1 C6    H62    sing N N 210 
PA1 O6    HO6    sing N N 211 
U   OP3   P      sing N N 212 
U   OP3   HOP3   sing N N 213 
U   P     OP1    doub N N 214 
U   P     OP2    sing N N 215 
U   P     "O5'"  sing N N 216 
U   OP2   HOP2   sing N N 217 
U   "O5'" "C5'"  sing N N 218 
U   "C5'" "C4'"  sing N N 219 
U   "C5'" "H5'"  sing N N 220 
U   "C5'" "H5''" sing N N 221 
U   "C4'" "O4'"  sing N N 222 
U   "C4'" "C3'"  sing N N 223 
U   "C4'" "H4'"  sing N N 224 
U   "O4'" "C1'"  sing N N 225 
U   "C3'" "O3'"  sing N N 226 
U   "C3'" "C2'"  sing N N 227 
U   "C3'" "H3'"  sing N N 228 
U   "O3'" "HO3'" sing N N 229 
U   "C2'" "O2'"  sing N N 230 
U   "C2'" "C1'"  sing N N 231 
U   "C2'" "H2'"  sing N N 232 
U   "O2'" "HO2'" sing N N 233 
U   "C1'" N1     sing N N 234 
U   "C1'" "H1'"  sing N N 235 
U   N1    C2     sing N N 236 
U   N1    C6     sing N N 237 
U   C2    O2     doub N N 238 
U   C2    N3     sing N N 239 
U   N3    C4     sing N N 240 
U   N3    H3     sing N N 241 
U   C4    O4     doub N N 242 
U   C4    C5     sing N N 243 
U   C5    C6     doub N N 244 
U   C5    H5     sing N N 245 
U   C6    H6     sing N N 246 
# 
loop_
_ndb_struct_conf_na.entry_id 
_ndb_struct_conf_na.feature 
1PBR 'double helix'         
1PBR 'a-form double helix'  
1PBR tetraloop              
1PBR 'bulge loop'           
1PBR 'mismatched base pair' 
1PBR 'internal loop'        
1PBR 'triple helix'         
# 
loop_
_ndb_struct_na_base_pair.model_number 
_ndb_struct_na_base_pair.i_label_asym_id 
_ndb_struct_na_base_pair.i_label_comp_id 
_ndb_struct_na_base_pair.i_label_seq_id 
_ndb_struct_na_base_pair.i_symmetry 
_ndb_struct_na_base_pair.j_label_asym_id 
_ndb_struct_na_base_pair.j_label_comp_id 
_ndb_struct_na_base_pair.j_label_seq_id 
_ndb_struct_na_base_pair.j_symmetry 
_ndb_struct_na_base_pair.shear 
_ndb_struct_na_base_pair.stretch 
_ndb_struct_na_base_pair.stagger 
_ndb_struct_na_base_pair.buckle 
_ndb_struct_na_base_pair.propeller 
_ndb_struct_na_base_pair.opening 
_ndb_struct_na_base_pair.pair_number 
_ndb_struct_na_base_pair.pair_name 
_ndb_struct_na_base_pair.i_auth_asym_id 
_ndb_struct_na_base_pair.i_auth_seq_id 
_ndb_struct_na_base_pair.i_PDB_ins_code 
_ndb_struct_na_base_pair.j_auth_asym_id 
_ndb_struct_na_base_pair.j_auth_seq_id 
_ndb_struct_na_base_pair.j_PDB_ins_code 
_ndb_struct_na_base_pair.hbond_type_28 
_ndb_struct_na_base_pair.hbond_type_12 
1 A G 1  1_555 A C 27 1_555 -0.230 0.211  0.354  19.297  21.940  -1.441   1  A_G1:C27_A  A 1  ? A 27 ? 19 1 
1 A G 2  1_555 A C 26 1_555 -0.154 -0.182 -1.290 9.438   -1.990  -2.840   2  A_G2:C26_A  A 2  ? A 26 ? 19 1 
1 A C 3  1_555 A G 25 1_555 0.193  -0.013 -1.357 12.964  -8.924  3.386    3  A_C3:G25_A  A 3  ? A 25 ? 19 1 
1 A G 4  1_555 A C 24 1_555 -0.257 0.078  -1.197 -20.244 -17.883 4.306    4  A_G4:C24_A  A 4  ? A 24 ? 19 1 
1 A C 6  1_555 A G 22 1_555 0.064  -0.037 -1.329 12.849  7.557   -4.339   5  A_C6:G22_A  A 6  ? A 22 ? 19 1 
1 A C 8  1_555 A G 19 1_555 0.171  0.107  0.444  6.966   -19.429 -2.410   6  A_C8:G19_A  A 8  ? A 19 ? 19 1 
1 A A 9  1_555 A U 18 1_555 0.235  0.160  0.306  -12.418 -26.877 -6.316   7  A_A9:U18_A  A 9  ? A 18 ? 20 1 
1 A C 10 1_555 A G 17 1_555 0.041  0.175  0.619  -14.146 -17.498 -3.519   8  A_C10:G17_A A 10 ? A 17 ? 19 1 
1 A C 11 1_555 A G 16 1_555 0.135  0.113  0.679  -2.399  -11.208 -5.820   9  A_C11:G16_A A 11 ? A 16 ? 19 1 
1 A U 12 1_555 A G 15 1_555 0.317  -5.990 1.018  -8.848  -6.883  -111.223 10 A_U12:G15_A A 12 ? A 15 ? ?  2 
# 
loop_
_ndb_struct_na_base_pair_step.model_number 
_ndb_struct_na_base_pair_step.i_label_asym_id_1 
_ndb_struct_na_base_pair_step.i_label_comp_id_1 
_ndb_struct_na_base_pair_step.i_label_seq_id_1 
_ndb_struct_na_base_pair_step.i_symmetry_1 
_ndb_struct_na_base_pair_step.j_label_asym_id_1 
_ndb_struct_na_base_pair_step.j_label_comp_id_1 
_ndb_struct_na_base_pair_step.j_label_seq_id_1 
_ndb_struct_na_base_pair_step.j_symmetry_1 
_ndb_struct_na_base_pair_step.i_label_asym_id_2 
_ndb_struct_na_base_pair_step.i_label_comp_id_2 
_ndb_struct_na_base_pair_step.i_label_seq_id_2 
_ndb_struct_na_base_pair_step.i_symmetry_2 
_ndb_struct_na_base_pair_step.j_label_asym_id_2 
_ndb_struct_na_base_pair_step.j_label_comp_id_2 
_ndb_struct_na_base_pair_step.j_label_seq_id_2 
_ndb_struct_na_base_pair_step.j_symmetry_2 
_ndb_struct_na_base_pair_step.shift 
_ndb_struct_na_base_pair_step.slide 
_ndb_struct_na_base_pair_step.rise 
_ndb_struct_na_base_pair_step.tilt 
_ndb_struct_na_base_pair_step.roll 
_ndb_struct_na_base_pair_step.twist 
_ndb_struct_na_base_pair_step.x_displacement 
_ndb_struct_na_base_pair_step.y_displacement 
_ndb_struct_na_base_pair_step.helical_rise 
_ndb_struct_na_base_pair_step.inclination 
_ndb_struct_na_base_pair_step.tip 
_ndb_struct_na_base_pair_step.helical_twist 
_ndb_struct_na_base_pair_step.step_number 
_ndb_struct_na_base_pair_step.step_name 
_ndb_struct_na_base_pair_step.i_auth_asym_id_1 
_ndb_struct_na_base_pair_step.i_auth_seq_id_1 
_ndb_struct_na_base_pair_step.i_PDB_ins_code_1 
_ndb_struct_na_base_pair_step.j_auth_asym_id_1 
_ndb_struct_na_base_pair_step.j_auth_seq_id_1 
_ndb_struct_na_base_pair_step.j_PDB_ins_code_1 
_ndb_struct_na_base_pair_step.i_auth_asym_id_2 
_ndb_struct_na_base_pair_step.i_auth_seq_id_2 
_ndb_struct_na_base_pair_step.i_PDB_ins_code_2 
_ndb_struct_na_base_pair_step.j_auth_asym_id_2 
_ndb_struct_na_base_pair_step.j_auth_seq_id_2 
_ndb_struct_na_base_pair_step.j_PDB_ins_code_2 
1 A G 1  1_555 A C 27 1_555 A G 2  1_555 A C 26 1_555 -0.132 -1.474 4.005 12.220 12.280 24.858  -5.630 3.042  2.665 25.016 -24.895 
30.221  1 AA_G1G2:C26C27_AA   A 1  ? A 27 ? A 2  ? A 26 ? 
1 A G 2  1_555 A C 26 1_555 A C 3  1_555 A G 25 1_555 0.380  -1.659 3.494 0.708  1.874  27.200  -4.011 -0.620 3.382 3.978  -1.503  
27.273  2 AA_G2C3:G25C26_AA   A 2  ? A 26 ? A 3  ? A 25 ? 
1 A C 3  1_555 A G 25 1_555 A G 4  1_555 A C 24 1_555 -0.152 -1.121 4.700 1.052  19.478 31.465  -5.339 0.433  3.447 32.324 -1.746  
36.891  3 AA_C3G4:C24G25_AA   A 3  ? A 25 ? A 4  ? A 24 ? 
1 A G 4  1_555 A C 24 1_555 A C 6  1_555 A G 22 1_555 0.402  -2.550 6.426 -2.921 0.015  58.803  -2.596 -0.704 6.400 0.016  2.973   
58.869  4 AA_G4C6:G22C24_AA   A 4  ? A 24 ? A 6  ? A 22 ? 
1 A C 8  1_555 A G 19 1_555 A A 9  1_555 A U 18 1_555 0.454  -1.461 3.576 5.003  11.586 40.876  -3.222 -0.098 3.101 16.131 -6.966  
42.701  5 AA_C8A9:U18G19_AA   A 8  ? A 19 ? A 9  ? A 18 ? 
1 A A 9  1_555 A U 18 1_555 A C 10 1_555 A G 17 1_555 0.092  -1.383 3.428 0.979  -2.127 30.425  -2.178 0.032  3.516 -4.046 -1.862  
30.513  6 AA_A9C10:G17U18_AA  A 9  ? A 18 ? A 10 ? A 17 ? 
1 A C 10 1_555 A G 17 1_555 A C 11 1_555 A G 16 1_555 0.112  -1.375 3.168 -0.329 0.650  27.985  -2.991 -0.307 3.134 1.344  0.680   
27.994  7 AA_C10C11:G16G17_AA A 10 ? A 17 ? A 11 ? A 16 ? 
1 A C 11 1_555 A G 16 1_555 A U 12 1_555 A G 15 1_555 0.926  -1.054 3.532 3.482  2.168  112.389 -0.661 -0.514 3.536 1.304  -2.095  
112.438 8 AA_C11U12:G15G16_AA A 11 ? A 16 ? A 12 ? A 15 ? 
# 
loop_
_pdbx_entity_branch_list.entity_id 
_pdbx_entity_branch_list.comp_id 
_pdbx_entity_branch_list.num 
_pdbx_entity_branch_list.hetero 
2 BDR 1 n 
2 IDG 2 n 
# 
_atom_sites.entry_id                    1PBR 
_atom_sites.fract_transf_matrix[1][1]   1.000000 
_atom_sites.fract_transf_matrix[1][2]   0.000000 
_atom_sites.fract_transf_matrix[1][3]   0.000000 
_atom_sites.fract_transf_matrix[2][1]   0.000000 
_atom_sites.fract_transf_matrix[2][2]   1.000000 
_atom_sites.fract_transf_matrix[2][3]   0.000000 
_atom_sites.fract_transf_matrix[3][1]   0.000000 
_atom_sites.fract_transf_matrix[3][2]   0.000000 
_atom_sites.fract_transf_matrix[3][3]   1.000000 
_atom_sites.fract_transf_vector[1]      0.00000 
_atom_sites.fract_transf_vector[2]      0.00000 
_atom_sites.fract_transf_vector[3]      0.00000 
# 
loop_
_atom_type.symbol 
C 
H 
N 
O 
P 
# 
loop_
_atom_site.group_PDB 
_atom_site.id 
_atom_site.type_symbol 
_atom_site.label_atom_id 
_atom_site.label_alt_id 
_atom_site.label_comp_id 
_atom_site.label_asym_id 
_atom_site.label_entity_id 
_atom_site.label_seq_id 
_atom_site.pdbx_PDB_ins_code 
_atom_site.Cartn_x 
_atom_site.Cartn_y 
_atom_site.Cartn_z 
_atom_site.occupancy 
_atom_site.B_iso_or_equiv 
_atom_site.pdbx_formal_charge 
_atom_site.auth_seq_id 
_atom_site.auth_comp_id 
_atom_site.auth_asym_id 
_atom_site.auth_atom_id 
_atom_site.pdbx_PDB_model_num 
ATOM   1   P P      . G   A 1 1  ? 9.549   13.520  -15.625 1.00 0.00 ? 1   G   A P      1 
ATOM   2   O OP1    . G   A 1 1  ? 9.983   12.131  -16.099 1.00 0.00 ? 1   G   A OP1    1 
ATOM   3   O OP2    . G   A 1 1  ? 9.901   14.555  -16.696 1.00 0.00 ? 1   G   A OP2    1 
ATOM   4   O "O5'"  . G   A 1 1  ? 7.955   13.535  -15.367 1.00 0.00 ? 1   G   A "O5'"  1 
ATOM   5   C "C5'"  . G   A 1 1  ? 7.355   12.737  -14.340 1.00 0.00 ? 1   G   A "C5'"  1 
ATOM   6   C "C4'"  . G   A 1 1  ? 5.833   12.951  -14.333 1.00 0.00 ? 1   G   A "C4'"  1 
ATOM   7   O "O4'"  . G   A 1 1  ? 5.250   12.562  -15.597 1.00 0.00 ? 1   G   A "O4'"  1 
ATOM   8   C "C3'"  . G   A 1 1  ? 5.088   12.123  -13.276 1.00 0.00 ? 1   G   A "C3'"  1 
ATOM   9   O "O3'"  . G   A 1 1  ? 5.148   12.715  -11.965 1.00 0.00 ? 1   G   A "O3'"  1 
ATOM   10  C "C2'"  . G   A 1 1  ? 3.677   12.080  -13.871 1.00 0.00 ? 1   G   A "C2'"  1 
ATOM   11  O "O2'"  . G   A 1 1  ? 2.972   13.293  -13.611 1.00 0.00 ? 1   G   A "O2'"  1 
ATOM   12  C "C1'"  . G   A 1 1  ? 3.955   11.954  -15.378 1.00 0.00 ? 1   G   A "C1'"  1 
ATOM   13  N N9     . G   A 1 1  ? 3.942   10.526  -15.844 1.00 0.00 ? 1   G   A N9     1 
ATOM   14  C C8     . G   A 1 1  ? 4.983   9.622   -16.021 1.00 0.00 ? 1   G   A C8     1 
ATOM   15  N N7     . G   A 1 1  ? 4.778   8.367   -16.544 1.00 0.00 ? 1   G   A N7     1 
ATOM   16  C C5     . G   A 1 1  ? 3.416   8.475   -16.724 1.00 0.00 ? 1   G   A C5     1 
ATOM   17  C C6     . G   A 1 1  ? 2.484   7.403   -17.341 1.00 0.00 ? 1   G   A C6     1 
ATOM   18  O O6     . G   A 1 1  ? 2.867   6.306   -17.739 1.00 0.00 ? 1   G   A O6     1 
ATOM   19  N N1     . G   A 1 1  ? 1.176   7.761   -17.419 1.00 0.00 ? 1   G   A N1     1 
ATOM   20  C C2     . G   A 1 1  ? 0.654   9.048   -16.931 1.00 0.00 ? 1   G   A C2     1 
ATOM   21  N N2     . G   A 1 1  ? -0.732  9.277   -16.996 1.00 0.00 ? 1   G   A N2     1 
ATOM   22  N N3     . G   A 1 1  ? 1.452   9.945   -16.439 1.00 0.00 ? 1   G   A N3     1 
ATOM   23  C C4     . G   A 1 1  ? 2.882   9.744   -16.302 1.00 0.00 ? 1   G   A C4     1 
ATOM   24  H "H5'"  . G   A 1 1  ? 7.784   13.014  -13.357 1.00 0.00 ? 1   G   A "H5'"  1 
ATOM   25  H "H5''" . G   A 1 1  ? 7.599   11.671  -14.502 1.00 0.00 ? 1   G   A "H5''" 1 
ATOM   26  H "H4'"  . G   A 1 1  ? 5.627   14.028  -14.172 1.00 0.00 ? 1   G   A "H4'"  1 
ATOM   27  H "H3'"  . G   A 1 1  ? 5.502   11.094  -13.247 1.00 0.00 ? 1   G   A "H3'"  1 
ATOM   28  H "H2'"  . G   A 1 1  ? 3.087   11.242  -13.475 1.00 0.00 ? 1   G   A "H2'"  1 
ATOM   29  H "HO2'" . G   A 1 1  ? 2.882   13.347  -12.657 1.00 0.00 ? 1   G   A "HO2'" 1 
ATOM   30  H "H1'"  . G   A 1 1  ? 3.186   12.512  -15.942 1.00 0.00 ? 1   G   A "H1'"  1 
ATOM   31  H H8     . G   A 1 1  ? 5.991   9.910   -15.760 1.00 0.00 ? 1   G   A H8     1 
ATOM   32  H H1     . G   A 1 1  ? 0.559   7.045   -17.818 1.00 0.00 ? 1   G   A H1     1 
ATOM   33  H H21    . G   A 1 1  ? -1.340  8.548   -17.385 1.00 0.00 ? 1   G   A H21    1 
ATOM   34  H H22    . G   A 1 1  ? -1.105  10.169  -16.654 1.00 0.00 ? 1   G   A H22    1 
ATOM   35  P P      . G   A 1 2  ? 4.812   11.871  -10.617 1.00 0.00 ? 2   G   A P      1 
ATOM   36  O OP1    . G   A 1 2  ? 5.177   12.713  -9.391  1.00 0.00 ? 2   G   A OP1    1 
ATOM   37  O OP2    . G   A 1 2  ? 5.634   10.580  -10.597 1.00 0.00 ? 2   G   A OP2    1 
ATOM   38  O "O5'"  . G   A 1 2  ? 3.237   11.503  -10.576 1.00 0.00 ? 2   G   A "O5'"  1 
ATOM   39  C "C5'"  . G   A 1 2  ? 2.230   12.509  -10.395 1.00 0.00 ? 2   G   A "C5'"  1 
ATOM   40  C "C4'"  . G   A 1 2  ? 0.841   11.989  -10.797 1.00 0.00 ? 2   G   A "C4'"  1 
ATOM   41  O "O4'"  . G   A 1 2  ? 0.850   11.475  -12.144 1.00 0.00 ? 2   G   A "O4'"  1 
ATOM   42  C "C3'"  . G   A 1 2  ? 0.296   10.840  -9.939  1.00 0.00 ? 2   G   A "C3'"  1 
ATOM   43  O "O3'"  . G   A 1 2  ? -0.234  11.294  -8.681  1.00 0.00 ? 2   G   A "O3'"  1 
ATOM   44  C "C2'"  . G   A 1 2  ? -0.765  10.247  -10.873 1.00 0.00 ? 2   G   A "C2'"  1 
ATOM   45  O "O2'"  . G   A 1 2  ? -1.976  10.997  -10.822 1.00 0.00 ? 2   G   A "O2'"  1 
ATOM   46  C "C1'"  . G   A 1 2  ? -0.123  10.411  -12.262 1.00 0.00 ? 2   G   A "C1'"  1 
ATOM   47  N N9     . G   A 1 2  ? 0.504   9.134   -12.736 1.00 0.00 ? 2   G   A N9     1 
ATOM   48  C C8     . G   A 1 2  ? 1.817   8.681   -12.688 1.00 0.00 ? 2   G   A C8     1 
ATOM   49  N N7     . G   A 1 2  ? 2.195   7.486   -13.256 1.00 0.00 ? 2   G   A N7     1 
ATOM   50  C C5     . G   A 1 2  ? 0.948   7.110   -13.710 1.00 0.00 ? 2   G   A C5     1 
ATOM   51  C C6     . G   A 1 2  ? 0.603   5.826   -14.503 1.00 0.00 ? 2   G   A C6     1 
ATOM   52  O O6     . G   A 1 2  ? 1.440   4.990   -14.832 1.00 0.00 ? 2   G   A O6     1 
ATOM   53  N N1     . G   A 1 2  ? -0.714  5.689   -14.827 1.00 0.00 ? 2   G   A N1     1 
ATOM   54  C C2     . G   A 1 2  ? -1.744  6.637   -14.413 1.00 0.00 ? 2   G   A C2     1 
ATOM   55  N N2     . G   A 1 2  ? -3.073  6.311   -14.703 1.00 0.00 ? 2   G   A N2     1 
ATOM   56  N N3     . G   A 1 2  ? -1.441  7.726   -13.779 1.00 0.00 ? 2   G   A N3     1 
ATOM   57  C C4     . G   A 1 2  ? -0.085  8.057   -13.390 1.00 0.00 ? 2   G   A C4     1 
ATOM   58  H "H5'"  . G   A 1 2  ? 2.475   13.401  -11.001 1.00 0.00 ? 2   G   A "H5'"  1 
ATOM   59  H "H5''" . G   A 1 2  ? 2.226   12.850  -9.343  1.00 0.00 ? 2   G   A "H5''" 1 
ATOM   60  H "H4'"  . G   A 1 2  ? 0.133   12.840  -10.756 1.00 0.00 ? 2   G   A "H4'"  1 
ATOM   61  H "H3'"  . G   A 1 2  ? 1.093   10.089  -9.768  1.00 0.00 ? 2   G   A "H3'"  1 
ATOM   62  H "H2'"  . G   A 1 2  ? -0.986  9.198   -10.613 1.00 0.00 ? 2   G   A "H2'"  1 
ATOM   63  H "HO2'" . G   A 1 2  ? -2.561  10.598  -11.470 1.00 0.00 ? 2   G   A "HO2'" 1 
ATOM   64  H "H1'"  . G   A 1 2  ? -0.890  10.716  -12.999 1.00 0.00 ? 2   G   A "H1'"  1 
ATOM   65  H H8     . G   A 1 2  ? 2.560   9.254   -12.156 1.00 0.00 ? 2   G   A H8     1 
ATOM   66  H H1     . G   A 1 2  ? -0.989  4.877   -15.393 1.00 0.00 ? 2   G   A H1     1 
ATOM   67  H H21    . G   A 1 2  ? -3.275  5.434   -15.198 1.00 0.00 ? 2   G   A H21    1 
ATOM   68  H H22    . G   A 1 2  ? -3.819  6.953   -14.415 1.00 0.00 ? 2   G   A H22    1 
ATOM   69  P P      . C   A 1 3  ? -0.473  10.288  -7.432  1.00 0.00 ? 3   C   A P      1 
ATOM   70  O OP1    . C   A 1 3  ? -0.944  11.090  -6.216  1.00 0.00 ? 3   C   A OP1    1 
ATOM   71  O OP2    . C   A 1 3  ? 0.838   9.578   -7.087  1.00 0.00 ? 3   C   A OP2    1 
ATOM   72  O "O5'"  . C   A 1 3  ? -1.588  9.182   -7.824  1.00 0.00 ? 3   C   A "O5'"  1 
ATOM   73  C "C5'"  . C   A 1 3  ? -2.970  9.523   -8.003  1.00 0.00 ? 3   C   A "C5'"  1 
ATOM   74  C "C4'"  . C   A 1 3  ? -3.748  8.379   -8.678  1.00 0.00 ? 3   C   A "C4'"  1 
ATOM   75  O "O4'"  . C   A 1 3  ? -3.178  8.015   -9.950  1.00 0.00 ? 3   C   A "O4'"  1 
ATOM   76  C "C3'"  . C   A 1 3  ? -3.785  7.077   -7.875  1.00 0.00 ? 3   C   A "C3'"  1 
ATOM   77  O "O3'"  . C   A 1 3  ? -4.720  7.172   -6.783  1.00 0.00 ? 3   C   A "O3'"  1 
ATOM   78  C "C2'"  . C   A 1 3  ? -4.158  6.058   -8.957  1.00 0.00 ? 3   C   A "C2'"  1 
ATOM   79  O "O2'"  . C   A 1 3  ? -5.565  6.039   -9.182  1.00 0.00 ? 3   C   A "O2'"  1 
ATOM   80  C "C1'"  . C   A 1 3  ? -3.424  6.608   -10.209 1.00 0.00 ? 3   C   A "C1'"  1 
ATOM   81  N N1     . C   A 1 3  ? -2.165  5.863   -10.524 1.00 0.00 ? 3   C   A N1     1 
ATOM   82  C C2     . C   A 1 3  ? -2.211  4.685   -11.270 1.00 0.00 ? 3   C   A C2     1 
ATOM   83  O O2     . C   A 1 3  ? -3.271  4.220   -11.685 1.00 0.00 ? 3   C   A O2     1 
ATOM   84  N N3     . C   A 1 3  ? -0.950  3.992   -11.531 1.00 0.00 ? 3   C   A N3     1 
ATOM   85  C C4     . C   A 1 3  ? 0.180   4.394   -11.042 1.00 0.00 ? 3   C   A C4     1 
ATOM   86  N N4     . C   A 1 3  ? 1.308   3.596   -11.295 1.00 0.00 ? 3   C   A N4     1 
ATOM   87  C C5     . C   A 1 3  ? 0.281   5.541   -10.297 1.00 0.00 ? 3   C   A C5     1 
ATOM   88  C C6     . C   A 1 3  ? -0.822  6.297   -10.017 1.00 0.00 ? 3   C   A C6     1 
ATOM   89  H "H5'"  . C   A 1 3  ? -3.062  10.442  -8.607  1.00 0.00 ? 3   C   A "H5'"  1 
ATOM   90  H "H5''" . C   A 1 3  ? -3.421  9.763   -7.023  1.00 0.00 ? 3   C   A "H5''" 1 
ATOM   91  H "H4'"  . C   A 1 3  ? -4.783  8.731   -8.854  1.00 0.00 ? 3   C   A "H4'"  1 
ATOM   92  H "H3'"  . C   A 1 3  ? -2.770  6.844   -7.495  1.00 0.00 ? 3   C   A "H3'"  1 
ATOM   93  H "H2'"  . C   A 1 3  ? -3.834  5.040   -8.675  1.00 0.00 ? 3   C   A "H2'"  1 
ATOM   94  H "HO2'" . C   A 1 3  ? -5.809  6.938   -9.414  1.00 0.00 ? 3   C   A "HO2'" 1 
ATOM   95  H "H1'"  . C   A 1 3  ? -4.081  6.550   -11.102 1.00 0.00 ? 3   C   A "H1'"  1 
ATOM   96  H H41    . C   A 1 3  ? 1.199   2.742   -11.853 1.00 0.00 ? 3   C   A H41    1 
ATOM   97  H H42    . C   A 1 3  ? 2.218   3.884   -10.918 1.00 0.00 ? 3   C   A H42    1 
ATOM   98  H H5     . C   A 1 3  ? 1.247   5.871   -9.909  1.00 0.00 ? 3   C   A H5     1 
ATOM   99  H H6     . C   A 1 3  ? -0.723  7.206   -9.425  1.00 0.00 ? 3   C   A H6     1 
ATOM   100 P P      . G   A 1 4  ? -4.579  6.324   -5.407  1.00 0.00 ? 4   G   A P      1 
ATOM   101 O OP1    . G   A 1 4  ? -5.326  7.056   -4.288  1.00 0.00 ? 4   G   A OP1    1 
ATOM   102 O OP2    . G   A 1 4  ? -3.105  6.188   -5.013  1.00 0.00 ? 4   G   A OP2    1 
ATOM   103 O "O5'"  . G   A 1 4  ? -5.216  4.858   -5.608  1.00 0.00 ? 4   G   A "O5'"  1 
ATOM   104 C "C5'"  . G   A 1 4  ? -6.620  4.664   -5.839  1.00 0.00 ? 4   G   A "C5'"  1 
ATOM   105 C "C4'"  . G   A 1 4  ? -6.877  3.276   -6.440  1.00 0.00 ? 4   G   A "C4'"  1 
ATOM   106 O "O4'"  . G   A 1 4  ? -6.140  3.134   -7.671  1.00 0.00 ? 4   G   A "O4'"  1 
ATOM   107 C "C3'"  . G   A 1 4  ? -6.448  2.095   -5.554  1.00 0.00 ? 4   G   A "C3'"  1 
ATOM   108 O "O3'"  . G   A 1 4  ? -7.452  1.748   -4.582  1.00 0.00 ? 4   G   A "O3'"  1 
ATOM   109 C "C2'"  . G   A 1 4  ? -6.197  0.997   -6.591  1.00 0.00 ? 4   G   A "C2'"  1 
ATOM   110 O "O2'"  . G   A 1 4  ? -7.417  0.365   -6.974  1.00 0.00 ? 4   G   A "O2'"  1 
ATOM   111 C "C1'"  . G   A 1 4  ? -5.627  1.791   -7.785  1.00 0.00 ? 4   G   A "C1'"  1 
ATOM   112 N N9     . G   A 1 4  ? -4.127  1.782   -7.800  1.00 0.00 ? 4   G   A N9     1 
ATOM   113 C C8     . G   A 1 4  ? -3.186  2.765   -7.514  1.00 0.00 ? 4   G   A C8     1 
ATOM   114 N N7     . G   A 1 4  ? -1.832  2.532   -7.626  1.00 0.00 ? 4   G   A N7     1 
ATOM   115 C C5     . G   A 1 4  ? -1.920  1.217   -8.035  1.00 0.00 ? 4   G   A C5     1 
ATOM   116 C C6     . G   A 1 4  ? -0.741  0.267   -8.365  1.00 0.00 ? 4   G   A C6     1 
ATOM   117 O O6     . G   A 1 4  ? 0.444   0.579   -8.275  1.00 0.00 ? 4   G   A O6     1 
ATOM   118 N N1     . G   A 1 4  ? -1.107  -0.979  -8.767  1.00 0.00 ? 4   G   A N1     1 
ATOM   119 C C2     . G   A 1 4  ? -2.508  -1.419  -8.867  1.00 0.00 ? 4   G   A C2     1 
ATOM   120 N N2     . G   A 1 4  ? -2.786  -2.715  -9.318  1.00 0.00 ? 4   G   A N2     1 
ATOM   121 N N3     . G   A 1 4  ? -3.479  -0.621  -8.563  1.00 0.00 ? 4   G   A N3     1 
ATOM   122 C C4     . G   A 1 4  ? -3.273  0.746   -8.143  1.00 0.00 ? 4   G   A C4     1 
ATOM   123 H "H5'"  . G   A 1 4  ? -7.001  5.440   -6.530  1.00 0.00 ? 4   G   A "H5'"  1 
ATOM   124 H "H5''" . G   A 1 4  ? -7.177  4.789   -4.892  1.00 0.00 ? 4   G   A "H5''" 1 
ATOM   125 H "H4'"  . G   A 1 4  ? -7.956  3.186   -6.673  1.00 0.00 ? 4   G   A "H4'"  1 
ATOM   126 H "H3'"  . G   A 1 4  ? -5.489  2.331   -5.049  1.00 0.00 ? 4   G   A "H3'"  1 
ATOM   127 H "H2'"  . G   A 1 4  ? -5.507  0.224   -6.202  1.00 0.00 ? 4   G   A "H2'"  1 
ATOM   128 H "HO2'" . G   A 1 4  ? -7.184  -0.268  -7.656  1.00 0.00 ? 4   G   A "HO2'" 1 
ATOM   129 H "H1'"  . G   A 1 4  ? -5.983  1.357   -8.740  1.00 0.00 ? 4   G   A "H1'"  1 
ATOM   130 H H8     . G   A 1 4  ? -3.515  3.739   -7.187  1.00 0.00 ? 4   G   A H8     1 
ATOM   131 H H1     . G   A 1 4  ? -0.327  -1.604  -8.998  1.00 0.00 ? 4   G   A H1     1 
ATOM   132 H H21    . G   A 1 4  ? -2.007  -3.336  -9.564  1.00 0.00 ? 4   G   A H21    1 
ATOM   133 H H22    . G   A 1 4  ? -3.764  -3.017  -9.395  1.00 0.00 ? 4   G   A H22    1 
ATOM   134 P P      . U   A 1 5  ? -7.081  1.027   -3.175  1.00 0.00 ? 5   U   A P      1 
ATOM   135 O OP1    . U   A 1 5  ? -8.349  0.888   -2.327  1.00 0.00 ? 5   U   A OP1    1 
ATOM   136 O OP2    . U   A 1 5  ? -6.072  1.888   -2.416  1.00 0.00 ? 5   U   A OP2    1 
ATOM   137 O "O5'"  . U   A 1 5  ? -6.443  -0.438  -3.458  1.00 0.00 ? 5   U   A "O5'"  1 
ATOM   138 C "C5'"  . U   A 1 5  ? -7.256  -1.527  -3.923  1.00 0.00 ? 5   U   A "C5'"  1 
ATOM   139 C "C4'"  . U   A 1 5  ? -6.427  -2.769  -4.286  1.00 0.00 ? 5   U   A "C4'"  1 
ATOM   140 O "O4'"  . U   A 1 5  ? -5.480  -2.484  -5.338  1.00 0.00 ? 5   U   A "O4'"  1 
ATOM   141 C "C3'"  . U   A 1 5  ? -5.580  -3.359  -3.151  1.00 0.00 ? 5   U   A "C3'"  1 
ATOM   142 O "O3'"  . U   A 1 5  ? -6.341  -4.118  -2.192  1.00 0.00 ? 5   U   A "O3'"  1 
ATOM   143 C "C2'"  . U   A 1 5  ? -4.594  -4.215  -3.952  1.00 0.00 ? 5   U   A "C2'"  1 
ATOM   144 O "O2'"  . U   A 1 5  ? -5.123  -5.517  -4.192  1.00 0.00 ? 5   U   A "O2'"  1 
ATOM   145 C "C1'"  . U   A 1 5  ? -4.423  -3.479  -5.299  1.00 0.00 ? 5   U   A "C1'"  1 
ATOM   146 N N1     . U   A 1 5  ? -3.049  -2.913  -5.491  1.00 0.00 ? 5   U   A N1     1 
ATOM   147 C C2     . U   A 1 5  ? -1.998  -3.760  -5.864  1.00 0.00 ? 5   U   A C2     1 
ATOM   148 O O2     . U   A 1 5  ? -2.167  -4.955  -6.116  1.00 0.00 ? 5   U   A O2     1 
ATOM   149 N N3     . U   A 1 5  ? -0.715  -3.287  -5.945  1.00 0.00 ? 5   U   A N3     1 
ATOM   150 C C4     . U   A 1 5  ? -0.353  -2.008  -5.651  1.00 0.00 ? 5   U   A C4     1 
ATOM   151 O O4     . U   A 1 5  ? 0.805   -1.621  -5.781  1.00 0.00 ? 5   U   A O4     1 
ATOM   152 C C5     . U   A 1 5  ? -1.473  -1.057  -5.182  1.00 0.00 ? 5   U   A C5     1 
ATOM   153 C C6     . U   A 1 5  ? -2.754  -1.481  -5.196  1.00 0.00 ? 5   U   A C6     1 
ATOM   154 H "H5'"  . U   A 1 5  ? -7.841  -1.205  -4.805  1.00 0.00 ? 5   U   A "H5'"  1 
ATOM   155 H "H5''" . U   A 1 5  ? -8.000  -1.789  -3.146  1.00 0.00 ? 5   U   A "H5''" 1 
ATOM   156 H "H4'"  . U   A 1 5  ? -7.130  -3.542  -4.655  1.00 0.00 ? 5   U   A "H4'"  1 
ATOM   157 H "H3'"  . U   A 1 5  ? -5.039  -2.555  -2.616  1.00 0.00 ? 5   U   A "H3'"  1 
ATOM   158 H "H2'"  . U   A 1 5  ? -3.651  -4.311  -3.395  1.00 0.00 ? 5   U   A "H2'"  1 
ATOM   159 H "HO2'" . U   A 1 5  ? -5.249  -5.917  -3.328  1.00 0.00 ? 5   U   A "HO2'" 1 
ATOM   160 H "H1'"  . U   A 1 5  ? -4.604  -4.201  -6.120  1.00 0.00 ? 5   U   A "H1'"  1 
ATOM   161 H H3     . U   A 1 5  ? 0.029   -3.936  -6.223  1.00 0.00 ? 5   U   A H3     1 
ATOM   162 H H5     . U   A 1 5  ? -1.238  -0.055  -4.859  1.00 0.00 ? 5   U   A H5     1 
ATOM   163 H H6     . U   A 1 5  ? -3.530  -0.738  -5.013  1.00 0.00 ? 5   U   A H6     1 
ATOM   164 P P      . C   A 1 6  ? -5.747  -4.474  -0.718  1.00 0.00 ? 6   C   A P      1 
ATOM   165 O OP1    . C   A 1 6  ? -6.831  -5.166  0.110   1.00 0.00 ? 6   C   A OP1    1 
ATOM   166 O OP2    . C   A 1 6  ? -5.331  -3.182  -0.011  1.00 0.00 ? 6   C   A OP2    1 
ATOM   167 O "O5'"  . C   A 1 6  ? -4.454  -5.448  -0.855  1.00 0.00 ? 6   C   A "O5'"  1 
ATOM   168 C "C5'"  . C   A 1 6  ? -4.583  -6.827  -1.236  1.00 0.00 ? 6   C   A "C5'"  1 
ATOM   169 C "C4'"  . C   A 1 6  ? -3.281  -7.399  -1.827  1.00 0.00 ? 6   C   A "C4'"  1 
ATOM   170 O "O4'"  . C   A 1 6  ? -2.735  -6.530  -2.836  1.00 0.00 ? 6   C   A "O4'"  1 
ATOM   171 C "C3'"  . C   A 1 6  ? -2.120  -7.599  -0.848  1.00 0.00 ? 6   C   A "C3'"  1 
ATOM   172 O "O3'"  . C   A 1 6  ? -2.305  -8.744  0.002   1.00 0.00 ? 6   C   A "O3'"  1 
ATOM   173 C "C2'"  . C   A 1 6  ? -0.942  -7.741  -1.821  1.00 0.00 ? 6   C   A "C2'"  1 
ATOM   174 O "O2'"  . C   A 1 6  ? -0.872  -9.055  -2.368  1.00 0.00 ? 6   C   A "O2'"  1 
ATOM   175 C "C1'"  . C   A 1 6  ? -1.307  -6.743  -2.944  1.00 0.00 ? 6   C   A "C1'"  1 
ATOM   176 N N1     . C   A 1 6  ? -0.502  -5.488  -2.864  1.00 0.00 ? 6   C   A N1     1 
ATOM   177 C C2     . C   A 1 6  ? 0.814   -5.473  -3.322  1.00 0.00 ? 6   C   A C2     1 
ATOM   178 O O2     . C   A 1 6  ? 1.344   -6.475  -3.800  1.00 0.00 ? 6   C   A O2     1 
ATOM   179 N N3     . C   A 1 6  ? 1.560   -4.218  -3.213  1.00 0.00 ? 6   C   A N3     1 
ATOM   180 C C4     . C   A 1 6  ? 1.035   -3.136  -2.732  1.00 0.00 ? 6   C   A C4     1 
ATOM   181 N N4     . C   A 1 6  ? 1.855   -1.998  -2.664  1.00 0.00 ? 6   C   A N4     1 
ATOM   182 C C5     . C   A 1 6  ? -0.269  -3.089  -2.312  1.00 0.00 ? 6   C   A C5     1 
ATOM   183 C C6     . C   A 1 6  ? -1.046  -4.211  -2.305  1.00 0.00 ? 6   C   A C6     1 
ATOM   184 H "H5'"  . C   A 1 6  ? -5.390  -6.931  -1.985  1.00 0.00 ? 6   C   A "H5'"  1 
ATOM   185 H "H5''" . C   A 1 6  ? -4.908  -7.426  -0.365  1.00 0.00 ? 6   C   A "H5''" 1 
ATOM   186 H "H4'"  . C   A 1 6  ? -3.529  -8.371  -2.298  1.00 0.00 ? 6   C   A "H4'"  1 
ATOM   187 H "H3'"  . C   A 1 6  ? -1.991  -6.684  -0.236  1.00 0.00 ? 6   C   A "H3'"  1 
ATOM   188 H "H2'"  . C   A 1 6  ? 0.018   -7.516  -1.316  1.00 0.00 ? 6   C   A "H2'"  1 
ATOM   189 H "HO2'" . C   A 1 6  ? -0.710  -9.643  -1.627  1.00 0.00 ? 6   C   A "HO2'" 1 
ATOM   190 H "H1'"  . C   A 1 6  ? -1.136  -7.179  -3.947  1.00 0.00 ? 6   C   A "H1'"  1 
ATOM   191 H H41    . C   A 1 6  ? 2.826   -2.063  -2.987  1.00 0.00 ? 6   C   A H41    1 
ATOM   192 H H42    . C   A 1 6  ? 1.466   -1.124  -2.291  1.00 0.00 ? 6   C   A H42    1 
ATOM   193 H H5     . C   A 1 6  ? -0.723  -2.152  -1.997  1.00 0.00 ? 6   C   A H5     1 
ATOM   194 H H6     . C   A 1 6  ? -2.054  -4.175  -1.899  1.00 0.00 ? 6   C   A H6     1 
ATOM   195 P P      . A   A 1 7  ? -1.470  -8.937  1.380   1.00 0.00 ? 7   A   A P      1 
ATOM   196 O OP1    . A   A 1 7  ? -1.997  -10.166 2.126   1.00 0.00 ? 7   A   A OP1    1 
ATOM   197 O OP2    . A   A 1 7  ? -1.646  -7.702  2.267   1.00 0.00 ? 7   A   A OP2    1 
ATOM   198 O "O5'"  . A   A 1 7  ? 0.102   -9.132  1.050   1.00 0.00 ? 7   A   A "O5'"  1 
ATOM   199 C "C5'"  . A   A 1 7  ? 0.611   -10.314 0.413   1.00 0.00 ? 7   A   A "C5'"  1 
ATOM   200 C "C4'"  . A   A 1 7  ? 2.134   -10.228 0.222   1.00 0.00 ? 7   A   A "C4'"  1 
ATOM   201 O "O4'"  . A   A 1 7  ? 2.511   -9.059  -0.527  1.00 0.00 ? 7   A   A "O4'"  1 
ATOM   202 C "C3'"  . A   A 1 7  ? 2.912   -10.113 1.534   1.00 0.00 ? 7   A   A "C3'"  1 
ATOM   203 O "O3'"  . A   A 1 7  ? 3.031   -11.378 2.207   1.00 0.00 ? 7   A   A "O3'"  1 
ATOM   204 C "C2'"  . A   A 1 7  ? 4.247   -9.524  1.080   1.00 0.00 ? 7   A   A "C2'"  1 
ATOM   205 O "O2'"  . A   A 1 7  ? 5.149   -10.552 0.680   1.00 0.00 ? 7   A   A "O2'"  1 
ATOM   206 C "C1'"  . A   A 1 7  ? 3.850   -8.659  -0.142  1.00 0.00 ? 7   A   A "C1'"  1 
ATOM   207 N N9     . A   A 1 7  ? 3.929   -7.185  0.140   1.00 0.00 ? 7   A   A N9     1 
ATOM   208 C C8     . A   A 1 7  ? 2.949   -6.196  0.153   1.00 0.00 ? 7   A   A C8     1 
ATOM   209 N N7     . A   A 1 7  ? 3.243   -4.872  0.424   1.00 0.00 ? 7   A   A N7     1 
ATOM   210 C C5     . A   A 1 7  ? 4.610   -5.021  0.611   1.00 0.00 ? 7   A   A C5     1 
ATOM   211 C C6     . A   A 1 7  ? 5.628   -4.032  0.920   1.00 0.00 ? 7   A   A C6     1 
ATOM   212 N N6     . A   A 1 7  ? 5.337   -2.747  1.104   1.00 0.00 ? 7   A   A N6     1 
ATOM   213 N N1     . A   A 1 7  ? 6.893   -4.394  1.004   1.00 0.00 ? 7   A   A N1     1 
ATOM   214 C C2     . A   A 1 7  ? 7.239   -5.647  0.814   1.00 0.00 ? 7   A   A C2     1 
ATOM   215 N N3     . A   A 1 7  ? 6.483   -6.677  0.539   1.00 0.00 ? 7   A   A N3     1 
ATOM   216 C C4     . A   A 1 7  ? 5.049   -6.402  0.417   1.00 0.00 ? 7   A   A C4     1 
ATOM   217 H "H5'"  . A   A 1 7  ? 0.117   -10.465 -0.563  1.00 0.00 ? 7   A   A "H5'"  1 
ATOM   218 H "H5''" . A   A 1 7  ? 0.357   -11.204 1.019   1.00 0.00 ? 7   A   A "H5''" 1 
ATOM   219 H "H4'"  . A   A 1 7  ? 2.470   -11.126 -0.332  1.00 0.00 ? 7   A   A "H4'"  1 
ATOM   220 H "H3'"  . A   A 1 7  ? 2.412   -9.378  2.190   1.00 0.00 ? 7   A   A "H3'"  1 
ATOM   221 H "H2'"  . A   A 1 7  ? 4.716   -8.945  1.897   1.00 0.00 ? 7   A   A "H2'"  1 
ATOM   222 H "HO2'" . A   A 1 7  ? 5.940   -10.103 0.370   1.00 0.00 ? 7   A   A "HO2'" 1 
ATOM   223 H "H1'"  . A   A 1 7  ? 4.534   -8.886  -0.979  1.00 0.00 ? 7   A   A "H1'"  1 
ATOM   224 H H8     . A   A 1 7  ? 1.923   -6.463  -0.065  1.00 0.00 ? 7   A   A H8     1 
ATOM   225 H H61    . A   A 1 7  ? 6.126   -2.123  1.310   1.00 0.00 ? 7   A   A H61    1 
ATOM   226 H H62    . A   A 1 7  ? 4.349   -2.484  1.027   1.00 0.00 ? 7   A   A H62    1 
ATOM   227 H H2     . A   A 1 7  ? 8.298   -5.852  0.884   1.00 0.00 ? 7   A   A H2     1 
ATOM   228 P P      . C   A 1 8  ? 2.777   -11.513 3.800   1.00 0.00 ? 8   C   A P      1 
ATOM   229 O OP1    . C   A 1 8  ? 2.935   -12.976 4.221   1.00 0.00 ? 8   C   A OP1    1 
ATOM   230 O OP2    . C   A 1 8  ? 1.358   -11.044 4.132   1.00 0.00 ? 8   C   A OP2    1 
ATOM   231 O "O5'"  . C   A 1 8  ? 3.843   -10.590 4.589   1.00 0.00 ? 8   C   A "O5'"  1 
ATOM   232 C "C5'"  . C   A 1 8  ? 5.234   -10.933 4.656   1.00 0.00 ? 8   C   A "C5'"  1 
ATOM   233 C "C4'"  . C   A 1 8  ? 6.093   -9.743  5.114   1.00 0.00 ? 8   C   A "C4'"  1 
ATOM   234 O "O4'"  . C   A 1 8  ? 6.095   -8.687  4.132   1.00 0.00 ? 8   C   A "O4'"  1 
ATOM   235 C "C3'"  . C   A 1 8  ? 5.642   -9.056  6.410   1.00 0.00 ? 8   C   A "C3'"  1 
ATOM   236 O "O3'"  . C   A 1 8  ? 5.954   -9.806  7.597   1.00 0.00 ? 8   C   A "O3'"  1 
ATOM   237 C "C2'"  . C   A 1 8  ? 6.388   -7.726  6.303   1.00 0.00 ? 8   C   A "C2'"  1 
ATOM   238 O "O2'"  . C   A 1 8  ? 7.754   -7.859  6.689   1.00 0.00 ? 8   C   A "O2'"  1 
ATOM   239 C "C1'"  . C   A 1 8  ? 6.286   -7.409  4.792   1.00 0.00 ? 8   C   A "C1'"  1 
ATOM   240 N N1     . C   A 1 8  ? 5.179   -6.441  4.490   1.00 0.00 ? 8   C   A N1     1 
ATOM   241 C C2     . C   A 1 8  ? 5.342   -5.085  4.758   1.00 0.00 ? 8   C   A C2     1 
ATOM   242 O O2     . C   A 1 8  ? 6.347   -4.659  5.321   1.00 0.00 ? 8   C   A O2     1 
ATOM   243 N N3     . C   A 1 8  ? 4.246   -4.177  4.423   1.00 0.00 ? 8   C   A N3     1 
ATOM   244 C C4     . C   A 1 8  ? 3.091   -4.604  4.026   1.00 0.00 ? 8   C   A C4     1 
ATOM   245 N N4     . C   A 1 8  ? 2.097   -3.635  3.773   1.00 0.00 ? 8   C   A N4     1 
ATOM   246 C C5     . C   A 1 8  ? 2.834   -5.938  3.854   1.00 0.00 ? 8   C   A C5     1 
ATOM   247 C C6     . C   A 1 8  ? 3.814   -6.875  4.036   1.00 0.00 ? 8   C   A C6     1 
ATOM   248 H "H5'"  . C   A 1 8  ? 5.590   -11.285 3.669   1.00 0.00 ? 8   C   A "H5'"  1 
ATOM   249 H "H5''" . C   A 1 8  ? 5.367   -11.783 5.351   1.00 0.00 ? 8   C   A "H5''" 1 
ATOM   250 H "H4'"  . C   A 1 8  ? 7.134   -10.106 5.232   1.00 0.00 ? 8   C   A "H4'"  1 
ATOM   251 H "H3'"  . C   A 1 8  ? 4.552   -8.860  6.365   1.00 0.00 ? 8   C   A "H3'"  1 
ATOM   252 H "H2'"  . C   A 1 8  ? 5.919   -6.958  6.941   1.00 0.00 ? 8   C   A "H2'"  1 
ATOM   253 H "HO2'" . C   A 1 8  ? 8.154   -6.997  6.547   1.00 0.00 ? 8   C   A "HO2'" 1 
ATOM   254 H "H1'"  . C   A 1 8  ? 7.252   -6.987  4.425   1.00 0.00 ? 8   C   A "H1'"  1 
ATOM   255 H H41    . C   A 1 8  ? 2.322   -2.644  3.911   1.00 0.00 ? 8   C   A H41    1 
ATOM   256 H H42    . C   A 1 8  ? 1.171   -3.942  3.456   1.00 0.00 ? 8   C   A H42    1 
ATOM   257 H H5     . C   A 1 8  ? 1.835   -6.263  3.574   1.00 0.00 ? 8   C   A H5     1 
ATOM   258 H H6     . C   A 1 8  ? 3.601   -7.930  3.858   1.00 0.00 ? 8   C   A H6     1 
ATOM   259 P P      . A   A 1 9  ? 5.127   -9.595  8.981   1.00 0.00 ? 9   A   A P      1 
ATOM   260 O OP1    . A   A 1 9  ? 5.565   -10.651 9.997   1.00 0.00 ? 9   A   A OP1    1 
ATOM   261 O OP2    . A   A 1 9  ? 3.627   -9.748  8.714   1.00 0.00 ? 9   A   A OP2    1 
ATOM   262 O "O5'"  . A   A 1 9  ? 5.415   -8.113  9.571   1.00 0.00 ? 9   A   A "O5'"  1 
ATOM   263 C "C5'"  . A   A 1 9  ? 6.701   -7.759  10.097  1.00 0.00 ? 9   A   A "C5'"  1 
ATOM   264 C "C4'"  . A   A 1 9  ? 6.871   -6.239  10.238  1.00 0.00 ? 9   A   A "C4'"  1 
ATOM   265 O "O4'"  . A   A 1 9  ? 6.650   -5.592  8.970   1.00 0.00 ? 9   A   A "O4'"  1 
ATOM   266 C "C3'"  . A   A 1 9  ? 5.918   -5.545  11.225  1.00 0.00 ? 9   A   A "C3'"  1 
ATOM   267 O "O3'"  . A   A 1 9  ? 6.347   -5.664  12.596  1.00 0.00 ? 9   A   A "O3'"  1 
ATOM   268 C "C2'"  . A   A 1 9  ? 5.958   -4.105  10.708  1.00 0.00 ? 9   A   A "C2'"  1 
ATOM   269 O "O2'"  . A   A 1 9  ? 7.120   -3.417  11.168  1.00 0.00 ? 9   A   A "O2'"  1 
ATOM   270 C "C1'"  . A   A 1 9  ? 6.050   -4.299  9.184   1.00 0.00 ? 9   A   A "C1'"  1 
ATOM   271 N N9     . A   A 1 9  ? 4.704   -4.197  8.534   1.00 0.00 ? 9   A   A N9     1 
ATOM   272 C C8     . A   A 1 9  ? 3.823   -5.169  8.063   1.00 0.00 ? 9   A   A C8     1 
ATOM   273 N N7     . A   A 1 9  ? 2.598   -4.842  7.523   1.00 0.00 ? 9   A   A N7     1 
ATOM   274 C C5     . A   A 1 9  ? 2.703   -3.463  7.651   1.00 0.00 ? 9   A   A C5     1 
ATOM   275 C C6     . A   A 1 9  ? 1.779   -2.418  7.272   1.00 0.00 ? 9   A   A C6     1 
ATOM   276 N N6     . A   A 1 9  ? 0.611   -2.689  6.702   1.00 0.00 ? 9   A   A N6     1 
ATOM   277 N N1     . A   A 1 9  ? 2.075   -1.156  7.504   1.00 0.00 ? 9   A   A N1     1 
ATOM   278 C C2     . A   A 1 9  ? 3.209   -0.837  8.087   1.00 0.00 ? 9   A   A C2     1 
ATOM   279 N N3     . A   A 1 9  ? 4.163   -1.623  8.511   1.00 0.00 ? 9   A   A N3     1 
ATOM   280 C C4     . A   A 1 9  ? 3.956   -3.055  8.277   1.00 0.00 ? 9   A   A C4     1 
ATOM   281 H "H5'"  . A   A 1 9  ? 7.490   -8.143  9.425   1.00 0.00 ? 9   A   A "H5'"  1 
ATOM   282 H "H5''" . A   A 1 9  ? 6.849   -8.254  11.073  1.00 0.00 ? 9   A   A "H5''" 1 
ATOM   283 H "H4'"  . A   A 1 9  ? 7.916   -6.041  10.547  1.00 0.00 ? 9   A   A "H4'"  1 
ATOM   284 H "H3'"  . A   A 1 9  ? 4.894   -5.950  11.108  1.00 0.00 ? 9   A   A "H3'"  1 
ATOM   285 H "H2'"  . A   A 1 9  ? 5.063   -3.540  11.026  1.00 0.00 ? 9   A   A "H2'"  1 
ATOM   286 H "HO2'" . A   A 1 9  ? 7.042   -3.378  12.124  1.00 0.00 ? 9   A   A "HO2'" 1 
ATOM   287 H "H1'"  . A   A 1 9  ? 6.706   -3.523  8.745   1.00 0.00 ? 9   A   A "H1'"  1 
ATOM   288 H H8     . A   A 1 9  ? 4.110   -6.211  8.083   1.00 0.00 ? 9   A   A H8     1 
ATOM   289 H H61    . A   A 1 9  ? 0.015   -1.886  6.472   1.00 0.00 ? 9   A   A H61    1 
ATOM   290 H H62    . A   A 1 9  ? 0.399   -3.679  6.537   1.00 0.00 ? 9   A   A H62    1 
ATOM   291 H H2     . A   A 1 9  ? 3.388   0.221   8.198   1.00 0.00 ? 9   A   A H2     1 
ATOM   292 P P      . C   A 1 10 ? 5.339   -5.416  13.847  1.00 0.00 ? 10  C   A P      1 
ATOM   293 O OP1    . C   A 1 10 ? 6.070   -5.726  15.155  1.00 0.00 ? 10  C   A OP1    1 
ATOM   294 O OP2    . C   A 1 10 ? 4.128   -6.344  13.720  1.00 0.00 ? 10  C   A OP2    1 
ATOM   295 O "O5'"  . C   A 1 10 ? 4.827   -3.878  13.860  1.00 0.00 ? 10  C   A "O5'"  1 
ATOM   296 C "C5'"  . C   A 1 10 ? 5.696   -2.777  14.172  1.00 0.00 ? 10  C   A "C5'"  1 
ATOM   297 C "C4'"  . C   A 1 10 ? 5.046   -1.429  13.808  1.00 0.00 ? 10  C   A "C4'"  1 
ATOM   298 O "O4'"  . C   A 1 10 ? 4.597   -1.423  12.439  1.00 0.00 ? 10  C   A "O4'"  1 
ATOM   299 C "C3'"  . C   A 1 10 ? 3.814   -1.060  14.643  1.00 0.00 ? 10  C   A "C3'"  1 
ATOM   300 O "O3'"  . C   A 1 10 ? 4.181   -0.501  15.920  1.00 0.00 ? 10  C   A "O3'"  1 
ATOM   301 C "C2'"  . C   A 1 10 ? 3.100   -0.064  13.725  1.00 0.00 ? 10  C   A "C2'"  1 
ATOM   302 O "O2'"  . C   A 1 10 ? 3.617   1.254   13.893  1.00 0.00 ? 10  C   A "O2'"  1 
ATOM   303 C "C1'"  . C   A 1 10 ? 3.430   -0.574  12.306  1.00 0.00 ? 10  C   A "C1'"  1 
ATOM   304 N N1     . C   A 1 10 ? 2.278   -1.269  11.649  1.00 0.00 ? 10  C   A N1     1 
ATOM   305 C C2     . C   A 1 10 ? 1.260   -0.529  11.051  1.00 0.00 ? 10  C   A C2     1 
ATOM   306 O O2     . C   A 1 10 ? 1.282   0.702   11.024  1.00 0.00 ? 10  C   A O2     1 
ATOM   307 N N3     . C   A 1 10 ? 0.149   -1.266  10.442  1.00 0.00 ? 10  C   A N3     1 
ATOM   308 C C4     . C   A 1 10 ? 0.098   -2.563  10.423  1.00 0.00 ? 10  C   A C4     1 
ATOM   309 N N4     . C   A 1 10 ? -1.006  -3.159  9.778   1.00 0.00 ? 10  C   A N4     1 
ATOM   310 C C5     . C   A 1 10 ? 1.076   -3.334  10.994  1.00 0.00 ? 10  C   A C5     1 
ATOM   311 C C6     . C   A 1 10 ? 2.157   -2.763  11.603  1.00 0.00 ? 10  C   A C6     1 
ATOM   312 H "H5'"  . C   A 1 10 ? 6.651   -2.885  13.627  1.00 0.00 ? 10  C   A "H5'"  1 
ATOM   313 H "H5''" . C   A 1 10 ? 5.958   -2.801  15.247  1.00 0.00 ? 10  C   A "H5''" 1 
ATOM   314 H "H4'"  . C   A 1 10 ? 5.811   -0.636  13.922  1.00 0.00 ? 10  C   A "H4'"  1 
ATOM   315 H "H3'"  . C   A 1 10 ? 3.171   -1.952  14.782  1.00 0.00 ? 10  C   A "H3'"  1 
ATOM   316 H "H2'"  . C   A 1 10 ? 2.017   -0.048  13.939  1.00 0.00 ? 10  C   A "H2'"  1 
ATOM   317 H "HO2'" . C   A 1 10 ? 4.557   1.195   13.708  1.00 0.00 ? 10  C   A "HO2'" 1 
ATOM   318 H "H1'"  . C   A 1 10 ? 3.721   0.281   11.664  1.00 0.00 ? 10  C   A "H1'"  1 
ATOM   319 H H41    . C   A 1 10 ? -1.722  -2.558  9.355   1.00 0.00 ? 10  C   A H41    1 
ATOM   320 H H42    . C   A 1 10 ? -1.071  -4.183  9.745   1.00 0.00 ? 10  C   A H42    1 
ATOM   321 H H5     . C   A 1 10 ? 1.013   -4.423  10.967  1.00 0.00 ? 10  C   A H5     1 
ATOM   322 H H6     . C   A 1 10 ? 2.930   -3.394  12.043  1.00 0.00 ? 10  C   A H6     1 
ATOM   323 P P      . C   A 1 11 ? 3.174   -0.474  17.193  1.00 0.00 ? 11  C   A P      1 
ATOM   324 O OP1    . C   A 1 11 ? 3.920   0.065   18.416  1.00 0.00 ? 11  C   A OP1    1 
ATOM   325 O OP2    . C   A 1 11 ? 2.690   -1.895  17.490  1.00 0.00 ? 11  C   A OP2    1 
ATOM   326 O "O5'"  . C   A 1 11 ? 1.897   0.466   16.873  1.00 0.00 ? 11  C   A "O5'"  1 
ATOM   327 C "C5'"  . C   A 1 11 ? 1.970   1.902   16.822  1.00 0.00 ? 11  C   A "C5'"  1 
ATOM   328 C "C4'"  . C   A 1 11 ? 0.727   2.483   16.120  1.00 0.00 ? 11  C   A "C4'"  1 
ATOM   329 O "O4'"  . C   A 1 11 ? 0.580   1.870   14.817  1.00 0.00 ? 11  C   A "O4'"  1 
ATOM   330 C "C3'"  . C   A 1 11 ? -0.608  2.191   16.821  1.00 0.00 ? 11  C   A "C3'"  1 
ATOM   331 O "O3'"  . C   A 1 11 ? -0.975  3.066   17.909  1.00 0.00 ? 11  C   A "O3'"  1 
ATOM   332 C "C2'"  . C   A 1 11 ? -1.595  2.324   15.662  1.00 0.00 ? 11  C   A "C2'"  1 
ATOM   333 O "O2'"  . C   A 1 11 ? -2.085  3.657   15.536  1.00 0.00 ? 11  C   A "O2'"  1 
ATOM   334 C "C1'"  . C   A 1 11 ? -0.798  1.973   14.401  1.00 0.00 ? 11  C   A "C1'"  1 
ATOM   335 N N1     . C   A 1 11 ? -1.352  0.770   13.713  1.00 0.00 ? 11  C   A N1     1 
ATOM   336 C C2     . C   A 1 11 ? -2.444  0.903   12.855  1.00 0.00 ? 11  C   A C2     1 
ATOM   337 O O2     . C   A 1 11 ? -2.904  2.004   12.549  1.00 0.00 ? 11  C   A O2     1 
ATOM   338 N N3     . C   A 1 11 ? -3.067  -0.319  12.348  1.00 0.00 ? 11  C   A N3     1 
ATOM   339 C C4     . C   A 1 11 ? -2.668  -1.499  12.702  1.00 0.00 ? 11  C   A C4     1 
ATOM   340 N N4     . C   A 1 11 ? -3.381  -2.592  12.179  1.00 0.00 ? 11  C   A N4     1 
ATOM   341 C C5     . C   A 1 11 ? -1.606  -1.685  13.552  1.00 0.00 ? 11  C   A C5     1 
ATOM   342 C C6     . C   A 1 11 ? -0.926  -0.620  14.072  1.00 0.00 ? 11  C   A C6     1 
ATOM   343 H "H5'"  . C   A 1 11 ? 2.882   2.214   16.278  1.00 0.00 ? 11  C   A "H5'"  1 
ATOM   344 H "H5''" . C   A 1 11 ? 2.065   2.311   17.845  1.00 0.00 ? 11  C   A "H5''" 1 
ATOM   345 H "H4'"  . C   A 1 11 ? 0.858   3.577   15.996  1.00 0.00 ? 11  C   A "H4'"  1 
ATOM   346 H "H3'"  . C   A 1 11 ? -0.536  1.150   17.189  1.00 0.00 ? 11  C   A "H3'"  1 
ATOM   347 H "H2'"  . C   A 1 11 ? -2.441  1.643   15.837  1.00 0.00 ? 11  C   A "H2'"  1 
ATOM   348 H "HO2'" . C   A 1 11 ? -2.541  3.850   16.358  1.00 0.00 ? 11  C   A "HO2'" 1 
ATOM   349 H "H1'"  . C   A 1 11 ? -0.855  2.824   13.704  1.00 0.00 ? 11  C   A "H1'"  1 
ATOM   350 H H41    . C   A 1 11 ? -4.171  -2.416  11.548  1.00 0.00 ? 11  C   A H41    1 
ATOM   351 H H42    . C   A 1 11 ? -3.097  -3.543  12.440  1.00 0.00 ? 11  C   A H42    1 
ATOM   352 H H5     . C   A 1 11 ? -1.287  -2.691  13.830  1.00 0.00 ? 11  C   A H5     1 
ATOM   353 H H6     . C   A 1 11 ? -0.085  -0.779  14.747  1.00 0.00 ? 11  C   A H6     1 
ATOM   354 P P      . U   A 1 12 ? -2.225  2.726   18.917  1.00 0.00 ? 12  U   A P      1 
ATOM   355 O OP1    . U   A 1 12 ? -2.465  3.921   19.843  1.00 0.00 ? 12  U   A OP1    1 
ATOM   356 O OP2    . U   A 1 12 ? -1.850  1.509   19.767  1.00 0.00 ? 12  U   A OP2    1 
ATOM   357 O "O5'"  . U   A 1 12 ? -3.599  2.379   18.093  1.00 0.00 ? 12  U   A "O5'"  1 
ATOM   358 C "C5'"  . U   A 1 12 ? -4.507  3.367   17.563  1.00 0.00 ? 12  U   A "C5'"  1 
ATOM   359 C "C4'"  . U   A 1 12 ? -5.474  2.807   16.485  1.00 0.00 ? 12  U   A "C4'"  1 
ATOM   360 O "O4'"  . U   A 1 12 ? -4.805  1.943   15.542  1.00 0.00 ? 12  U   A "O4'"  1 
ATOM   361 C "C3'"  . U   A 1 12 ? -6.670  1.987   17.008  1.00 0.00 ? 12  U   A "C3'"  1 
ATOM   362 O "O3'"  . U   A 1 12 ? -7.711  2.883   17.446  1.00 0.00 ? 12  U   A "O3'"  1 
ATOM   363 C "C2'"  . U   A 1 12 ? -7.040  1.162   15.759  1.00 0.00 ? 12  U   A "C2'"  1 
ATOM   364 O "O2'"  . U   A 1 12 ? -7.812  1.951   14.862  1.00 0.00 ? 12  U   A "O2'"  1 
ATOM   365 C "C1'"  . U   A 1 12 ? -5.674  0.847   15.144  1.00 0.00 ? 12  U   A "C1'"  1 
ATOM   366 N N1     . U   A 1 12 ? -5.141  -0.514  15.494  1.00 0.00 ? 12  U   A N1     1 
ATOM   367 C C2     . U   A 1 12 ? -5.620  -1.658  14.862  1.00 0.00 ? 12  U   A C2     1 
ATOM   368 O O2     . U   A 1 12 ? -6.523  -1.613  14.031  1.00 0.00 ? 12  U   A O2     1 
ATOM   369 N N3     . U   A 1 12 ? -5.102  -2.891  15.156  1.00 0.00 ? 12  U   A N3     1 
ATOM   370 C C4     . U   A 1 12 ? -4.119  -3.107  16.079  1.00 0.00 ? 12  U   A C4     1 
ATOM   371 O O4     . U   A 1 12 ? -3.691  -4.238  16.301  1.00 0.00 ? 12  U   A O4     1 
ATOM   372 C C5     . U   A 1 12 ? -3.576  -1.862  16.825  1.00 0.00 ? 12  U   A C5     1 
ATOM   373 C C6     . U   A 1 12 ? -4.093  -0.650  16.517  1.00 0.00 ? 12  U   A C6     1 
ATOM   374 H "H5'"  . U   A 1 12 ? -3.926  4.200   17.129  1.00 0.00 ? 12  U   A "H5'"  1 
ATOM   375 H "H5''" . U   A 1 12 ? -5.080  3.822   18.393  1.00 0.00 ? 12  U   A "H5''" 1 
ATOM   376 H "H4'"  . U   A 1 12 ? -5.867  3.673   15.919  1.00 0.00 ? 12  U   A "H4'"  1 
ATOM   377 H "H3'"  . U   A 1 12 ? -6.339  1.330   17.835  1.00 0.00 ? 12  U   A "H3'"  1 
ATOM   378 H "H2'"  . U   A 1 12 ? -7.594  0.224   15.929  1.00 0.00 ? 12  U   A "H2'"  1 
ATOM   379 H "HO2'" . U   A 1 12 ? -7.936  1.413   14.076  1.00 0.00 ? 12  U   A "HO2'" 1 
ATOM   380 H "H1'"  . U   A 1 12 ? -5.771  0.881   14.059  1.00 0.00 ? 12  U   A "H1'"  1 
ATOM   381 H H3     . U   A 1 12 ? -5.485  -3.705  14.662  1.00 0.00 ? 12  U   A H3     1 
ATOM   382 H H5     . U   A 1 12 ? -2.796  -1.968  17.579  1.00 0.00 ? 12  U   A H5     1 
ATOM   383 H H6     . U   A 1 12 ? -3.779  0.263   16.986  1.00 0.00 ? 12  U   A H6     1 
ATOM   384 P P      . U   A 1 13 ? -9.062  2.450   18.232  1.00 0.00 ? 13  U   A P      1 
ATOM   385 O OP1    . U   A 1 13 ? -9.570  3.666   19.011  1.00 0.00 ? 13  U   A OP1    1 
ATOM   386 O OP2    . U   A 1 13 ? -8.761  1.319   19.217  1.00 0.00 ? 13  U   A OP2    1 
ATOM   387 O "O5'"  . U   A 1 13 ? -10.199 1.979   17.170  1.00 0.00 ? 13  U   A "O5'"  1 
ATOM   388 C "C5'"  . U   A 1 13 ? -11.575 1.794   17.564  1.00 0.00 ? 13  U   A "C5'"  1 
ATOM   389 C "C4'"  . U   A 1 13 ? -12.544 1.929   16.372  1.00 0.00 ? 13  U   A "C4'"  1 
ATOM   390 O "O4'"  . U   A 1 13 ? -12.278 3.172   15.704  1.00 0.00 ? 13  U   A "O4'"  1 
ATOM   391 C "C3'"  . U   A 1 13 ? -12.459 0.799   15.323  1.00 0.00 ? 13  U   A "C3'"  1 
ATOM   392 O "O3'"  . U   A 1 13 ? -13.724 0.107   15.245  1.00 0.00 ? 13  U   A "O3'"  1 
ATOM   393 C "C2'"  . U   A 1 13 ? -12.146 1.521   14.001  1.00 0.00 ? 13  U   A "C2'"  1 
ATOM   394 O "O2'"  . U   A 1 13 ? -12.943 1.068   12.910  1.00 0.00 ? 13  U   A "O2'"  1 
ATOM   395 C "C1'"  . U   A 1 13 ? -12.405 3.007   14.284  1.00 0.00 ? 13  U   A "C1'"  1 
ATOM   396 N N1     . U   A 1 13 ? -11.492 3.911   13.529  1.00 0.00 ? 13  U   A N1     1 
ATOM   397 C C2     . U   A 1 13 ? -11.876 4.507   12.332  1.00 0.00 ? 13  U   A C2     1 
ATOM   398 O O2     . U   A 1 13 ? -12.999 4.350   11.847  1.00 0.00 ? 13  U   A O2     1 
ATOM   399 N N3     . U   A 1 13 ? -10.990 5.289   11.637  1.00 0.00 ? 13  U   A N3     1 
ATOM   400 C C4     . U   A 1 13 ? -9.703  5.533   12.036  1.00 0.00 ? 13  U   A C4     1 
ATOM   401 O O4     . U   A 1 13 ? -8.949  6.235   11.366  1.00 0.00 ? 13  U   A O4     1 
ATOM   402 C C5     . U   A 1 13 ? -9.245  4.875   13.366  1.00 0.00 ? 13  U   A C5     1 
ATOM   403 C C6     . U   A 1 13 ? -10.125 4.101   14.043  1.00 0.00 ? 13  U   A C6     1 
ATOM   404 H "H5'"  . U   A 1 13 ? -11.855 2.550   18.323  1.00 0.00 ? 13  U   A "H5'"  1 
ATOM   405 H "H5''" . U   A 1 13 ? -11.699 0.814   18.059  1.00 0.00 ? 13  U   A "H5''" 1 
ATOM   406 H "H4'"  . U   A 1 13 ? -13.572 1.976   16.779  1.00 0.00 ? 13  U   A "H4'"  1 
ATOM   407 H "H3'"  . U   A 1 13 ? -11.646 0.091   15.555  1.00 0.00 ? 13  U   A "H3'"  1 
ATOM   408 H "H2'"  . U   A 1 13 ? -11.081 1.368   13.743  1.00 0.00 ? 13  U   A "H2'"  1 
ATOM   409 H "HO2'" . U   A 1 13 ? -12.679 1.596   12.153  1.00 0.00 ? 13  U   A "HO2'" 1 
ATOM   410 H "H1'"  . U   A 1 13 ? -13.438 3.267   14.053  1.00 0.00 ? 13  U   A "H1'"  1 
ATOM   411 H H3     . U   A 1 13 ? -11.307 5.708   10.756  1.00 0.00 ? 13  U   A H3     1 
ATOM   412 H H5     . U   A 1 13 ? -8.230  5.030   13.731  1.00 0.00 ? 13  U   A H5     1 
ATOM   413 H H6     . U   A 1 13 ? -9.896  3.574   14.965  1.00 0.00 ? 13  U   A H6     1 
ATOM   414 P P      . C   A 1 14 ? -13.890 -1.468  15.600  1.00 0.00 ? 14  C   A P      1 
ATOM   415 O OP1    . C   A 1 14 ? -15.299 -1.928  15.215  1.00 0.00 ? 14  C   A OP1    1 
ATOM   416 O OP2    . C   A 1 14 ? -13.695 -1.662  17.105  1.00 0.00 ? 14  C   A OP2    1 
ATOM   417 O "O5'"  . C   A 1 14 ? -12.791 -2.359  14.814  1.00 0.00 ? 14  C   A "O5'"  1 
ATOM   418 C "C5'"  . C   A 1 14 ? -12.768 -2.503  13.386  1.00 0.00 ? 14  C   A "C5'"  1 
ATOM   419 C "C4'"  . C   A 1 14 ? -11.597 -3.406  12.951  1.00 0.00 ? 14  C   A "C4'"  1 
ATOM   420 O "O4'"  . C   A 1 14 ? -10.373 -2.881  13.517  1.00 0.00 ? 14  C   A "O4'"  1 
ATOM   421 C "C3'"  . C   A 1 14 ? -11.701 -4.879  13.394  1.00 0.00 ? 14  C   A "C3'"  1 
ATOM   422 O "O3'"  . C   A 1 14 ? -11.227 -5.763  12.353  1.00 0.00 ? 14  C   A "O3'"  1 
ATOM   423 C "C2'"  . C   A 1 14 ? -10.773 -4.945  14.608  1.00 0.00 ? 14  C   A "C2'"  1 
ATOM   424 O "O2'"  . C   A 1 14 ? -10.217 -6.242  14.799  1.00 0.00 ? 14  C   A "O2'"  1 
ATOM   425 C "C1'"  . C   A 1 14 ? -9.699  -3.878  14.325  1.00 0.00 ? 14  C   A "C1'"  1 
ATOM   426 N N1     . C   A 1 14 ? -9.083  -3.355  15.574  1.00 0.00 ? 14  C   A N1     1 
ATOM   427 C C2     . C   A 1 14 ? -8.137  -4.088  16.292  1.00 0.00 ? 14  C   A C2     1 
ATOM   428 O O2     . C   A 1 14 ? -7.744  -5.189  15.900  1.00 0.00 ? 14  C   A O2     1 
ATOM   429 N N3     . C   A 1 14 ? -7.610  -3.489  17.539  1.00 0.00 ? 14  C   A N3     1 
ATOM   430 C C4     . C   A 1 14 ? -7.985  -2.306  17.940  1.00 0.00 ? 14  C   A C4     1 
ATOM   431 N N4     . C   A 1 14 ? -7.412  -1.776  19.119  1.00 0.00 ? 14  C   A N4     1 
ATOM   432 C C5     . C   A 1 14 ? -8.903  -1.570  17.240  1.00 0.00 ? 14  C   A C5     1 
ATOM   433 C C6     . C   A 1 14 ? -9.457  -2.027  16.088  1.00 0.00 ? 14  C   A C6     1 
ATOM   434 H "H5'"  . C   A 1 14 ? -12.658 -1.510  12.915  1.00 0.00 ? 14  C   A "H5'"  1 
ATOM   435 H "H5''" . C   A 1 14 ? -13.730 -2.913  13.025  1.00 0.00 ? 14  C   A "H5''" 1 
ATOM   436 H "H4'"  . C   A 1 14 ? -11.549 -3.365  11.843  1.00 0.00 ? 14  C   A "H4'"  1 
ATOM   437 H "H3'"  . C   A 1 14 ? -12.731 -5.159  13.688  1.00 0.00 ? 14  C   A "H3'"  1 
ATOM   438 H "H2'"  . C   A 1 14 ? -11.349 -4.657  15.512  1.00 0.00 ? 14  C   A "H2'"  1 
ATOM   439 H "HO2'" . C   A 1 14 ? -10.961 -6.830  14.943  1.00 0.00 ? 14  C   A "HO2'" 1 
ATOM   440 H "H1'"  . C   A 1 14 ? -8.863  -4.229  13.710  1.00 0.00 ? 14  C   A "H1'"  1 
ATOM   441 H H41    . C   A 1 14 ? -6.721  -2.334  19.632  1.00 0.00 ? 14  C   A H41    1 
ATOM   442 H H42    . C   A 1 14 ? -7.699  -0.844  19.436  1.00 0.00 ? 14  C   A H42    1 
ATOM   443 H H5     . C   A 1 14 ? -9.214  -0.578  17.536  1.00 0.00 ? 14  C   A H5     1 
ATOM   444 H H6     . C   A 1 14 ? -10.157 -1.431  15.521  1.00 0.00 ? 14  C   A H6     1 
ATOM   445 P P      . G   A 1 15 ? -12.219 -6.529  11.323  1.00 0.00 ? 15  G   A P      1 
ATOM   446 O OP1    . G   A 1 15 ? -13.391 -7.147  12.090  1.00 0.00 ? 15  G   A OP1    1 
ATOM   447 O OP2    . G   A 1 15 ? -11.446 -7.646  10.616  1.00 0.00 ? 15  G   A OP2    1 
ATOM   448 O "O5'"  . G   A 1 15 ? -12.787 -5.481  10.231  1.00 0.00 ? 15  G   A "O5'"  1 
ATOM   449 C "C5'"  . G   A 1 15 ? -11.970 -4.990  9.160   1.00 0.00 ? 15  G   A "C5'"  1 
ATOM   450 C "C4'"  . G   A 1 15 ? -12.536 -3.668  8.624   1.00 0.00 ? 15  G   A "C4'"  1 
ATOM   451 O "O4'"  . G   A 1 15 ? -12.520 -2.664  9.629   1.00 0.00 ? 15  G   A "O4'"  1 
ATOM   452 C "C3'"  . G   A 1 15 ? -11.726 -3.063  7.471   1.00 0.00 ? 15  G   A "C3'"  1 
ATOM   453 O "O3'"  . G   A 1 15 ? -11.896 -3.717  6.195   1.00 0.00 ? 15  G   A "O3'"  1 
ATOM   454 C "C2'"  . G   A 1 15 ? -12.239 -1.632  7.464   1.00 0.00 ? 15  G   A "C2'"  1 
ATOM   455 O "O2'"  . G   A 1 15 ? -13.411 -1.496  6.662   1.00 0.00 ? 15  G   A "O2'"  1 
ATOM   456 C "C1'"  . G   A 1 15 ? -12.569 -1.406  8.943   1.00 0.00 ? 15  G   A "C1'"  1 
ATOM   457 N N9     . G   A 1 15 ? -11.669 -0.428  9.590   1.00 0.00 ? 15  G   A N9     1 
ATOM   458 C C8     . G   A 1 15 ? -11.887 0.907   9.751   1.00 0.00 ? 15  G   A C8     1 
ATOM   459 N N7     . G   A 1 15 ? -11.007 1.716   10.431  1.00 0.00 ? 15  G   A N7     1 
ATOM   460 C C5     . G   A 1 15 ? -10.098 0.726   10.762  1.00 0.00 ? 15  G   A C5     1 
ATOM   461 C C6     . G   A 1 15 ? -8.889  0.865   11.716  1.00 0.00 ? 15  G   A C6     1 
ATOM   462 O O6     . G   A 1 15 ? -8.549  1.938   12.205  1.00 0.00 ? 15  G   A O6     1 
ATOM   463 N N1     . G   A 1 15 ? -8.227  -0.300  11.986  1.00 0.00 ? 15  G   A N1     1 
ATOM   464 C C2     . G   A 1 15 ? -8.561  -1.584  11.320  1.00 0.00 ? 15  G   A C2     1 
ATOM   465 N N2     . G   A 1 15 ? -7.754  -2.723  11.523  1.00 0.00 ? 15  G   A N2     1 
ATOM   466 N N3     . G   A 1 15 ? -9.590  -1.676  10.542  1.00 0.00 ? 15  G   A N3     1 
ATOM   467 C C4     . G   A 1 15 ? -10.452 -0.562  10.237  1.00 0.00 ? 15  G   A C4     1 
ATOM   468 H "H5'"  . G   A 1 15 ? -11.927 -5.748  8.356   1.00 0.00 ? 15  G   A "H5'"  1 
ATOM   469 H "H5''" . G   A 1 15 ? -10.929 -4.843  9.508   1.00 0.00 ? 15  G   A "H5''" 1 
ATOM   470 H "H4'"  . G   A 1 15 ? -13.593 -3.765  8.342   1.00 0.00 ? 15  G   A "H4'"  1 
ATOM   471 H "H3'"  . G   A 1 15 ? -10.662 -3.045  7.763   1.00 0.00 ? 15  G   A "H3'"  1 
ATOM   472 H "H2'"  . G   A 1 15 ? -11.465 -0.959  7.078   1.00 0.00 ? 15  G   A "H2'"  1 
ATOM   473 H "HO2'" . G   A 1 15 ? -13.147 -1.718  5.767   1.00 0.00 ? 15  G   A "HO2'" 1 
ATOM   474 H "H1'"  . G   A 1 15 ? -13.595 -1.022  9.001   1.00 0.00 ? 15  G   A "H1'"  1 
ATOM   475 H H8     . G   A 1 15 ? -12.836 1.244   9.368   1.00 0.00 ? 15  G   A H8     1 
ATOM   476 H H1     . G   A 1 15 ? -7.552  -0.248  12.758  1.00 0.00 ? 15  G   A H1     1 
ATOM   477 H H21    . G   A 1 15 ? -6.937  -2.652  12.138  1.00 0.00 ? 15  G   A H21    1 
ATOM   478 H H22    . G   A 1 15 ? -8.003  -3.600  11.051  1.00 0.00 ? 15  G   A H22    1 
ATOM   479 P P      . G   A 1 16 ? -10.973 -3.332  4.908   1.00 0.00 ? 16  G   A P      1 
ATOM   480 O OP1    . G   A 1 16 ? -11.487 -4.076  3.674   1.00 0.00 ? 16  G   A OP1    1 
ATOM   481 O OP2    . G   A 1 16 ? -9.529  -3.761  5.188   1.00 0.00 ? 16  G   A OP2    1 
ATOM   482 O "O5'"  . G   A 1 16 ? -11.048 -1.723  4.638   1.00 0.00 ? 16  G   A "O5'"  1 
ATOM   483 C "C5'"  . G   A 1 16 ? -10.019 -0.982  3.957   1.00 0.00 ? 16  G   A "C5'"  1 
ATOM   484 C "C4'"  . G   A 1 16 ? -9.976  0.498   4.424   1.00 0.00 ? 16  G   A "C4'"  1 
ATOM   485 O "O4'"  . G   A 1 16 ? -10.277 0.632   5.836   1.00 0.00 ? 16  G   A "O4'"  1 
ATOM   486 C "C3'"  . G   A 1 16 ? -8.594  1.150   4.233   1.00 0.00 ? 16  G   A "C3'"  1 
ATOM   487 O "O3'"  . G   A 1 16 ? -8.490  1.817   2.961   1.00 0.00 ? 16  G   A "O3'"  1 
ATOM   488 C "C2'"  . G   A 1 16 ? -8.473  2.078   5.450   1.00 0.00 ? 16  G   A "C2'"  1 
ATOM   489 O "O2'"  . G   A 1 16 ? -9.125  3.322   5.211   1.00 0.00 ? 16  G   A "O2'"  1 
ATOM   490 C "C1'"  . G   A 1 16 ? -9.213  1.301   6.551   1.00 0.00 ? 16  G   A "C1'"  1 
ATOM   491 N N9     . G   A 1 16 ? -8.338  0.297   7.261   1.00 0.00 ? 16  G   A N9     1 
ATOM   492 C C8     . G   A 1 16 ? -8.297  -1.078  7.103   1.00 0.00 ? 16  G   A C8     1 
ATOM   493 N N7     . G   A 1 16 ? -7.330  -1.864  7.673   1.00 0.00 ? 16  G   A N7     1 
ATOM   494 C C5     . G   A 1 16 ? -6.683  -0.859  8.350   1.00 0.00 ? 16  G   A C5     1 
ATOM   495 C C6     . G   A 1 16 ? -5.504  -1.044  9.334   1.00 0.00 ? 16  G   A C6     1 
ATOM   496 O O6     . G   A 1 16 ? -4.930  -2.114  9.524   1.00 0.00 ? 16  G   A O6     1 
ATOM   497 N N1     . G   A 1 16 ? -5.136  0.076   10.001  1.00 0.00 ? 16  G   A N1     1 
ATOM   498 C C2     . G   A 1 16 ? -5.795  1.377   9.826   1.00 0.00 ? 16  G   A C2     1 
ATOM   499 N N2     . G   A 1 16 ? -5.385  2.436   10.649  1.00 0.00 ? 16  G   A N2     1 
ATOM   500 N N3     . G   A 1 16 ? -6.747  1.535   8.954   1.00 0.00 ? 16  G   A N3     1 
ATOM   501 C C4     . G   A 1 16 ? -7.283  0.441   8.167   1.00 0.00 ? 16  G   A C4     1 
ATOM   502 H "H5'"  . G   A 1 16 ? -10.177 -1.038  2.865   1.00 0.00 ? 16  G   A "H5'"  1 
ATOM   503 H "H5''" . G   A 1 16 ? -9.043  -1.469  4.140   1.00 0.00 ? 16  G   A "H5''" 1 
ATOM   504 H "H4'"  . G   A 1 16 ? -10.746 1.070   3.870   1.00 0.00 ? 16  G   A "H4'"  1 
ATOM   505 H "H3'"  . G   A 1 16 ? -7.798  0.384   4.326   1.00 0.00 ? 16  G   A "H3'"  1 
ATOM   506 H "H2'"  . G   A 1 16 ? -7.425  2.270   5.723   1.00 0.00 ? 16  G   A "H2'"  1 
ATOM   507 H "HO2'" . G   A 1 16 ? -10.033 3.106   4.986   1.00 0.00 ? 16  G   A "HO2'" 1 
ATOM   508 H "H1'"  . G   A 1 16 ? -9.646  1.992   7.300   1.00 0.00 ? 16  G   A "H1'"  1 
ATOM   509 H H8     . G   A 1 16 ? -9.112  -1.543  6.576   1.00 0.00 ? 16  G   A H8     1 
ATOM   510 H H1     . G   A 1 16 ? -4.372  -0.055  10.674  1.00 0.00 ? 16  G   A H1     1 
ATOM   511 H H21    . G   A 1 16 ? -4.638  2.274   11.334  1.00 0.00 ? 16  G   A H21    1 
ATOM   512 H H22    . G   A 1 16 ? -5.840  3.350   10.549  1.00 0.00 ? 16  G   A H22    1 
ATOM   513 P P      . G   A 1 17 ? -7.107  1.861   2.110   1.00 0.00 ? 17  G   A P      1 
ATOM   514 O OP1    . G   A 1 17 ? -7.412  2.247   0.661   1.00 0.00 ? 17  G   A OP1    1 
ATOM   515 O OP2    . G   A 1 17 ? -6.448  0.480   2.133   1.00 0.00 ? 17  G   A OP2    1 
ATOM   516 O "O5'"  . G   A 1 17 ? -6.101  2.947   2.759   1.00 0.00 ? 17  G   A "O5'"  1 
ATOM   517 C "C5'"  . G   A 1 17 ? -6.452  4.335   2.878   1.00 0.00 ? 17  G   A "C5'"  1 
ATOM   518 C "C4'"  . G   A 1 17 ? -5.753  4.976   4.087   1.00 0.00 ? 17  G   A "C4'"  1 
ATOM   519 O "O4'"  . G   A 1 17 ? -6.027  4.219   5.286   1.00 0.00 ? 17  G   A "O4'"  1 
ATOM   520 C "C3'"  . G   A 1 17 ? -4.222  5.077   3.981   1.00 0.00 ? 17  G   A "C3'"  1 
ATOM   521 O "O3'"  . G   A 1 17 ? -3.820  6.265   3.267   1.00 0.00 ? 17  G   A "O3'"  1 
ATOM   522 C "C2'"  . G   A 1 17 ? -3.834  5.086   5.466   1.00 0.00 ? 17  G   A "C2'"  1 
ATOM   523 O "O2'"  . G   A 1 17 ? -3.985  6.386   6.031   1.00 0.00 ? 17  G   A "O2'"  1 
ATOM   524 C "C1'"  . G   A 1 17 ? -4.840  4.115   6.102   1.00 0.00 ? 17  G   A "C1'"  1 
ATOM   525 N N9     . G   A 1 17 ? -4.330  2.705   6.187   1.00 0.00 ? 17  G   A N9     1 
ATOM   526 C C8     . G   A 1 17 ? -4.730  1.565   5.515   1.00 0.00 ? 17  G   A C8     1 
ATOM   527 N N7     . G   A 1 17 ? -4.201  0.323   5.782   1.00 0.00 ? 17  G   A N7     1 
ATOM   528 C C5     . G   A 1 17 ? -3.363  0.715   6.802   1.00 0.00 ? 17  G   A C5     1 
ATOM   529 C C6     . G   A 1 17 ? -2.463  -0.206  7.667   1.00 0.00 ? 17  G   A C6     1 
ATOM   530 O O6     . G   A 1 17 ? -2.348  -1.419  7.494   1.00 0.00 ? 17  G   A O6     1 
ATOM   531 N N1     . G   A 1 17 ? -1.795  0.424   8.667   1.00 0.00 ? 17  G   A N1     1 
ATOM   532 C C2     . G   A 1 17 ? -1.895  1.870   8.921   1.00 0.00 ? 17  G   A C2     1 
ATOM   533 N N2     . G   A 1 17 ? -1.137  2.428   9.966   1.00 0.00 ? 17  G   A N2     1 
ATOM   534 N N3     . G   A 1 17 ? -2.652  2.627   8.190   1.00 0.00 ? 17  G   A N3     1 
ATOM   535 C C4     . G   A 1 17 ? -3.435  2.126   7.084   1.00 0.00 ? 17  G   A C4     1 
ATOM   536 H "H5'"  . G   A 1 17 ? -7.548  4.441   2.999   1.00 0.00 ? 17  G   A "H5'"  1 
ATOM   537 H "H5''" . G   A 1 17 ? -6.194  4.868   1.945   1.00 0.00 ? 17  G   A "H5''" 1 
ATOM   538 H "H4'"  . G   A 1 17 ? -6.171  5.991   4.226   1.00 0.00 ? 17  G   A "H4'"  1 
ATOM   539 H "H3'"  . G   A 1 17 ? -3.807  4.170   3.497   1.00 0.00 ? 17  G   A "H3'"  1 
ATOM   540 H "H2'"  . G   A 1 17 ? -2.804  4.756   5.626   1.00 0.00 ? 17  G   A "H2'"  1 
ATOM   541 H "HO2'" . G   A 1 17 ? -3.360  6.950   5.568   1.00 0.00 ? 17  G   A "HO2'" 1 
ATOM   542 H "H1'"  . G   A 1 17 ? -5.068  4.429   7.127   1.00 0.00 ? 17  G   A "H1'"  1 
ATOM   543 H H8     . G   A 1 17 ? -5.586  1.650   4.877   1.00 0.00 ? 17  G   A H8     1 
ATOM   544 H H1     . G   A 1 17 ? -1.196  -0.184  9.236   1.00 0.00 ? 17  G   A H1     1 
ATOM   545 H H21    . G   A 1 17 ? -0.539  1.813   10.530  1.00 0.00 ? 17  G   A H21    1 
ATOM   546 H H22    . G   A 1 17 ? -1.198  3.436   10.142  1.00 0.00 ? 17  G   A H22    1 
ATOM   547 P P      . U   A 1 18 ? -2.436  6.397   2.422   1.00 0.00 ? 18  U   A P      1 
ATOM   548 O OP1    . U   A 1 18 ? -2.469  7.688   1.602   1.00 0.00 ? 18  U   A OP1    1 
ATOM   549 O OP2    . U   A 1 18 ? -2.283  5.210   1.472   1.00 0.00 ? 18  U   A OP2    1 
ATOM   550 O "O5'"  . U   A 1 18 ? -1.168  6.426   3.421   1.00 0.00 ? 18  U   A "O5'"  1 
ATOM   551 C "C5'"  . U   A 1 18 ? -0.925  7.505   4.331   1.00 0.00 ? 18  U   A "C5'"  1 
ATOM   552 C "C4'"  . U   A 1 18 ? -0.114  7.012   5.538   1.00 0.00 ? 18  U   A "C4'"  1 
ATOM   553 O "O4'"  . U   A 1 18 ? -0.787  5.904   6.164   1.00 0.00 ? 18  U   A "O4'"  1 
ATOM   554 C "C3'"  . U   A 1 18 ? 1.297   6.488   5.232   1.00 0.00 ? 18  U   A "C3'"  1 
ATOM   555 O "O3'"  . U   A 1 18 ? 2.254   7.546   5.039   1.00 0.00 ? 18  U   A "O3'"  1 
ATOM   556 C "C2'"  . U   A 1 18 ? 1.557   5.625   6.471   1.00 0.00 ? 18  U   A "C2'"  1 
ATOM   557 O "O2'"  . U   A 1 18 ? 1.919   6.424   7.595   1.00 0.00 ? 18  U   A "O2'"  1 
ATOM   558 C "C1'"  . U   A 1 18 ? 0.176   4.965   6.703   1.00 0.00 ? 18  U   A "C1'"  1 
ATOM   559 N N1     . U   A 1 18 ? 0.082   3.583   6.112   1.00 0.00 ? 18  U   A N1     1 
ATOM   560 C C2     . U   A 1 18 ? 0.734   2.528   6.749   1.00 0.00 ? 18  U   A C2     1 
ATOM   561 O O2     . U   A 1 18 ? 1.412   2.674   7.768   1.00 0.00 ? 18  U   A O2     1 
ATOM   562 N N3     . U   A 1 18 ? 0.650   1.260   6.261   1.00 0.00 ? 18  U   A N3     1 
ATOM   563 C C4     . U   A 1 18 ? -0.058  0.898   5.157   1.00 0.00 ? 18  U   A C4     1 
ATOM   564 O O4     . U   A 1 18 ? -0.094  -0.275  4.798   1.00 0.00 ? 18  U   A O4     1 
ATOM   565 C C5     . U   A 1 18 ? -0.813  2.024   4.406   1.00 0.00 ? 18  U   A C5     1 
ATOM   566 C C6     . U   A 1 18 ? -0.709  3.292   4.875   1.00 0.00 ? 18  U   A C6     1 
ATOM   567 H "H5'"  . U   A 1 18 ? -1.885  7.928   4.685   1.00 0.00 ? 18  U   A "H5'"  1 
ATOM   568 H "H5''" . U   A 1 18 ? -0.398  8.324   3.809   1.00 0.00 ? 18  U   A "H5''" 1 
ATOM   569 H "H4'"  . U   A 1 18 ? -0.047  7.841   6.270   1.00 0.00 ? 18  U   A "H4'"  1 
ATOM   570 H "H3'"  . U   A 1 18 ? 1.264   5.837   4.336   1.00 0.00 ? 18  U   A "H3'"  1 
ATOM   571 H "H2'"  . U   A 1 18 ? 2.364   4.894   6.292   1.00 0.00 ? 18  U   A "H2'"  1 
ATOM   572 H "HO2'" . U   A 1 18 ? 2.007   5.817   8.333   1.00 0.00 ? 18  U   A "HO2'" 1 
ATOM   573 H "H1'"  . U   A 1 18 ? -0.060  4.882   7.783   1.00 0.00 ? 18  U   A "H1'"  1 
ATOM   574 H H3     . U   A 1 18 ? 1.171   0.535   6.770   1.00 0.00 ? 18  U   A H3     1 
ATOM   575 H H5     . U   A 1 18 ? -1.420  1.790   3.522   1.00 0.00 ? 18  U   A H5     1 
ATOM   576 H H6     . U   A 1 18 ? -1.224  4.090   4.348   1.00 0.00 ? 18  U   A H6     1 
ATOM   577 P P      . G   A 1 19 ? 3.619   7.346   4.177   1.00 0.00 ? 19  G   A P      1 
ATOM   578 O OP1    . G   A 1 19 ? 4.196   8.717   3.821   1.00 0.00 ? 19  G   A OP1    1 
ATOM   579 O OP2    . G   A 1 19 ? 3.313   6.585   2.884   1.00 0.00 ? 19  G   A OP2    1 
ATOM   580 O "O5'"  . G   A 1 19 ? 4.702   6.510   5.039   1.00 0.00 ? 19  G   A "O5'"  1 
ATOM   581 C "C5'"  . G   A 1 19 ? 5.357   7.061   6.192   1.00 0.00 ? 19  G   A "C5'"  1 
ATOM   582 C "C4'"  . G   A 1 19 ? 6.170   5.982   6.929   1.00 0.00 ? 19  G   A "C4'"  1 
ATOM   583 O "O4'"  . G   A 1 19 ? 5.303   4.903   7.334   1.00 0.00 ? 19  G   A "O4'"  1 
ATOM   584 C "C3'"  . G   A 1 19 ? 7.304   5.343   6.105   1.00 0.00 ? 19  G   A "C3'"  1 
ATOM   585 O "O3'"  . G   A 1 19 ? 8.532   6.086   6.205   1.00 0.00 ? 19  G   A "O3'"  1 
ATOM   586 C "C2'"  . G   A 1 19 ? 7.409   3.950   6.724   1.00 0.00 ? 19  G   A "C2'"  1 
ATOM   587 O "O2'"  . G   A 1 19 ? 8.203   3.979   7.907   1.00 0.00 ? 19  G   A "O2'"  1 
ATOM   588 C "C1'"  . G   A 1 19 ? 5.941   3.627   7.103   1.00 0.00 ? 19  G   A "C1'"  1 
ATOM   589 N N9     . G   A 1 19 ? 5.190   2.841   6.062   1.00 0.00 ? 19  G   A N9     1 
ATOM   590 C C8     . G   A 1 19 ? 4.085   3.186   5.281   1.00 0.00 ? 19  G   A C8     1 
ATOM   591 N N7     . G   A 1 19 ? 3.415   2.267   4.513   1.00 0.00 ? 19  G   A N7     1 
ATOM   592 C C5     . G   A 1 19 ? 4.168   1.172   4.857   1.00 0.00 ? 19  G   A C5     1 
ATOM   593 C C6     . G   A 1 19 ? 3.959   -0.276  4.351   1.00 0.00 ? 19  G   A C6     1 
ATOM   594 O O6     . G   A 1 19 ? 3.054   -0.621  3.593   1.00 0.00 ? 19  G   A O6     1 
ATOM   595 N N1     . G   A 1 19 ? 4.865   -1.173  4.815   1.00 0.00 ? 19  G   A N1     1 
ATOM   596 C C2     . G   A 1 19 ? 5.960   -0.825  5.736   1.00 0.00 ? 19  G   A C2     1 
ATOM   597 N N2     . G   A 1 19 ? 6.833   -1.836  6.153   1.00 0.00 ? 19  G   A N2     1 
ATOM   598 N N3     . G   A 1 19 ? 6.112   0.391   6.162   1.00 0.00 ? 19  G   A N3     1 
ATOM   599 C C4     . G   A 1 19 ? 5.242   1.479   5.768   1.00 0.00 ? 19  G   A C4     1 
ATOM   600 H "H5'"  . G   A 1 19 ? 4.603   7.491   6.879   1.00 0.00 ? 19  G   A "H5'"  1 
ATOM   601 H "H5''" . G   A 1 19 ? 6.013   7.897   5.888   1.00 0.00 ? 19  G   A "H5''" 1 
ATOM   602 H "H4'"  . G   A 1 19 ? 6.598   6.433   7.844   1.00 0.00 ? 19  G   A "H4'"  1 
ATOM   603 H "H3'"  . G   A 1 19 ? 7.009   5.233   5.047   1.00 0.00 ? 19  G   A "H3'"  1 
ATOM   604 H "H2'"  . G   A 1 19 ? 7.889   3.257   6.011   1.00 0.00 ? 19  G   A "H2'"  1 
ATOM   605 H "HO2'" . G   A 1 19 ? 7.785   4.615   8.493   1.00 0.00 ? 19  G   A "HO2'" 1 
ATOM   606 H "H1'"  . G   A 1 19 ? 5.913   3.049   8.047   1.00 0.00 ? 19  G   A "H1'"  1 
ATOM   607 H H8     . G   A 1 19 ? 3.703   4.193   5.289   1.00 0.00 ? 19  G   A H8     1 
ATOM   608 H H1     . G   A 1 19 ? 4.723   -2.134  4.484   1.00 0.00 ? 19  G   A H1     1 
ATOM   609 H H21    . G   A 1 19 ? 6.691   -2.791  5.806   1.00 0.00 ? 19  G   A H21    1 
ATOM   610 H H22    . G   A 1 19 ? 7.595   -1.601  6.798   1.00 0.00 ? 19  G   A H22    1 
ATOM   611 P P      . A   A 1 20 ? 9.359   6.639   4.921   1.00 0.00 ? 20  A   A P      1 
ATOM   612 O OP1    . A   A 1 20 ? 10.287  7.759   5.398   1.00 0.00 ? 20  A   A OP1    1 
ATOM   613 O OP2    . A   A 1 20 ? 8.390   7.205   3.879   1.00 0.00 ? 20  A   A OP2    1 
ATOM   614 O "O5'"  . A   A 1 20 ? 10.242  5.447   4.253   1.00 0.00 ? 20  A   A "O5'"  1 
ATOM   615 C "C5'"  . A   A 1 20 ? 11.302  5.750   3.324   1.00 0.00 ? 20  A   A "C5'"  1 
ATOM   616 C "C4'"  . A   A 1 20 ? 12.117  4.511   2.905   1.00 0.00 ? 20  A   A "C4'"  1 
ATOM   617 O "O4'"  . A   A 1 20 ? 12.486  3.748   4.066   1.00 0.00 ? 20  A   A "O4'"  1 
ATOM   618 C "C3'"  . A   A 1 20 ? 11.402  3.539   1.957   1.00 0.00 ? 20  A   A "C3'"  1 
ATOM   619 O "O3'"  . A   A 1 20 ? 11.532  3.944   0.576   1.00 0.00 ? 20  A   A "O3'"  1 
ATOM   620 C "C2'"  . A   A 1 20 ? 12.085  2.203   2.276   1.00 0.00 ? 20  A   A "C2'"  1 
ATOM   621 O "O2'"  . A   A 1 20 ? 13.278  2.046   1.513   1.00 0.00 ? 20  A   A "O2'"  1 
ATOM   622 C "C1'"  . A   A 1 20 ? 12.464  2.338   3.764   1.00 0.00 ? 20  A   A "C1'"  1 
ATOM   623 N N9     . A   A 1 20 ? 11.519  1.606   4.669   1.00 0.00 ? 20  A   A N9     1 
ATOM   624 C C8     . A   A 1 20 ? 10.616  2.083   5.616   1.00 0.00 ? 20  A   A C8     1 
ATOM   625 N N7     . A   A 1 20 ? 9.988   1.245   6.515   1.00 0.00 ? 20  A   A N7     1 
ATOM   626 C C5     . A   A 1 20 ? 10.566  0.055   6.093   1.00 0.00 ? 20  A   A C5     1 
ATOM   627 C C6     . A   A 1 20 ? 10.454  -1.282  6.641   1.00 0.00 ? 20  A   A C6     1 
ATOM   628 N N6     . A   A 1 20 ? 9.724   -1.532  7.724   1.00 0.00 ? 20  A   A N6     1 
ATOM   629 N N1     . A   A 1 20 ? 11.128  -2.281  6.100   1.00 0.00 ? 20  A   A N1     1 
ATOM   630 C C2     . A   A 1 20 ? 11.928  -2.058  5.079   1.00 0.00 ? 20  A   A C2     1 
ATOM   631 N N3     . A   A 1 20 ? 12.181  -0.934  4.459   1.00 0.00 ? 20  A   A N3     1 
ATOM   632 C C4     . A   A 1 20 ? 11.481  0.247   4.971   1.00 0.00 ? 20  A   A C4     1 
ATOM   633 H "H5'"  . A   A 1 20 ? 11.991  6.472   3.798   1.00 0.00 ? 20  A   A "H5'"  1 
ATOM   634 H "H5''" . A   A 1 20 ? 10.886  6.256   2.434   1.00 0.00 ? 20  A   A "H5''" 1 
ATOM   635 H "H4'"  . A   A 1 20 ? 13.048  4.860   2.418   1.00 0.00 ? 20  A   A "H4'"  1 
ATOM   636 H "H3'"  . A   A 1 20 ? 10.339  3.493   2.238   1.00 0.00 ? 20  A   A "H3'"  1 
ATOM   637 H "H2'"  . A   A 1 20 ? 11.414  1.348   2.064   1.00 0.00 ? 20  A   A "H2'"  1 
ATOM   638 H "HO2'" . A   A 1 20 ? 13.672  1.221   1.805   1.00 0.00 ? 20  A   A "HO2'" 1 
ATOM   639 H "H1'"  . A   A 1 20 ? 13.482  1.935   3.932   1.00 0.00 ? 20  A   A "H1'"  1 
ATOM   640 H H8     . A   A 1 20 ? 10.446  3.149   5.695   1.00 0.00 ? 20  A   A H8     1 
ATOM   641 H H61    . A   A 1 20 ? 9.716   -2.503  8.057   1.00 0.00 ? 20  A   A H61    1 
ATOM   642 H H62    . A   A 1 20 ? 9.227   -0.735  8.137   1.00 0.00 ? 20  A   A H62    1 
ATOM   643 H H2     . A   A 1 20 ? 12.431  -2.926  4.680   1.00 0.00 ? 20  A   A H2     1 
ATOM   644 P P      . A   A 1 21 ? 10.649  3.323   -0.644  1.00 0.00 ? 21  A   A P      1 
ATOM   645 O OP1    . A   A 1 21 ? 10.829  4.204   -1.883  1.00 0.00 ? 21  A   A OP1    1 
ATOM   646 O OP2    . A   A 1 21 ? 9.170   3.319   -0.263  1.00 0.00 ? 21  A   A OP2    1 
ATOM   647 O "O5'"  . A   A 1 21 ? 11.132  1.810   -0.984  1.00 0.00 ? 21  A   A "O5'"  1 
ATOM   648 C "C5'"  . A   A 1 21 ? 12.418  1.566   -1.578  1.00 0.00 ? 21  A   A "C5'"  1 
ATOM   649 C "C4'"  . A   A 1 21 ? 12.857  0.091   -1.496  1.00 0.00 ? 21  A   A "C4'"  1 
ATOM   650 O "O4'"  . A   A 1 21 ? 12.532  -0.436  -0.191  1.00 0.00 ? 21  A   A "O4'"  1 
ATOM   651 C "C3'"  . A   A 1 21 ? 12.226  -0.869  -2.531  1.00 0.00 ? 21  A   A "C3'"  1 
ATOM   652 O "O3'"  . A   A 1 21 ? 13.235  -1.409  -3.406  1.00 0.00 ? 21  A   A "O3'"  1 
ATOM   653 C "C2'"  . A   A 1 21 ? 11.588  -1.991  -1.715  1.00 0.00 ? 21  A   A "C2'"  1 
ATOM   654 O "O2'"  . A   A 1 21 ? 11.850  -3.295  -2.219  1.00 0.00 ? 21  A   A "O2'"  1 
ATOM   655 C "C1'"  . A   A 1 21 ? 12.204  -1.830  -0.323  1.00 0.00 ? 21  A   A "C1'"  1 
ATOM   656 N N9     . A   A 1 21 ? 11.258  -2.292  0.734   1.00 0.00 ? 21  A   A N9     1 
ATOM   657 C C8     . A   A 1 21 ? 10.002  -1.808  1.085   1.00 0.00 ? 21  A   A C8     1 
ATOM   658 N N7     . A   A 1 21 ? 9.259   -2.382  2.086   1.00 0.00 ? 21  A   A N7     1 
ATOM   659 C C5     . A   A 1 21 ? 10.111  -3.429  2.377   1.00 0.00 ? 21  A   A C5     1 
ATOM   660 C C6     . A   A 1 21 ? 9.936   -4.525  3.296   1.00 0.00 ? 21  A   A C6     1 
ATOM   661 N N6     . A   A 1 21 ? 8.906   -4.577  4.120   1.00 0.00 ? 21  A   A N6     1 
ATOM   662 N N1     . A   A 1 21 ? 10.818  -5.500  3.352   1.00 0.00 ? 21  A   A N1     1 
ATOM   663 C C2     . A   A 1 21 ? 11.873  -5.472  2.569   1.00 0.00 ? 21  A   A C2     1 
ATOM   664 N N3     . A   A 1 21 ? 12.232  -4.560  1.697   1.00 0.00 ? 21  A   A N3     1 
ATOM   665 C C4     . A   A 1 21 ? 11.310  -3.424  1.551   1.00 0.00 ? 21  A   A C4     1 
ATOM   666 H "H5'"  . A   A 1 21 ? 13.177  2.188   -1.069  1.00 0.00 ? 21  A   A "H5'"  1 
ATOM   667 H "H5''" . A   A 1 21 ? 12.419  1.912   -2.629  1.00 0.00 ? 21  A   A "H5''" 1 
ATOM   668 H "H4'"  . A   A 1 21 ? 13.957  0.059   -1.603  1.00 0.00 ? 21  A   A "H4'"  1 
ATOM   669 H "H3'"  . A   A 1 21 ? 11.434  -0.360  -3.113  1.00 0.00 ? 21  A   A "H3'"  1 
ATOM   670 H "H2'"  . A   A 1 21 ? 10.494  -1.822  -1.709  1.00 0.00 ? 21  A   A "H2'"  1 
ATOM   671 H "HO2'" . A   A 1 21 ? 11.475  -3.318  -3.103  1.00 0.00 ? 21  A   A "HO2'" 1 
ATOM   672 H "H1'"  . A   A 1 21 ? 13.147  -2.411  -0.251  1.00 0.00 ? 21  A   A "H1'"  1 
ATOM   673 H H8     . A   A 1 21 ? 9.507   -1.087  0.440   1.00 0.00 ? 21  A   A H8     1 
ATOM   674 H H61    . A   A 1 21 ? 8.860   -5.387  4.748   1.00 0.00 ? 21  A   A H61    1 
ATOM   675 H H62    . A   A 1 21 ? 8.235   -3.803  4.065   1.00 0.00 ? 21  A   A H62    1 
ATOM   676 H H2     . A   A 1 21 ? 12.487  -6.353  2.632   1.00 0.00 ? 21  A   A H2     1 
ATOM   677 P P      . G   A 1 22 ? 13.138  -1.290  -5.017  1.00 0.00 ? 22  G   A P      1 
ATOM   678 O OP1    . G   A 1 22 ? 14.540  -1.401  -5.623  1.00 0.00 ? 22  G   A OP1    1 
ATOM   679 O OP2    . G   A 1 22 ? 12.523  0.053   -5.422  1.00 0.00 ? 22  G   A OP2    1 
ATOM   680 O "O5'"  . G   A 1 22 ? 12.203  -2.504  -5.552  1.00 0.00 ? 22  G   A "O5'"  1 
ATOM   681 C "C5'"  . G   A 1 22 ? 12.709  -3.847  -5.651  1.00 0.00 ? 22  G   A "C5'"  1 
ATOM   682 C "C4'"  . G   A 1 22 ? 11.619  -4.932  -5.558  1.00 0.00 ? 22  G   A "C4'"  1 
ATOM   683 O "O4'"  . G   A 1 22 ? 11.101  -5.063  -4.225  1.00 0.00 ? 22  G   A "O4'"  1 
ATOM   684 C "C3'"  . G   A 1 22 ? 10.377  -4.726  -6.433  1.00 0.00 ? 22  G   A "C3'"  1 
ATOM   685 O "O3'"  . G   A 1 22 ? 10.675  -4.995  -7.815  1.00 0.00 ? 22  G   A "O3'"  1 
ATOM   686 C "C2'"  . G   A 1 22 ? 9.408   -5.724  -5.782  1.00 0.00 ? 22  G   A "C2'"  1 
ATOM   687 O "O2'"  . G   A 1 22 ? 9.641   -7.053  -6.240  1.00 0.00 ? 22  G   A "O2'"  1 
ATOM   688 C "C1'"  . G   A 1 22 ? 9.768   -5.629  -4.280  1.00 0.00 ? 22  G   A "C1'"  1 
ATOM   689 N N9     . G   A 1 22 ? 8.789   -4.792  -3.508  1.00 0.00 ? 22  G   A N9     1 
ATOM   690 C C8     . G   A 1 22 ? 8.935   -3.542  -2.920  1.00 0.00 ? 22  G   A C8     1 
ATOM   691 N N7     . G   A 1 22 ? 7.865   -2.843  -2.419  1.00 0.00 ? 22  G   A N7     1 
ATOM   692 C C5     . G   A 1 22 ? 6.894   -3.770  -2.721  1.00 0.00 ? 22  G   A C5     1 
ATOM   693 C C6     . G   A 1 22 ? 5.366   -3.590  -2.555  1.00 0.00 ? 22  G   A C6     1 
ATOM   694 O O6     . G   A 1 22 ? 4.836   -2.576  -2.109  1.00 0.00 ? 22  G   A O6     1 
ATOM   695 N N1     . G   A 1 22 ? 4.619   -4.650  -2.954  1.00 0.00 ? 22  G   A N1     1 
ATOM   696 C C2     . G   A 1 22 ? 5.190   -5.886  -3.497  1.00 0.00 ? 22  G   A C2     1 
ATOM   697 N N2     . G   A 1 22 ? 4.315   -6.921  -3.842  1.00 0.00 ? 22  G   A N2     1 
ATOM   698 N N3     . G   A 1 22 ? 6.470   -6.010  -3.666  1.00 0.00 ? 22  G   A N3     1 
ATOM   699 C C4     . G   A 1 22 ? 7.417   -4.967  -3.323  1.00 0.00 ? 22  G   A C4     1 
ATOM   700 H "H5'"  . G   A 1 22 ? 13.466  -4.032  -4.864  1.00 0.00 ? 22  G   A "H5'"  1 
ATOM   701 H "H5''" . G   A 1 22 ? 13.248  -3.948  -6.610  1.00 0.00 ? 22  G   A "H5''" 1 
ATOM   702 H "H4'"  . G   A 1 22 ? 12.100  -5.894  -5.826  1.00 0.00 ? 22  G   A "H4'"  1 
ATOM   703 H "H3'"  . G   A 1 22 ? 9.971   -3.698  -6.306  1.00 0.00 ? 22  G   A "H3'"  1 
ATOM   704 H "H2'"  . G   A 1 22 ? 8.360   -5.459  -6.001  1.00 0.00 ? 22  G   A "H2'"  1 
ATOM   705 H "HO2'" . G   A 1 22 ? 9.034   -7.613  -5.750  1.00 0.00 ? 22  G   A "HO2'" 1 
ATOM   706 H "H1'"  . G   A 1 22 ? 9.788   -6.639  -3.829  1.00 0.00 ? 22  G   A "H1'"  1 
ATOM   707 H H8     . G   A 1 22 ? 9.912   -3.083  -2.877  1.00 0.00 ? 22  G   A H8     1 
ATOM   708 H H1     . G   A 1 22 ? 3.605   -4.503  -2.938  1.00 0.00 ? 22  G   A H1     1 
ATOM   709 H H21    . G   A 1 22 ? 3.308   -6.789  -3.701  1.00 0.00 ? 22  G   A H21    1 
ATOM   710 H H22    . G   A 1 22 ? 4.700   -7.789  -4.229  1.00 0.00 ? 22  G   A H22    1 
ATOM   711 P P      . U   A 1 23 ? 9.727   -4.529  -9.046  1.00 0.00 ? 23  U   A P      1 
ATOM   712 O OP1    . U   A 1 23 ? 10.518  -4.618  -10.353 1.00 0.00 ? 23  U   A OP1    1 
ATOM   713 O OP2    . U   A 1 23 ? 9.269   -3.084  -8.835  1.00 0.00 ? 23  U   A OP2    1 
ATOM   714 O "O5'"  . U   A 1 23 ? 8.433   -5.491  -9.133  1.00 0.00 ? 23  U   A "O5'"  1 
ATOM   715 C "C5'"  . U   A 1 23 ? 8.541   -6.902  -9.375  1.00 0.00 ? 23  U   A "C5'"  1 
ATOM   716 C "C4'"  . U   A 1 23 ? 7.194   -7.596  -9.109  1.00 0.00 ? 23  U   A "C4'"  1 
ATOM   717 O "O4'"  . U   A 1 23 ? 6.689   -7.279  -7.795  1.00 0.00 ? 23  U   A "O4'"  1 
ATOM   718 C "C3'"  . U   A 1 23 ? 6.089   -7.197  -10.094 1.00 0.00 ? 23  U   A "C3'"  1 
ATOM   719 O "O3'"  . U   A 1 23 ? 6.180   -7.963  -11.310 1.00 0.00 ? 23  U   A "O3'"  1 
ATOM   720 C "C2'"  . U   A 1 23 ? 4.826   -7.481  -9.277  1.00 0.00 ? 23  U   A "C2'"  1 
ATOM   721 O "O2'"  . U   A 1 23 ? 4.465   -8.859  -9.353  1.00 0.00 ? 23  U   A "O2'"  1 
ATOM   722 C "C1'"  . U   A 1 23 ? 5.246   -7.127  -7.835  1.00 0.00 ? 23  U   A "C1'"  1 
ATOM   723 N N1     . U   A 1 23 ? 4.781   -5.785  -7.345  1.00 0.00 ? 23  U   A N1     1 
ATOM   724 C C2     . U   A 1 23 ? 3.445   -5.606  -6.981  1.00 0.00 ? 23  U   A C2     1 
ATOM   725 O O2     . U   A 1 23 ? 2.588   -6.476  -7.160  1.00 0.00 ? 23  U   A O2     1 
ATOM   726 N N3     . U   A 1 23 ? 3.031   -4.449  -6.382  1.00 0.00 ? 23  U   A N3     1 
ATOM   727 C C4     . U   A 1 23 ? 3.856   -3.408  -6.076  1.00 0.00 ? 23  U   A C4     1 
ATOM   728 O O4     . U   A 1 23 ? 3.440   -2.421  -5.476  1.00 0.00 ? 23  U   A O4     1 
ATOM   729 C C5     . U   A 1 23 ? 5.344   -3.543  -6.481  1.00 0.00 ? 23  U   A C5     1 
ATOM   730 C C6     . U   A 1 23 ? 5.750   -4.677  -7.095  1.00 0.00 ? 23  U   A C6     1 
ATOM   731 H "H5'"  . U   A 1 23 ? 9.320   -7.341  -8.727  1.00 0.00 ? 23  U   A "H5'"  1 
ATOM   732 H "H5''" . U   A 1 23 ? 8.873   -7.082  -10.414 1.00 0.00 ? 23  U   A "H5''" 1 
ATOM   733 H "H4'"  . U   A 1 23 ? 7.351   -8.692  -9.161  1.00 0.00 ? 23  U   A "H4'"  1 
ATOM   734 H "H3'"  . U   A 1 23 ? 6.140   -6.111  -10.311 1.00 0.00 ? 23  U   A "H3'"  1 
ATOM   735 H "H2'"  . U   A 1 23 ? 3.977   -6.878  -9.631  1.00 0.00 ? 23  U   A "H2'"  1 
ATOM   736 H "HO2'" . U   A 1 23 ? 3.698   -8.963  -8.785  1.00 0.00 ? 23  U   A "HO2'" 1 
ATOM   737 H "H1'"  . U   A 1 23 ? 4.815   -7.880  -7.152  1.00 0.00 ? 23  U   A "H1'"  1 
ATOM   738 H H3     . U   A 1 23 ? 2.044   -4.375  -6.110  1.00 0.00 ? 23  U   A H3     1 
ATOM   739 H H5     . U   A 1 23 ? 6.049   -2.737  -6.259  1.00 0.00 ? 23  U   A H5     1 
ATOM   740 H H6     . U   A 1 23 ? 6.792   -4.775  -7.387  1.00 0.00 ? 23  U   A H6     1 
ATOM   741 P P      . C   A 1 24 ? 5.589   -7.442  -12.727 1.00 0.00 ? 24  C   A P      1 
ATOM   742 O OP1    . C   A 1 24 ? 6.018   -8.401  -13.839 1.00 0.00 ? 24  C   A OP1    1 
ATOM   743 O OP2    . C   A 1 24 ? 6.136   -6.045  -13.031 1.00 0.00 ? 24  C   A OP2    1 
ATOM   744 O "O5'"  . C   A 1 24 ? 3.976   -7.379  -12.654 1.00 0.00 ? 24  C   A "O5'"  1 
ATOM   745 C "C5'"  . C   A 1 24 ? 3.157   -8.552  -12.565 1.00 0.00 ? 24  C   A "C5'"  1 
ATOM   746 C "C4'"  . C   A 1 24 ? 1.745   -8.201  -12.064 1.00 0.00 ? 24  C   A "C4'"  1 
ATOM   747 O "O4'"  . C   A 1 24 ? 1.793   -7.641  -10.738 1.00 0.00 ? 24  C   A "O4'"  1 
ATOM   748 C "C3'"  . C   A 1 24 ? 0.992   -7.167  -12.912 1.00 0.00 ? 24  C   A "C3'"  1 
ATOM   749 O "O3'"  . C   A 1 24 ? 0.433   -7.765  -14.097 1.00 0.00 ? 24  C   A "O3'"  1 
ATOM   750 C "C2'"  . C   A 1 24 ? -0.044  -6.644  -11.911 1.00 0.00 ? 24  C   A "C2'"  1 
ATOM   751 O "O2'"  . C   A 1 24 ? -1.172  -7.513  -11.844 1.00 0.00 ? 24  C   A "O2'"  1 
ATOM   752 C "C1'"  . C   A 1 24 ? 0.732   -6.669  -10.572 1.00 0.00 ? 24  C   A "C1'"  1 
ATOM   753 N N1     . C   A 1 24 ? 1.272   -5.328  -10.169 1.00 0.00 ? 24  C   A N1     1 
ATOM   754 C C2     . C   A 1 24 ? 0.539   -4.476  -9.345  1.00 0.00 ? 24  C   A C2     1 
ATOM   755 O O2     . C   A 1 24 ? -0.558  -4.801  -8.890  1.00 0.00 ? 24  C   A O2     1 
ATOM   756 N N3     . C   A 1 24 ? 1.111   -3.158  -9.038  1.00 0.00 ? 24  C   A N3     1 
ATOM   757 C C4     . C   A 1 24 ? 2.237   -2.754  -9.542  1.00 0.00 ? 24  C   A C4     1 
ATOM   758 N N4     . C   A 1 24 ? 2.657   -1.443  -9.242  1.00 0.00 ? 24  C   A N4     1 
ATOM   759 C C5     . C   A 1 24 ? 3.003   -3.559  -10.341 1.00 0.00 ? 24  C   A C5     1 
ATOM   760 C C6     . C   A 1 24 ? 2.591   -4.818  -10.669 1.00 0.00 ? 24  C   A C6     1 
ATOM   761 H "H5'"  . C   A 1 24 ? 3.619   -9.291  -11.886 1.00 0.00 ? 24  C   A "H5'"  1 
ATOM   762 H "H5''" . C   A 1 24 ? 3.101   -9.038  -13.557 1.00 0.00 ? 24  C   A "H5''" 1 
ATOM   763 H "H4'"  . C   A 1 24 ? 1.155   -9.138  -12.018 1.00 0.00 ? 24  C   A "H4'"  1 
ATOM   764 H "H3'"  . C   A 1 24 ? 1.673   -6.337  -13.184 1.00 0.00 ? 24  C   A "H3'"  1 
ATOM   765 H "H2'"  . C   A 1 24 ? -0.398  -5.634  -12.182 1.00 0.00 ? 24  C   A "H2'"  1 
ATOM   766 H "HO2'" . C   A 1 24 ? -0.826  -8.378  -11.611 1.00 0.00 ? 24  C   A "HO2'" 1 
ATOM   767 H "H1'"  . C   A 1 24 ? 0.069   -7.051  -9.770  1.00 0.00 ? 24  C   A "H1'"  1 
ATOM   768 H H41    . C   A 1 24 ? 2.067   -0.856  -8.643  1.00 0.00 ? 24  C   A H41    1 
ATOM   769 H H42    . C   A 1 24 ? 3.543   -1.104  -9.631  1.00 0.00 ? 24  C   A H42    1 
ATOM   770 H H5     . C   A 1 24 ? 3.960   -3.212  -10.734 1.00 0.00 ? 24  C   A H5     1 
ATOM   771 H H6     . C   A 1 24 ? 3.229   -5.452  -11.279 1.00 0.00 ? 24  C   A H6     1 
ATOM   772 P P      . G   A 1 25 ? 0.246   -6.965  -15.499 1.00 0.00 ? 25  G   A P      1 
ATOM   773 O OP1    . G   A 1 25 ? 0.151   -7.977  -16.644 1.00 0.00 ? 25  G   A OP1    1 
ATOM   774 O OP2    . G   A 1 25 ? 1.445   -6.047  -15.748 1.00 0.00 ? 25  G   A OP2    1 
ATOM   775 O "O5'"  . G   A 1 25 ? -1.105  -6.081  -15.451 1.00 0.00 ? 25  G   A "O5'"  1 
ATOM   776 C "C5'"  . G   A 1 25 ? -2.406  -6.686  -15.387 1.00 0.00 ? 25  G   A "C5'"  1 
ATOM   777 C "C4'"  . G   A 1 25 ? -3.414  -5.732  -14.733 1.00 0.00 ? 25  G   A "C4'"  1 
ATOM   778 O "O4'"  . G   A 1 25 ? -2.896  -5.292  -13.463 1.00 0.00 ? 25  G   A "O4'"  1 
ATOM   779 C "C3'"  . G   A 1 25 ? -3.732  -4.456  -15.534 1.00 0.00 ? 25  G   A "C3'"  1 
ATOM   780 O "O3'"  . G   A 1 25 ? -4.773  -4.675  -16.511 1.00 0.00 ? 25  G   A "O3'"  1 
ATOM   781 C "C2'"  . G   A 1 25 ? -4.150  -3.496  -14.419 1.00 0.00 ? 25  G   A "C2'"  1 
ATOM   782 O "O2'"  . G   A 1 25 ? -5.526  -3.657  -14.082 1.00 0.00 ? 25  G   A "O2'"  1 
ATOM   783 C "C1'"  . G   A 1 25 ? -3.282  -3.926  -13.220 1.00 0.00 ? 25  G   A "C1'"  1 
ATOM   784 N N9     . G   A 1 25 ? -2.091  -3.032  -13.036 1.00 0.00 ? 25  G   A N9     1 
ATOM   785 C C8     . G   A 1 25 ? -0.726  -3.262  -13.168 1.00 0.00 ? 25  G   A C8     1 
ATOM   786 N N7     . G   A 1 25 ? 0.208   -2.310  -12.823 1.00 0.00 ? 25  G   A N7     1 
ATOM   787 C C5     . G   A 1 25 ? -0.680  -1.328  -12.438 1.00 0.00 ? 25  G   A C5     1 
ATOM   788 C C6     . G   A 1 25 ? -0.332  0.101   -11.948 1.00 0.00 ? 25  G   A C6     1 
ATOM   789 O O6     . G   A 1 25 ? 0.812   0.525   -11.811 1.00 0.00 ? 25  G   A O6     1 
ATOM   790 N N1     . G   A 1 25 ? -1.405  0.894   -11.684 1.00 0.00 ? 25  G   A N1     1 
ATOM   791 C C2     . G   A 1 25 ? -2.797  0.452   -11.854 1.00 0.00 ? 25  G   A C2     1 
ATOM   792 N N2     . G   A 1 25 ? -3.833  1.348   -11.561 1.00 0.00 ? 25  G   A N2     1 
ATOM   793 N N3     . G   A 1 25 ? -3.072  -0.745  -12.261 1.00 0.00 ? 25  G   A N3     1 
ATOM   794 C C4     . G   A 1 25 ? -2.055  -1.723  -12.579 1.00 0.00 ? 25  G   A C4     1 
ATOM   795 H "H5'"  . G   A 1 25 ? -2.360  -7.621  -14.797 1.00 0.00 ? 25  G   A "H5'"  1 
ATOM   796 H "H5''" . G   A 1 25 ? -2.737  -6.977  -16.401 1.00 0.00 ? 25  G   A "H5''" 1 
ATOM   797 H "H4'"  . G   A 1 25 ? -4.355  -6.287  -14.549 1.00 0.00 ? 25  G   A "H4'"  1 
ATOM   798 H "H3'"  . G   A 1 25 ? -2.815  -4.072  -16.021 1.00 0.00 ? 25  G   A "H3'"  1 
ATOM   799 H "H2'"  . G   A 1 25 ? -3.977  -2.451  -14.722 1.00 0.00 ? 25  G   A "H2'"  1 
ATOM   800 H "HO2'" . G   A 1 25 ? -5.633  -4.579  -13.839 1.00 0.00 ? 25  G   A "HO2'" 1 
ATOM   801 H "H1'"  . G   A 1 25 ? -3.880  -3.895  -12.290 1.00 0.00 ? 25  G   A "H1'"  1 
ATOM   802 H H8     . G   A 1 25 ? -0.380  -4.199  -13.580 1.00 0.00 ? 25  G   A H8     1 
ATOM   803 H H1     . G   A 1 25 ? -1.178  1.853   -11.394 1.00 0.00 ? 25  G   A H1     1 
ATOM   804 H H21    . G   A 1 25 ? -3.598  2.293   -11.236 1.00 0.00 ? 25  G   A H21    1 
ATOM   805 H H22    . G   A 1 25 ? -4.805  1.041   -11.676 1.00 0.00 ? 25  G   A H22    1 
ATOM   806 P P      . C   A 1 26 ? -4.958  -3.782  -17.863 1.00 0.00 ? 26  C   A P      1 
ATOM   807 O OP1    . C   A 1 26 ? -6.017  -4.439  -18.751 1.00 0.00 ? 26  C   A OP1    1 
ATOM   808 O OP2    . C   A 1 26 ? -3.632  -3.731  -18.626 1.00 0.00 ? 26  C   A OP2    1 
ATOM   809 O "O5'"  . C   A 1 26 ? -5.424  -2.269  -17.505 1.00 0.00 ? 26  C   A "O5'"  1 
ATOM   810 C "C5'"  . C   A 1 26 ? -6.641  -1.974  -16.795 1.00 0.00 ? 26  C   A "C5'"  1 
ATOM   811 C "C4'"  . C   A 1 26 ? -6.510  -0.643  -16.028 1.00 0.00 ? 26  C   A "C4'"  1 
ATOM   812 O "O4'"  . C   A 1 26 ? -5.186  -0.492  -15.474 1.00 0.00 ? 26  C   A "O4'"  1 
ATOM   813 C "C3'"  . C   A 1 26 ? -6.838  0.648   -16.828 1.00 0.00 ? 26  C   A "C3'"  1 
ATOM   814 O "O3'"  . C   A 1 26 ? -7.926  1.306   -16.133 1.00 0.00 ? 26  C   A "O3'"  1 
ATOM   815 C "C2'"  . C   A 1 26 ? -5.495  1.392   -16.796 1.00 0.00 ? 26  C   A "C2'"  1 
ATOM   816 O "O2'"  . C   A 1 26 ? -5.613  2.802   -16.758 1.00 0.00 ? 26  C   A "O2'"  1 
ATOM   817 C "C1'"  . C   A 1 26 ? -4.847  0.899   -15.512 1.00 0.00 ? 26  C   A "C1'"  1 
ATOM   818 N N1     . C   A 1 26 ? -3.404  1.211   -15.357 1.00 0.00 ? 26  C   A N1     1 
ATOM   819 C C2     . C   A 1 26 ? -2.986  2.438   -14.846 1.00 0.00 ? 26  C   A C2     1 
ATOM   820 O O2     . C   A 1 26 ? -3.787  3.322   -14.541 1.00 0.00 ? 26  C   A O2     1 
ATOM   821 N N3     . C   A 1 26 ? -1.548  2.648   -14.678 1.00 0.00 ? 26  C   A N3     1 
ATOM   822 C C4     . C   A 1 26 ? -0.677  1.744   -15.002 1.00 0.00 ? 26  C   A C4     1 
ATOM   823 N N4     . C   A 1 26 ? 0.672   2.084   -14.841 1.00 0.00 ? 26  C   A N4     1 
ATOM   824 C C5     . C   A 1 26 ? -1.047  0.510   -15.480 1.00 0.00 ? 26  C   A C5     1 
ATOM   825 C C6     . C   A 1 26 ? -2.366  0.203   -15.666 1.00 0.00 ? 26  C   A C6     1 
ATOM   826 H "H5'"  . C   A 1 26 ? -6.859  -2.787  -16.079 1.00 0.00 ? 26  C   A "H5'"  1 
ATOM   827 H "H5''" . C   A 1 26 ? -7.498  -1.958  -17.494 1.00 0.00 ? 26  C   A "H5''" 1 
ATOM   828 H "H4'"  . C   A 1 26 ? -7.210  -0.719  -15.173 1.00 0.00 ? 26  C   A "H4'"  1 
ATOM   829 H "H3'"  . C   A 1 26 ? -7.143  0.439   -17.872 1.00 0.00 ? 26  C   A "H3'"  1 
ATOM   830 H "H2'"  . C   A 1 26 ? -4.892  1.084   -17.671 1.00 0.00 ? 26  C   A "H2'"  1 
ATOM   831 H "HO2'" . C   A 1 26 ? -6.053  3.053   -17.572 1.00 0.00 ? 26  C   A "HO2'" 1 
ATOM   832 H "H1'"  . C   A 1 26 ? -5.346  1.375   -14.672 1.00 0.00 ? 26  C   A "H1'"  1 
ATOM   833 H H41    . C   A 1 26 ? 0.912   3.013   -14.480 1.00 0.00 ? 26  C   A H41    1 
ATOM   834 H H42    . C   A 1 26 ? 1.393   1.394   -15.085 1.00 0.00 ? 26  C   A H42    1 
ATOM   835 H H5     . C   A 1 26 ? -0.297  -0.252  -15.708 1.00 0.00 ? 26  C   A H5     1 
ATOM   836 H H6     . C   A 1 26 ? -2.717  -0.762  -16.014 1.00 0.00 ? 26  C   A H6     1 
ATOM   837 P P      . C   A 1 27 ? -8.844  2.575   -16.587 1.00 0.00 ? 27  C   A P      1 
ATOM   838 O OP1    . C   A 1 27 ? -9.599  3.098   -15.364 1.00 0.00 ? 27  C   A OP1    1 
ATOM   839 O OP2    . C   A 1 27 ? -9.862  2.091   -17.623 1.00 0.00 ? 27  C   A OP2    1 
ATOM   840 O "O5'"  . C   A 1 27 ? -7.939  3.780   -17.199 1.00 0.00 ? 27  C   A "O5'"  1 
ATOM   841 C "C5'"  . C   A 1 27 ? -8.154  4.418   -18.465 1.00 0.00 ? 27  C   A "C5'"  1 
ATOM   842 C "C4'"  . C   A 1 27 ? -6.862  4.889   -19.172 1.00 0.00 ? 27  C   A "C4'"  1 
ATOM   843 O "O4'"  . C   A 1 27 ? -5.765  5.218   -18.279 1.00 0.00 ? 27  C   A "O4'"  1 
ATOM   844 C "C3'"  . C   A 1 27 ? -6.221  3.838   -20.077 1.00 0.00 ? 27  C   A "C3'"  1 
ATOM   845 O "O3'"  . C   A 1 27 ? -6.988  3.604   -21.262 1.00 0.00 ? 27  C   A "O3'"  1 
ATOM   846 C "C2'"  . C   A 1 27 ? -4.855  4.466   -20.370 1.00 0.00 ? 27  C   A "C2'"  1 
ATOM   847 O "O2'"  . C   A 1 27 ? -4.874  5.273   -21.545 1.00 0.00 ? 27  C   A "O2'"  1 
ATOM   848 C "C1'"  . C   A 1 27 ? -4.586  5.349   -19.118 1.00 0.00 ? 27  C   A "C1'"  1 
ATOM   849 N N1     . C   A 1 27 ? -3.275  5.042   -18.456 1.00 0.00 ? 27  C   A N1     1 
ATOM   850 C C2     . C   A 1 27 ? -2.260  6.003   -18.424 1.00 0.00 ? 27  C   A C2     1 
ATOM   851 O O2     . C   A 1 27 ? -2.483  7.199   -18.614 1.00 0.00 ? 27  C   A O2     1 
ATOM   852 N N3     . C   A 1 27 ? -0.886  5.540   -18.198 1.00 0.00 ? 27  C   A N3     1 
ATOM   853 C C4     . C   A 1 27 ? -0.590  4.290   -18.033 1.00 0.00 ? 27  C   A C4     1 
ATOM   854 N N4     . C   A 1 27 ? 0.766   3.956   -17.858 1.00 0.00 ? 27  C   A N4     1 
ATOM   855 C C5     . C   A 1 27 ? -1.552  3.317   -18.020 1.00 0.00 ? 27  C   A C5     1 
ATOM   856 C C6     . C   A 1 27 ? -2.871  3.626   -18.177 1.00 0.00 ? 27  C   A C6     1 
ATOM   857 H "H5'"  . C   A 1 27 ? -8.798  5.299   -18.283 1.00 0.00 ? 27  C   A "H5'"  1 
ATOM   858 H "H5''" . C   A 1 27 ? -8.745  3.774   -19.142 1.00 0.00 ? 27  C   A "H5''" 1 
ATOM   859 H "H4'"  . C   A 1 27 ? -7.125  5.781   -19.776 1.00 0.00 ? 27  C   A "H4'"  1 
ATOM   860 H "H3'"  . C   A 1 27 ? -6.089  2.886   -19.527 1.00 0.00 ? 27  C   A "H3'"  1 
ATOM   861 H "H2'"  . C   A 1 27 ? -4.113  3.655   -20.503 1.00 0.00 ? 27  C   A "H2'"  1 
ATOM   862 H "HO2'" . C   A 1 27 ? -5.546  5.942   -21.396 1.00 0.00 ? 27  C   A "HO2'" 1 
ATOM   863 H "H1'"  . C   A 1 27 ? -4.565  6.409   -19.422 1.00 0.00 ? 27  C   A "H1'"  1 
ATOM   864 H H41    . C   A 1 27 ? 1.469   4.703   -17.870 1.00 0.00 ? 27  C   A H41    1 
ATOM   865 H H42    . C   A 1 27 ? 1.024   2.972   -17.722 1.00 0.00 ? 27  C   A H42    1 
ATOM   866 H H5     . C   A 1 27 ? -1.286  2.271   -17.883 1.00 0.00 ? 27  C   A H5     1 
ATOM   867 H H6     . C   A 1 27 ? -3.626  2.841   -18.130 1.00 0.00 ? 27  C   A H6     1 
HETATM 868 C C4     . BDR B 2 .  ? 1.099   3.616   0.048   1.00 0.00 ? 1   BDR B C4     1 
HETATM 869 O O4     . BDR B 2 .  ? 2.430   3.672   -0.442  1.00 0.00 ? 1   BDR B O4     1 
HETATM 870 C C1     . BDR B 2 .  ? 2.502   3.383   -1.849  1.00 0.00 ? 1   BDR B C1     1 
HETATM 871 C C2     . BDR B 2 .  ? 1.034   3.304   -2.311  1.00 0.00 ? 1   BDR B C2     1 
HETATM 872 O O2     . BDR B 2 .  ? 0.541   4.591   -2.672  1.00 0.00 ? 1   BDR B O2     1 
HETATM 873 C C3     . BDR B 2 .  ? 0.401   2.782   -1.012  1.00 0.00 ? 1   BDR B C3     1 
HETATM 874 O O3     . BDR B 2 .  ? -1.043  2.927   -0.913  1.00 0.00 ? 1   BDR B O3     1 
HETATM 875 C C5     . BDR B 2 .  ? 1.077   3.025   1.464   1.00 0.00 ? 1   BDR B C5     1 
HETATM 876 O O5     . BDR B 2 .  ? 1.695   3.921   2.376   1.00 0.00 ? 1   BDR B O5     1 
HETATM 877 H H4     . BDR B 2 .  ? 0.675   4.640   0.072   1.00 0.00 ? 1   BDR B H4     1 
HETATM 878 H H1     . BDR B 2 .  ? 3.096   4.192   -2.313  1.00 0.00 ? 1   BDR B H1     1 
HETATM 879 H H2     . BDR B 2 .  ? 0.892   2.601   -3.153  1.00 0.00 ? 1   BDR B H2     1 
HETATM 880 H HO2    . BDR B 2 .  ? 1.049   4.863   -3.440  1.00 0.00 ? 1   BDR B HO2    1 
HETATM 881 H H3     . BDR B 2 .  ? 0.731   1.726   -0.885  1.00 0.00 ? 1   BDR B H3     1 
HETATM 882 H H51    . BDR B 2 .  ? 1.591   2.045   1.496   1.00 0.00 ? 1   BDR B H51    1 
HETATM 883 H H52    . BDR B 2 .  ? 0.035   2.850   1.782   1.00 0.00 ? 1   BDR B H52    1 
HETATM 884 H HO5    . BDR B 2 .  ? 1.332   4.787   2.181   1.00 0.00 ? 1   BDR B HO5    1 
HETATM 885 C C5     . IDG B 2 .  ? -1.711  -0.422  0.576   1.00 0.00 ? 2   IDG B C5     1 
HETATM 886 O O5     . IDG B 2 .  ? -1.218  0.937   0.425   1.00 0.00 ? 2   IDG B O5     1 
HETATM 887 C C1     . IDG B 2 .  ? -1.732  1.664   -0.741  1.00 0.00 ? 2   IDG B C1     1 
HETATM 888 C C2     . IDG B 2 .  ? -3.276  1.793   -0.661  1.00 0.00 ? 2   IDG B C2     1 
HETATM 889 N N2     . IDG B 2 .  ? -3.714  2.887   0.233   1.00 0.00 ? 2   IDG B N2     1 
HETATM 890 C C3     . IDG B 2 .  ? -3.952  0.446   -0.243  1.00 0.00 ? 2   IDG B C3     1 
HETATM 891 O O3     . IDG B 2 .  ? -4.049  -0.394  -1.391  1.00 0.00 ? 2   IDG B O3     1 
HETATM 892 C C4     . IDG B 2 .  ? -3.227  -0.341  0.885   1.00 0.00 ? 2   IDG B C4     1 
HETATM 893 O O4     . IDG B 2 .  ? -3.443  0.316   2.133   1.00 0.00 ? 2   IDG B O4     1 
HETATM 894 C C6     . IDG B 2 .  ? -0.900  -1.189  1.637   1.00 0.00 ? 2   IDG B C6     1 
HETATM 895 N N6     . IDG B 2 .  ? 0.532   -1.295  1.292   1.00 0.00 ? 2   IDG B N6     1 
HETATM 896 H H5     . IDG B 2 .  ? -1.588  -0.963  -0.382  1.00 0.00 ? 2   IDG B H5     1 
HETATM 897 H H1     . IDG B 2 .  ? -1.512  1.110   -1.657  1.00 0.00 ? 2   IDG B H1     1 
HETATM 898 H H2     . IDG B 2 .  ? -3.606  2.030   -1.686  1.00 0.00 ? 2   IDG B H2     1 
HETATM 899 H HN21   . IDG B 2 .  ? -3.331  3.781   -0.092  1.00 0.00 ? 2   IDG B HN21   1 
HETATM 900 H HN22   . IDG B 2 .  ? -4.733  2.991   0.187   1.00 0.00 ? 2   IDG B HN22   1 
HETATM 901 H H3     . IDG B 2 .  ? -4.980  0.644   0.099   1.00 0.00 ? 2   IDG B H3     1 
HETATM 902 H HO3    . IDG B 2 .  ? -4.508  -1.185  -1.101  1.00 0.00 ? 2   IDG B HO3    1 
HETATM 903 H H4     . IDG B 2 .  ? -3.652  -1.359  0.955   1.00 0.00 ? 2   IDG B H4     1 
HETATM 904 H HO4    . IDG B 2 .  ? -3.074  1.196   2.036   1.00 0.00 ? 2   IDG B HO4    1 
HETATM 905 H H61    . IDG B 2 .  ? -1.004  -0.689  2.612   1.00 0.00 ? 2   IDG B H61    1 
HETATM 906 H H62    . IDG B 2 .  ? -1.310  -2.206  1.769   1.00 0.00 ? 2   IDG B H62    1 
HETATM 907 H HN61   . IDG B 2 .  ? 0.645   -1.821  0.419   1.00 0.00 ? 2   IDG B HN61   1 
HETATM 908 H HN62   . IDG B 2 .  ? 1.026   -1.839  2.008   1.00 0.00 ? 2   IDG B HN62   1 
HETATM 909 C C1     . PA1 C 3 .  ? 5.084   2.385   0.368   1.00 0.00 ? 101 PA1 A C1     1 
HETATM 910 C C2     . PA1 C 3 .  ? 5.042   3.787   1.082   1.00 0.00 ? 101 PA1 A C2     1 
HETATM 911 N N2     . PA1 C 3 .  ? 4.801   4.936   0.170   1.00 0.00 ? 101 PA1 A N2     1 
HETATM 912 C C3     . PA1 C 3 .  ? 6.361   4.090   1.817   1.00 0.00 ? 101 PA1 A C3     1 
HETATM 913 O O3     . PA1 C 3 .  ? 6.217   5.225   2.669   1.00 0.00 ? 101 PA1 A O3     1 
HETATM 914 C C4     . PA1 C 3 .  ? 6.819   2.882   2.649   1.00 0.00 ? 101 PA1 A C4     1 
HETATM 915 O O4     . PA1 C 3 .  ? 8.015   3.195   3.355   1.00 0.00 ? 101 PA1 A O4     1 
HETATM 916 C C5     . PA1 C 3 .  ? 6.968   1.629   1.758   1.00 0.00 ? 101 PA1 A C5     1 
HETATM 917 O O5     . PA1 C 3 .  ? 5.663   1.348   1.208   1.00 0.00 ? 101 PA1 A O5     1 
HETATM 918 C C6     . PA1 C 3 .  ? 7.441   0.382   2.503   1.00 0.00 ? 101 PA1 A C6     1 
HETATM 919 O O6     . PA1 C 3 .  ? 8.777   0.535   2.966   1.00 0.00 ? 101 PA1 A O6     1 
HETATM 920 H H1     . PA1 C 3 .  ? 4.062   2.018   0.191   1.00 0.00 ? 101 PA1 A H1     1 
HETATM 921 H H2     . PA1 C 3 .  ? 4.229   3.760   1.830   1.00 0.00 ? 101 PA1 A H2     1 
HETATM 922 H HN21   . PA1 C 3 .  ? 4.800   5.814   0.702   1.00 0.00 ? 101 PA1 A HN21   1 
HETATM 923 H HN22   . PA1 C 3 .  ? 5.572   5.021   -0.501  1.00 0.00 ? 101 PA1 A HN22   1 
HETATM 924 H H3     . PA1 C 3 .  ? 7.108   4.308   1.045   1.00 0.00 ? 101 PA1 A H3     1 
HETATM 925 H HO3    . PA1 C 3 .  ? 5.545   4.988   3.313   1.00 0.00 ? 101 PA1 A HO3    1 
HETATM 926 H H4     . PA1 C 3 .  ? 5.997   2.659   3.342   1.00 0.00 ? 101 PA1 A H4     1 
HETATM 927 H HO4    . PA1 C 3 .  ? 8.677   3.382   2.684   1.00 0.00 ? 101 PA1 A HO4    1 
HETATM 928 H H5     . PA1 C 3 .  ? 7.653   1.811   0.917   1.00 0.00 ? 101 PA1 A H5     1 
HETATM 929 H H61    . PA1 C 3 .  ? 7.374   -0.493  1.834   1.00 0.00 ? 101 PA1 A H61    1 
HETATM 930 H H62    . PA1 C 3 .  ? 6.780   0.167   3.352   1.00 0.00 ? 101 PA1 A H62    1 
HETATM 931 H HO6    . PA1 C 3 .  ? 9.313   0.688   2.184   1.00 0.00 ? 101 PA1 A HO6    1 
HETATM 932 C C1     . CYY D 4 .  ? 5.499   0.792   -4.798  1.00 0.00 ? 102 CYY A C1     1 
HETATM 933 C C2     . CYY D 4 .  ? 6.550   0.168   -3.834  1.00 0.00 ? 102 CYY A C2     1 
HETATM 934 C C3     . CYY D 4 .  ? 6.832   1.127   -2.649  1.00 0.00 ? 102 CYY A C3     1 
HETATM 935 C C4     . CYY D 4 .  ? 5.513   1.457   -1.880  1.00 0.00 ? 102 CYY A C4     1 
HETATM 936 C C5     . CYY D 4 .  ? 4.382   1.994   -2.817  1.00 0.00 ? 102 CYY A C5     1 
HETATM 937 C C6     . CYY D 4 .  ? 4.159   1.074   -4.053  1.00 0.00 ? 102 CYY A C6     1 
HETATM 938 N N1     . CYY D 4 .  ? 5.310   -0.069  -5.980  1.00 0.00 ? 102 CYY A N1     1 
HETATM 939 N N3     . CYY D 4 .  ? 7.848   0.529   -1.755  1.00 0.00 ? 102 CYY A N3     1 
HETATM 940 O O4     . CYY D 4 .  ? 5.809   2.467   -0.886  1.00 0.00 ? 102 CYY A O4     1 
HETATM 941 O O5     . CYY D 4 .  ? 3.133   2.081   -2.069  1.00 0.00 ? 102 CYY A O5     1 
HETATM 942 O O6     . CYY D 4 .  ? 3.228   1.709   -4.925  1.00 0.00 ? 102 CYY A O6     1 
HETATM 943 H H1     . CYY D 4 .  ? 5.900   1.755   -5.169  1.00 0.00 ? 102 CYY A H1     1 
HETATM 944 H H21    . CYY D 4 .  ? 7.470   -0.093  -4.387  1.00 0.00 ? 102 CYY A H21    1 
HETATM 945 H H22    . CYY D 4 .  ? 6.210   -0.798  -3.415  1.00 0.00 ? 102 CYY A H22    1 
HETATM 946 H H3     . CYY D 4 .  ? 7.256   2.068   -3.050  1.00 0.00 ? 102 CYY A H3     1 
HETATM 947 H H4     . CYY D 4 .  ? 5.154   0.523   -1.398  1.00 0.00 ? 102 CYY A H4     1 
HETATM 948 H H5     . CYY D 4 .  ? 4.694   2.991   -3.188  1.00 0.00 ? 102 CYY A H5     1 
HETATM 949 H H6     . CYY D 4 .  ? 3.715   0.112   -3.721  1.00 0.00 ? 102 CYY A H6     1 
HETATM 950 H HN11   . CYY D 4 .  ? 4.911   -0.971  -5.698  1.00 0.00 ? 102 CYY A HN11   1 
HETATM 951 H HN12   . CYY D 4 .  ? 4.623   0.351   -6.615  1.00 0.00 ? 102 CYY A HN12   1 
HETATM 952 H HN31   . CYY D 4 .  ? 8.035   1.155   -0.964  1.00 0.00 ? 102 CYY A HN31   1 
HETATM 953 H HN32   . CYY D 4 .  ? 7.485   -0.337  -1.340  1.00 0.00 ? 102 CYY A HN32   1 
HETATM 954 H HO6    . CYY D 4 .  ? 3.636   2.537   -5.190  1.00 0.00 ? 102 CYY A HO6    1 
# 
